data_1O47
# 
_entry.id   1O47 
# 
_audit_conform.dict_name       mmcif_pdbx.dic 
_audit_conform.dict_version    5.376 
_audit_conform.dict_location   http://mmcif.pdb.org/dictionaries/ascii/mmcif_pdbx.dic 
# 
loop_
_database_2.database_id 
_database_2.database_code 
_database_2.pdbx_database_accession 
_database_2.pdbx_DOI 
PDB   1O47         pdb_00001o47 10.2210/pdb1o47/pdb 
RCSB  RCSB001782   ?            ?                   
WWPDB D_1000001782 ?            ?                   
# 
_pdbx_database_status.status_code                     REL 
_pdbx_database_status.entry_id                        1O47 
_pdbx_database_status.recvd_initial_deposition_date   2003-06-15 
_pdbx_database_status.deposit_site                    RCSB 
_pdbx_database_status.process_site                    RCSB 
_pdbx_database_status.SG_entry                        . 
_pdbx_database_status.pdb_format_compatible           Y 
_pdbx_database_status.status_code_mr                  ? 
_pdbx_database_status.status_code_sf                  ? 
_pdbx_database_status.status_code_cs                  ? 
_pdbx_database_status.status_code_nmr_data            ? 
_pdbx_database_status.methods_development_category    ? 
# 
loop_
_audit_author.name 
_audit_author.pdbx_ordinal 
'Lange, G.'  1 
'Loenze, P.' 2 
'Liesum, A.' 3 
# 
_citation.id                        primary 
_citation.title                     
;Requirements for specific binding of low affinity inhibitor fragments to the SH2 domain of (pp60)Src are identical to those for high affinity binding of full length inhibitors.
;
_citation.journal_abbrev            J.Med.Chem. 
_citation.journal_volume            46 
_citation.page_first                5184 
_citation.page_last                 5195 
_citation.year                      2003 
_citation.journal_id_ASTM           JMCMAR 
_citation.country                   US 
_citation.journal_id_ISSN           0022-2623 
_citation.journal_id_CSD            0151 
_citation.book_publisher            ? 
_citation.pdbx_database_id_PubMed   14613321 
_citation.pdbx_database_id_DOI      10.1021/jm020970s 
# 
loop_
_citation_author.citation_id 
_citation_author.name 
_citation_author.ordinal 
_citation_author.identifier_ORCID 
primary 'Lange, G.'       1  ? 
primary 'Lesuisse, D.'    2  ? 
primary 'Deprez, P.'      3  ? 
primary 'Schoot, B.'      4  ? 
primary 'Loenze, P.'      5  ? 
primary 'Benard, D.'      6  ? 
primary 'Marquette, J.P.' 7  ? 
primary 'Broto, P.'       8  ? 
primary 'Sarubbi, E.'     9  ? 
primary 'Mandine, E.'     10 ? 
# 
_cell.entry_id           1O47 
_cell.length_a           26.588 
_cell.length_b           59.021 
_cell.length_c           65.057 
_cell.angle_alpha        90.00 
_cell.angle_beta         90.00 
_cell.angle_gamma        90.00 
_cell.Z_PDB              4 
_cell.pdbx_unique_axis   ? 
# 
_symmetry.entry_id                         1O47 
_symmetry.space_group_name_H-M             'P 21 21 21' 
_symmetry.pdbx_full_space_group_name_H-M   ? 
_symmetry.cell_setting                     ? 
_symmetry.Int_Tables_number                19 
# 
loop_
_entity.id 
_entity.type 
_entity.src_method 
_entity.pdbx_description 
_entity.formula_weight 
_entity.pdbx_number_of_molecules 
_entity.pdbx_ec 
_entity.pdbx_mutation 
_entity.pdbx_fragment 
_entity.details 
1 polymer     man 'PROTO-ONCOGENE TYROSINE-PROTEIN KINASE SRC'                                                                
12374.964 1   2.7.1.112 ? 'SH2 DOMAIN' ? 
2 non-polymer syn "N-ACETYL-N-[1-(1,1'-BIPHENYL-4-YLMETHYL)-2-OXOAZEPAN-3-YL]-4-[DIFLUORO(PHOSPHONO)METHYL]PHENYLALANINAMIDE" 
613.589   1   ?         ? ?            ? 
3 water       nat water                                                                                                       
18.015    120 ?         ? ?            ? 
# 
_entity_name_com.entity_id   1 
_entity_name_com.name        'P60-SRC, C-SRC' 
# 
_entity_poly.entity_id                      1 
_entity_poly.type                           'polypeptide(L)' 
_entity_poly.nstd_linkage                   no 
_entity_poly.nstd_monomer                   no 
_entity_poly.pdbx_seq_one_letter_code       
;SIQAEEWYFGKITRRESERLLLNAENPRGTFLVRESETTKGAYCLSVSDFDNAKGLNVKHYKIRKLDSGGFYITSRTQFN
SLQQLVAYYSKHADGLCHRLTTVCPTSK
;
_entity_poly.pdbx_seq_one_letter_code_can   
;SIQAEEWYFGKITRRESERLLLNAENPRGTFLVRESETTKGAYCLSVSDFDNAKGLNVKHYKIRKLDSGGFYITSRTQFN
SLQQLVAYYSKHADGLCHRLTTVCPTSK
;
_entity_poly.pdbx_strand_id                 A 
_entity_poly.pdbx_target_identifier         ? 
# 
loop_
_entity_poly_seq.entity_id 
_entity_poly_seq.num 
_entity_poly_seq.mon_id 
_entity_poly_seq.hetero 
1 1   SER n 
1 2   ILE n 
1 3   GLN n 
1 4   ALA n 
1 5   GLU n 
1 6   GLU n 
1 7   TRP n 
1 8   TYR n 
1 9   PHE n 
1 10  GLY n 
1 11  LYS n 
1 12  ILE n 
1 13  THR n 
1 14  ARG n 
1 15  ARG n 
1 16  GLU n 
1 17  SER n 
1 18  GLU n 
1 19  ARG n 
1 20  LEU n 
1 21  LEU n 
1 22  LEU n 
1 23  ASN n 
1 24  ALA n 
1 25  GLU n 
1 26  ASN n 
1 27  PRO n 
1 28  ARG n 
1 29  GLY n 
1 30  THR n 
1 31  PHE n 
1 32  LEU n 
1 33  VAL n 
1 34  ARG n 
1 35  GLU n 
1 36  SER n 
1 37  GLU n 
1 38  THR n 
1 39  THR n 
1 40  LYS n 
1 41  GLY n 
1 42  ALA n 
1 43  TYR n 
1 44  CYS n 
1 45  LEU n 
1 46  SER n 
1 47  VAL n 
1 48  SER n 
1 49  ASP n 
1 50  PHE n 
1 51  ASP n 
1 52  ASN n 
1 53  ALA n 
1 54  LYS n 
1 55  GLY n 
1 56  LEU n 
1 57  ASN n 
1 58  VAL n 
1 59  LYS n 
1 60  HIS n 
1 61  TYR n 
1 62  LYS n 
1 63  ILE n 
1 64  ARG n 
1 65  LYS n 
1 66  LEU n 
1 67  ASP n 
1 68  SER n 
1 69  GLY n 
1 70  GLY n 
1 71  PHE n 
1 72  TYR n 
1 73  ILE n 
1 74  THR n 
1 75  SER n 
1 76  ARG n 
1 77  THR n 
1 78  GLN n 
1 79  PHE n 
1 80  ASN n 
1 81  SER n 
1 82  LEU n 
1 83  GLN n 
1 84  GLN n 
1 85  LEU n 
1 86  VAL n 
1 87  ALA n 
1 88  TYR n 
1 89  TYR n 
1 90  SER n 
1 91  LYS n 
1 92  HIS n 
1 93  ALA n 
1 94  ASP n 
1 95  GLY n 
1 96  LEU n 
1 97  CYS n 
1 98  HIS n 
1 99  ARG n 
1 100 LEU n 
1 101 THR n 
1 102 THR n 
1 103 VAL n 
1 104 CYS n 
1 105 PRO n 
1 106 THR n 
1 107 SER n 
1 108 LYS n 
# 
_entity_src_gen.entity_id                          1 
_entity_src_gen.pdbx_src_id                        1 
_entity_src_gen.pdbx_alt_source_flag               sample 
_entity_src_gen.pdbx_seq_type                      ? 
_entity_src_gen.pdbx_beg_seq_num                   ? 
_entity_src_gen.pdbx_end_seq_num                   ? 
_entity_src_gen.gene_src_common_name               human 
_entity_src_gen.gene_src_genus                     Homo 
_entity_src_gen.pdbx_gene_src_gene                 SRC 
_entity_src_gen.gene_src_species                   ? 
_entity_src_gen.gene_src_strain                    ? 
_entity_src_gen.gene_src_tissue                    ? 
_entity_src_gen.gene_src_tissue_fraction           ? 
_entity_src_gen.gene_src_details                   ? 
_entity_src_gen.pdbx_gene_src_fragment             ? 
_entity_src_gen.pdbx_gene_src_scientific_name      'Homo sapiens' 
_entity_src_gen.pdbx_gene_src_ncbi_taxonomy_id     9606 
_entity_src_gen.pdbx_gene_src_variant              ? 
_entity_src_gen.pdbx_gene_src_cell_line            ? 
_entity_src_gen.pdbx_gene_src_atcc                 ? 
_entity_src_gen.pdbx_gene_src_organ                ? 
_entity_src_gen.pdbx_gene_src_organelle            ? 
_entity_src_gen.pdbx_gene_src_cell                 ? 
_entity_src_gen.pdbx_gene_src_cellular_location    ? 
_entity_src_gen.host_org_common_name               ? 
_entity_src_gen.pdbx_host_org_scientific_name      'Escherichia coli' 
_entity_src_gen.pdbx_host_org_ncbi_taxonomy_id     562 
_entity_src_gen.host_org_genus                     Escherichia 
_entity_src_gen.pdbx_host_org_gene                 ? 
_entity_src_gen.pdbx_host_org_organ                ? 
_entity_src_gen.host_org_species                   ? 
_entity_src_gen.pdbx_host_org_tissue               ? 
_entity_src_gen.pdbx_host_org_tissue_fraction      ? 
_entity_src_gen.pdbx_host_org_strain               ? 
_entity_src_gen.pdbx_host_org_variant              ? 
_entity_src_gen.pdbx_host_org_cell_line            ? 
_entity_src_gen.pdbx_host_org_atcc                 ? 
_entity_src_gen.pdbx_host_org_culture_collection   ? 
_entity_src_gen.pdbx_host_org_cell                 ? 
_entity_src_gen.pdbx_host_org_organelle            ? 
_entity_src_gen.pdbx_host_org_cellular_location    ? 
_entity_src_gen.pdbx_host_org_vector_type          ? 
_entity_src_gen.pdbx_host_org_vector               ? 
_entity_src_gen.host_org_details                   ? 
_entity_src_gen.expression_system_id               ? 
_entity_src_gen.plasmid_name                       'BL21 (DE3)' 
_entity_src_gen.plasmid_details                    ? 
_entity_src_gen.pdbx_description                   ? 
# 
_struct_ref.id                         1 
_struct_ref.db_name                    UNP 
_struct_ref.db_code                    SRC_HUMAN 
_struct_ref.pdbx_db_accession          P12931 
_struct_ref.entity_id                  1 
_struct_ref.pdbx_seq_one_letter_code   
;SIQAEEWYFGKITRRESERLLLNAENPRGTFLVRESETTKGAYCLSVSDFDNAKGLNVKHYKIRKLDSGGFYITSRTQFN
SLQQLVAYYSKHADGLCHRLTTVCPTSK
;
_struct_ref.pdbx_align_begin           144 
_struct_ref.pdbx_db_isoform            ? 
# 
_struct_ref_seq.align_id                      1 
_struct_ref_seq.ref_id                        1 
_struct_ref_seq.pdbx_PDB_id_code              1O47 
_struct_ref_seq.pdbx_strand_id                A 
_struct_ref_seq.seq_align_beg                 1 
_struct_ref_seq.pdbx_seq_align_beg_ins_code   ? 
_struct_ref_seq.seq_align_end                 108 
_struct_ref_seq.pdbx_seq_align_end_ins_code   ? 
_struct_ref_seq.pdbx_db_accession             P12931 
_struct_ref_seq.db_align_beg                  144 
_struct_ref_seq.pdbx_db_align_beg_ins_code    ? 
_struct_ref_seq.db_align_end                  251 
_struct_ref_seq.pdbx_db_align_end_ins_code    ? 
_struct_ref_seq.pdbx_auth_seq_align_beg       1 
_struct_ref_seq.pdbx_auth_seq_align_end       108 
# 
loop_
_chem_comp.id 
_chem_comp.type 
_chem_comp.mon_nstd_flag 
_chem_comp.name 
_chem_comp.pdbx_synonyms 
_chem_comp.formula 
_chem_comp.formula_weight 
822 non-polymer         . 
"N-ACETYL-N-[1-(1,1'-BIPHENYL-4-YLMETHYL)-2-OXOAZEPAN-3-YL]-4-[DIFLUORO(PHOSPHONO)METHYL]PHENYLALANINAMIDE" RU82209 
'C31 H34 F2 N3 O6 P' 613.589 
ALA 'L-peptide linking' y ALANINE ?       'C3 H7 N O2'         89.093  
ARG 'L-peptide linking' y ARGININE ?       'C6 H15 N4 O2 1'     175.209 
ASN 'L-peptide linking' y ASPARAGINE ?       'C4 H8 N2 O3'        132.118 
ASP 'L-peptide linking' y 'ASPARTIC ACID' ?       'C4 H7 N O4'         133.103 
CYS 'L-peptide linking' y CYSTEINE ?       'C3 H7 N O2 S'       121.158 
GLN 'L-peptide linking' y GLUTAMINE ?       'C5 H10 N2 O3'       146.144 
GLU 'L-peptide linking' y 'GLUTAMIC ACID' ?       'C5 H9 N O4'         147.129 
GLY 'peptide linking'   y GLYCINE ?       'C2 H5 N O2'         75.067  
HIS 'L-peptide linking' y HISTIDINE ?       'C6 H10 N3 O2 1'     156.162 
HOH non-polymer         . WATER ?       'H2 O'               18.015  
ILE 'L-peptide linking' y ISOLEUCINE ?       'C6 H13 N O2'        131.173 
LEU 'L-peptide linking' y LEUCINE ?       'C6 H13 N O2'        131.173 
LYS 'L-peptide linking' y LYSINE ?       'C6 H15 N2 O2 1'     147.195 
PHE 'L-peptide linking' y PHENYLALANINE ?       'C9 H11 N O2'        165.189 
PRO 'L-peptide linking' y PROLINE ?       'C5 H9 N O2'         115.130 
SER 'L-peptide linking' y SERINE ?       'C3 H7 N O3'         105.093 
THR 'L-peptide linking' y THREONINE ?       'C4 H9 N O3'         119.119 
TRP 'L-peptide linking' y TRYPTOPHAN ?       'C11 H12 N2 O2'      204.225 
TYR 'L-peptide linking' y TYROSINE ?       'C9 H11 N O3'        181.189 
VAL 'L-peptide linking' y VALINE ?       'C5 H11 N O2'        117.146 
# 
_exptl.entry_id          1O47 
_exptl.method            'X-RAY DIFFRACTION' 
_exptl.crystals_number   1 
# 
_exptl_crystal.id                    1 
_exptl_crystal.density_meas          ? 
_exptl_crystal.density_Matthews      2.2 
_exptl_crystal.density_percent_sol   41.9 
_exptl_crystal.description           ? 
# 
_exptl_crystal_grow.crystal_id      1 
_exptl_crystal_grow.method          ? 
_exptl_crystal_grow.temp            ? 
_exptl_crystal_grow.temp_details    ? 
_exptl_crystal_grow.pH              5.50 
_exptl_crystal_grow.pdbx_pH_range   ? 
_exptl_crystal_grow.pdbx_details    'pH 5.50' 
# 
_diffrn.id                     1 
_diffrn.ambient_temp           100.0 
_diffrn.ambient_temp_details   ? 
_diffrn.crystal_id             1 
# 
_diffrn_detector.diffrn_id              1 
_diffrn_detector.detector               'IMAGE PLATE' 
_diffrn_detector.type                   'MAR scanner 345 mm plate' 
_diffrn_detector.pdbx_collection_date   1999-03-01 
_diffrn_detector.details                ? 
# 
_diffrn_radiation.diffrn_id                        1 
_diffrn_radiation.wavelength_id                    1 
_diffrn_radiation.pdbx_monochromatic_or_laue_m_l   M 
_diffrn_radiation.monochromator                    GRAPHITE 
_diffrn_radiation.pdbx_diffrn_protocol             'SINGLE WAVELENGTH' 
_diffrn_radiation.pdbx_scattering_type             x-ray 
# 
_diffrn_radiation_wavelength.id           1 
_diffrn_radiation_wavelength.wavelength   1.5418 
_diffrn_radiation_wavelength.wt           1.0 
# 
_diffrn_source.diffrn_id                   1 
_diffrn_source.source                      'ROTATING ANODE' 
_diffrn_source.type                        'ELLIOTT GX-21' 
_diffrn_source.pdbx_synchrotron_site       ? 
_diffrn_source.pdbx_synchrotron_beamline   ? 
_diffrn_source.pdbx_wavelength             1.5418 
_diffrn_source.pdbx_wavelength_list        ? 
# 
_reflns.entry_id                     1O47 
_reflns.observed_criterion_sigma_I   -3.000 
_reflns.observed_criterion_sigma_F   ? 
_reflns.d_resolution_low             40.000 
_reflns.d_resolution_high            1.80 
_reflns.number_obs                   9941 
_reflns.number_all                   ? 
_reflns.percent_possible_obs         98.6 
_reflns.pdbx_Rmerge_I_obs            0.077 
_reflns.pdbx_Rsym_value              ? 
_reflns.pdbx_netI_over_sigmaI        16 
_reflns.B_iso_Wilson_estimate        ? 
_reflns.pdbx_redundancy              ? 
_reflns.pdbx_diffrn_id               1 
_reflns.pdbx_ordinal                 1 
# 
_reflns_shell.d_res_high             1.80 
_reflns_shell.d_res_low              1.90 
_reflns_shell.percent_possible_all   98.9 
_reflns_shell.Rmerge_I_obs           0.244 
_reflns_shell.pdbx_Rsym_value        ? 
_reflns_shell.meanI_over_sigI_obs    4.6 
_reflns_shell.pdbx_redundancy        ? 
_reflns_shell.pdbx_diffrn_id         ? 
_reflns_shell.pdbx_ordinal           1 
# 
_refine.entry_id                                 1O47 
_refine.ls_number_reflns_obs                     9941 
_refine.ls_number_reflns_all                     ? 
_refine.pdbx_ls_sigma_I                          ? 
_refine.pdbx_ls_sigma_F                          ? 
_refine.pdbx_data_cutoff_high_absF               1000000.000 
_refine.pdbx_data_cutoff_low_absF                0.1000 
_refine.pdbx_data_cutoff_high_rms_absF           ? 
_refine.ls_d_res_low                             8.00 
_refine.ls_d_res_high                            1.80 
_refine.ls_percent_reflns_obs                    98.6 
_refine.ls_R_factor_obs                          0.192 
_refine.ls_R_factor_all                          ? 
_refine.ls_R_factor_R_work                       0.192 
_refine.ls_R_factor_R_free                       ? 
_refine.ls_R_factor_R_free_error                 ? 
_refine.ls_R_factor_R_free_error_details         ? 
_refine.ls_percent_reflns_R_free                 ? 
_refine.ls_number_reflns_R_free                  ? 
_refine.ls_number_parameters                     ? 
_refine.ls_number_restraints                     ? 
_refine.occupancy_min                            ? 
_refine.occupancy_max                            ? 
_refine.correlation_coeff_Fo_to_Fc               ? 
_refine.correlation_coeff_Fo_to_Fc_free          ? 
_refine.B_iso_mean                               18.7 
_refine.aniso_B[1][1]                            ? 
_refine.aniso_B[2][2]                            ? 
_refine.aniso_B[3][3]                            ? 
_refine.aniso_B[1][2]                            ? 
_refine.aniso_B[1][3]                            ? 
_refine.aniso_B[2][3]                            ? 
_refine.solvent_model_details                    ? 
_refine.solvent_model_param_ksol                 ? 
_refine.solvent_model_param_bsol                 ? 
_refine.pdbx_solvent_vdw_probe_radii             ? 
_refine.pdbx_solvent_ion_probe_radii             ? 
_refine.pdbx_solvent_shrinkage_radii             ? 
_refine.pdbx_ls_cross_valid_method               ? 
_refine.details                                  ? 
_refine.pdbx_starting_model                      1SHD 
_refine.pdbx_method_to_determine_struct          MR 
_refine.pdbx_isotropic_thermal_model             ? 
_refine.pdbx_stereochemistry_target_values       ? 
_refine.pdbx_stereochem_target_val_spec_case     ? 
_refine.pdbx_R_Free_selection_details            ? 
_refine.pdbx_overall_ESU_R                       ? 
_refine.pdbx_overall_ESU_R_Free                  ? 
_refine.overall_SU_ML                            ? 
_refine.overall_SU_B                             ? 
_refine.pdbx_refine_id                           'X-RAY DIFFRACTION' 
_refine.pdbx_diffrn_id                           1 
_refine.pdbx_TLS_residual_ADP_flag               ? 
_refine.pdbx_overall_phase_error                 ? 
_refine.overall_SU_R_Cruickshank_DPI             ? 
_refine.pdbx_overall_SU_R_free_Cruickshank_DPI   ? 
_refine.pdbx_overall_SU_R_Blow_DPI               ? 
_refine.pdbx_overall_SU_R_free_Blow_DPI          ? 
# 
_refine_hist.pdbx_refine_id                   'X-RAY DIFFRACTION' 
_refine_hist.cycle_id                         LAST 
_refine_hist.pdbx_number_atoms_protein        856 
_refine_hist.pdbx_number_atoms_nucleic_acid   0 
_refine_hist.pdbx_number_atoms_ligand         43 
_refine_hist.number_atoms_solvent             120 
_refine_hist.number_atoms_total               1019 
_refine_hist.d_res_high                       1.80 
_refine_hist.d_res_low                        8.00 
# 
loop_
_refine_ls_restr.type 
_refine_ls_restr.dev_ideal 
_refine_ls_restr.dev_ideal_target 
_refine_ls_restr.weight 
_refine_ls_restr.number 
_refine_ls_restr.pdbx_refine_id 
_refine_ls_restr.pdbx_restraint_function 
x_bond_d                0.012 ? ? ? 'X-RAY DIFFRACTION' ? 
x_bond_d_na             ?     ? ? ? 'X-RAY DIFFRACTION' ? 
x_bond_d_prot           ?     ? ? ? 'X-RAY DIFFRACTION' ? 
x_angle_d               ?     ? ? ? 'X-RAY DIFFRACTION' ? 
x_angle_d_na            ?     ? ? ? 'X-RAY DIFFRACTION' ? 
x_angle_d_prot          ?     ? ? ? 'X-RAY DIFFRACTION' ? 
x_angle_deg             1.2   ? ? ? 'X-RAY DIFFRACTION' ? 
x_angle_deg_na          ?     ? ? ? 'X-RAY DIFFRACTION' ? 
x_angle_deg_prot        ?     ? ? ? 'X-RAY DIFFRACTION' ? 
x_dihedral_angle_d      ?     ? ? ? 'X-RAY DIFFRACTION' ? 
x_dihedral_angle_d_na   ?     ? ? ? 'X-RAY DIFFRACTION' ? 
x_dihedral_angle_d_prot ?     ? ? ? 'X-RAY DIFFRACTION' ? 
x_improper_angle_d      ?     ? ? ? 'X-RAY DIFFRACTION' ? 
x_improper_angle_d_na   ?     ? ? ? 'X-RAY DIFFRACTION' ? 
x_improper_angle_d_prot ?     ? ? ? 'X-RAY DIFFRACTION' ? 
x_mcbond_it             ?     ? ? ? 'X-RAY DIFFRACTION' ? 
x_mcangle_it            ?     ? ? ? 'X-RAY DIFFRACTION' ? 
x_scbond_it             ?     ? ? ? 'X-RAY DIFFRACTION' ? 
x_scangle_it            ?     ? ? ? 'X-RAY DIFFRACTION' ? 
# 
_struct.entry_id                  1O47 
_struct.title                     'CRYSTAL STRUCTURE OF SH2 IN COMPLEX WITH RU82209.' 
_struct.pdbx_model_details        ? 
_struct.pdbx_CASP_flag            ? 
_struct.pdbx_model_type_details   ? 
# 
_struct_keywords.entry_id        1O47 
_struct_keywords.pdbx_keywords   'SIGNALING PROTEIN' 
_struct_keywords.text            'SH2 DOMAIN FRAGMENT APPROACH, SIGNALING PROTEIN' 
# 
loop_
_struct_asym.id 
_struct_asym.pdbx_blank_PDB_chainid_flag 
_struct_asym.pdbx_modified 
_struct_asym.entity_id 
_struct_asym.details 
A N N 1 ? 
B N N 2 ? 
C N N 3 ? 
# 
_struct_biol.id   1 
# 
loop_
_struct_conf.conf_type_id 
_struct_conf.id 
_struct_conf.pdbx_PDB_helix_id 
_struct_conf.beg_label_comp_id 
_struct_conf.beg_label_asym_id 
_struct_conf.beg_label_seq_id 
_struct_conf.pdbx_beg_PDB_ins_code 
_struct_conf.end_label_comp_id 
_struct_conf.end_label_asym_id 
_struct_conf.end_label_seq_id 
_struct_conf.pdbx_end_PDB_ins_code 
_struct_conf.beg_auth_comp_id 
_struct_conf.beg_auth_asym_id 
_struct_conf.beg_auth_seq_id 
_struct_conf.end_auth_comp_id 
_struct_conf.end_auth_asym_id 
_struct_conf.end_auth_seq_id 
_struct_conf.pdbx_PDB_helix_class 
_struct_conf.details 
_struct_conf.pdbx_PDB_helix_length 
HELX_P HELX_P1 1 SER A 1  ? GLU A 5  ? SER A 1  GLU A 5  5 ? 5  
HELX_P HELX_P2 2 THR A 13 ? LEU A 22 ? THR A 13 LEU A 22 1 ? 10 
HELX_P HELX_P3 3 SER A 81 ? HIS A 92 ? SER A 81 HIS A 92 1 ? 12 
# 
_struct_conf_type.id          HELX_P 
_struct_conf_type.criteria    ? 
_struct_conf_type.reference   ? 
# 
_struct_sheet.id               A 
_struct_sheet.type             ? 
_struct_sheet.number_strands   6 
_struct_sheet.details          ? 
# 
loop_
_struct_sheet_order.sheet_id 
_struct_sheet_order.range_id_1 
_struct_sheet_order.range_id_2 
_struct_sheet_order.offset 
_struct_sheet_order.sense 
A 1 2 ? parallel      
A 2 3 ? anti-parallel 
A 3 4 ? anti-parallel 
A 4 5 ? anti-parallel 
A 5 6 ? anti-parallel 
# 
loop_
_struct_sheet_range.sheet_id 
_struct_sheet_range.id 
_struct_sheet_range.beg_label_comp_id 
_struct_sheet_range.beg_label_asym_id 
_struct_sheet_range.beg_label_seq_id 
_struct_sheet_range.pdbx_beg_PDB_ins_code 
_struct_sheet_range.end_label_comp_id 
_struct_sheet_range.end_label_asym_id 
_struct_sheet_range.end_label_seq_id 
_struct_sheet_range.pdbx_end_PDB_ins_code 
_struct_sheet_range.beg_auth_comp_id 
_struct_sheet_range.beg_auth_asym_id 
_struct_sheet_range.beg_auth_seq_id 
_struct_sheet_range.end_auth_comp_id 
_struct_sheet_range.end_auth_asym_id 
_struct_sheet_range.end_auth_seq_id 
A 1 TYR A 8  ? GLY A 10 ? TYR A 8  GLY A 10 
A 2 PHE A 31 ? GLU A 35 ? PHE A 31 GLU A 35 
A 3 TYR A 43 ? ASP A 51 ? TYR A 43 ASP A 51 
A 4 GLY A 55 ? LYS A 65 ? GLY A 55 LYS A 65 
A 5 PHE A 71 ? TYR A 72 ? PHE A 71 TYR A 72 
A 6 GLN A 78 ? PHE A 79 ? GLN A 78 PHE A 79 
# 
loop_
_pdbx_struct_sheet_hbond.sheet_id 
_pdbx_struct_sheet_hbond.range_id_1 
_pdbx_struct_sheet_hbond.range_id_2 
_pdbx_struct_sheet_hbond.range_1_label_atom_id 
_pdbx_struct_sheet_hbond.range_1_label_comp_id 
_pdbx_struct_sheet_hbond.range_1_label_asym_id 
_pdbx_struct_sheet_hbond.range_1_label_seq_id 
_pdbx_struct_sheet_hbond.range_1_PDB_ins_code 
_pdbx_struct_sheet_hbond.range_1_auth_atom_id 
_pdbx_struct_sheet_hbond.range_1_auth_comp_id 
_pdbx_struct_sheet_hbond.range_1_auth_asym_id 
_pdbx_struct_sheet_hbond.range_1_auth_seq_id 
_pdbx_struct_sheet_hbond.range_2_label_atom_id 
_pdbx_struct_sheet_hbond.range_2_label_comp_id 
_pdbx_struct_sheet_hbond.range_2_label_asym_id 
_pdbx_struct_sheet_hbond.range_2_label_seq_id 
_pdbx_struct_sheet_hbond.range_2_PDB_ins_code 
_pdbx_struct_sheet_hbond.range_2_auth_atom_id 
_pdbx_struct_sheet_hbond.range_2_auth_comp_id 
_pdbx_struct_sheet_hbond.range_2_auth_asym_id 
_pdbx_struct_sheet_hbond.range_2_auth_seq_id 
A 1 2 N GLY A 10 ? N GLY A 10 O GLU A 35 ? O GLU A 35 
A 2 3 N ARG A 34 ? N ARG A 34 O CYS A 44 ? O CYS A 44 
A 3 4 N VAL A 47 ? N VAL A 47 O LYS A 59 ? O LYS A 59 
A 4 5 N ARG A 64 ? N ARG A 64 O TYR A 72 ? O TYR A 72 
A 5 6 N PHE A 71 ? N PHE A 71 O PHE A 79 ? O PHE A 79 
# 
_struct_site.id                   AC1 
_struct_site.pdbx_evidence_code   Software 
_struct_site.pdbx_auth_asym_id    A 
_struct_site.pdbx_auth_comp_id    822 
_struct_site.pdbx_auth_seq_id     300 
_struct_site.pdbx_auth_ins_code   ? 
_struct_site.pdbx_num_residues    18 
_struct_site.details              'BINDING SITE FOR RESIDUE 822 A 300' 
# 
loop_
_struct_site_gen.id 
_struct_site_gen.site_id 
_struct_site_gen.pdbx_num_res 
_struct_site_gen.label_comp_id 
_struct_site_gen.label_asym_id 
_struct_site_gen.label_seq_id 
_struct_site_gen.pdbx_auth_ins_code 
_struct_site_gen.auth_comp_id 
_struct_site_gen.auth_asym_id 
_struct_site_gen.auth_seq_id 
_struct_site_gen.label_atom_id 
_struct_site_gen.label_alt_id 
_struct_site_gen.symmetry 
_struct_site_gen.details 
1  AC1 18 ARG A 14  ? ARG A 14  . ? 1_555 ? 
2  AC1 18 ARG A 28  ? ARG A 28  . ? 4_556 ? 
3  AC1 18 ARG A 34  ? ARG A 34  . ? 1_555 ? 
4  AC1 18 SER A 36  ? SER A 36  . ? 1_555 ? 
5  AC1 18 GLU A 37  ? GLU A 37  . ? 1_555 ? 
6  AC1 18 CYS A 44  ? CYS A 44  . ? 1_555 ? 
7  AC1 18 HIS A 60  ? HIS A 60  . ? 1_555 ? 
8  AC1 18 TYR A 61  ? TYR A 61  . ? 1_555 ? 
9  AC1 18 LYS A 62  ? LYS A 62  . ? 1_555 ? 
10 AC1 18 GLY A 95  ? GLY A 95  . ? 1_555 ? 
11 AC1 18 VAL A 103 ? VAL A 103 . ? 1_655 ? 
12 AC1 18 PRO A 105 ? PRO A 105 . ? 1_655 ? 
13 AC1 18 THR A 106 ? THR A 106 . ? 1_655 ? 
14 AC1 18 HOH C .   ? HOH A 335 . ? 1_655 ? 
15 AC1 18 HOH C .   ? HOH A 344 . ? 1_655 ? 
16 AC1 18 HOH C .   ? HOH A 353 . ? 1_555 ? 
17 AC1 18 HOH C .   ? HOH A 380 . ? 1_555 ? 
18 AC1 18 HOH C .   ? HOH A 399 . ? 1_555 ? 
# 
_atom_sites.entry_id                    1O47 
_atom_sites.fract_transf_matrix[1][1]   0.01324282 
_atom_sites.fract_transf_matrix[1][2]   0.03302193 
_atom_sites.fract_transf_matrix[1][3]   0.01219703 
_atom_sites.fract_transf_matrix[2][1]   -0.01560912 
_atom_sites.fract_transf_matrix[2][2]   0.00654426 
_atom_sites.fract_transf_matrix[2][3]   -0.00077029 
_atom_sites.fract_transf_matrix[3][1]   -0.00253892 
_atom_sites.fract_transf_matrix[3][2]   -0.00434623 
_atom_sites.fract_transf_matrix[3][3]   0.01452349 
_atom_sites.fract_transf_vector[1]      0.396177 
_atom_sites.fract_transf_vector[2]      0.326082 
_atom_sites.fract_transf_vector[3]      0.314960 
# 
loop_
_atom_type.symbol 
C 
F 
N 
O 
P 
S 
# 
loop_
_atom_site.group_PDB 
_atom_site.id 
_atom_site.type_symbol 
_atom_site.label_atom_id 
_atom_site.label_alt_id 
_atom_site.label_comp_id 
_atom_site.label_asym_id 
_atom_site.label_entity_id 
_atom_site.label_seq_id 
_atom_site.pdbx_PDB_ins_code 
_atom_site.Cartn_x 
_atom_site.Cartn_y 
_atom_site.Cartn_z 
_atom_site.occupancy 
_atom_site.B_iso_or_equiv 
_atom_site.pdbx_formal_charge 
_atom_site.auth_seq_id 
_atom_site.auth_comp_id 
_atom_site.auth_asym_id 
_atom_site.auth_atom_id 
_atom_site.pdbx_PDB_model_num 
ATOM   1    N N   . SER A 1 1   ? 4.524   -4.910  -15.733 1.00 53.13 ? 1   SER A N   1 
ATOM   2    C CA  . SER A 1 1   ? 3.144   -4.325  -15.689 1.00 52.54 ? 1   SER A CA  1 
ATOM   3    C C   . SER A 1 1   ? 2.492   -4.413  -14.306 1.00 51.19 ? 1   SER A C   1 
ATOM   4    O O   . SER A 1 1   ? 2.173   -5.518  -13.795 1.00 51.55 ? 1   SER A O   1 
ATOM   5    C CB  . SER A 1 1   ? 2.227   -4.988  -16.730 1.00 53.43 ? 1   SER A CB  1 
ATOM   6    O OG  . SER A 1 1   ? 0.913   -4.435  -16.699 1.00 53.65 ? 1   SER A OG  1 
ATOM   7    N N   . ILE A 1 2   ? 2.243   -3.242  -13.732 1.00 48.96 ? 2   ILE A N   1 
ATOM   8    C CA  . ILE A 1 2   ? 1.625   -3.153  -12.419 1.00 46.22 ? 2   ILE A CA  1 
ATOM   9    C C   . ILE A 1 2   ? 0.199   -3.684  -12.435 1.00 43.35 ? 2   ILE A C   1 
ATOM   10   O O   . ILE A 1 2   ? -0.254  -4.257  -11.467 1.00 42.12 ? 2   ILE A O   1 
ATOM   11   C CB  . ILE A 1 2   ? 1.647   -1.714  -11.870 1.00 45.94 ? 2   ILE A CB  1 
ATOM   12   C CG1 . ILE A 1 2   ? 0.972   -0.763  -12.851 1.00 45.97 ? 2   ILE A CG1 1 
ATOM   13   C CG2 . ILE A 1 2   ? 3.068   -1.293  -11.626 1.00 45.12 ? 2   ILE A CG2 1 
ATOM   14   C CD1 . ILE A 1 2   ? 0.728   0.601   -12.270 1.00 48.05 ? 2   ILE A CD1 1 
ATOM   15   N N   . GLN A 1 3   ? -0.494  -3.522  -13.552 1.00 41.20 ? 3   GLN A N   1 
ATOM   16   C CA  . GLN A 1 3   ? -1.856  -4.018  -13.614 1.00 40.37 ? 3   GLN A CA  1 
ATOM   17   C C   . GLN A 1 3   ? -1.926  -5.537  -13.647 1.00 38.23 ? 3   GLN A C   1 
ATOM   18   O O   . GLN A 1 3   ? -2.963  -6.113  -13.401 1.00 39.05 ? 3   GLN A O   1 
ATOM   19   C CB  . GLN A 1 3   ? -2.633  -3.348  -14.743 1.00 42.60 ? 3   GLN A CB  1 
ATOM   20   C CG  . GLN A 1 3   ? -3.025  -1.935  -14.313 1.00 46.40 ? 3   GLN A CG  1 
ATOM   21   C CD  . GLN A 1 3   ? -3.649  -1.095  -15.391 1.00 47.90 ? 3   GLN A CD  1 
ATOM   22   O OE1 . GLN A 1 3   ? -4.156  0.007   -15.117 1.00 48.35 ? 3   GLN A OE1 1 
ATOM   23   N NE2 . GLN A 1 3   ? -3.597  -1.578  -16.634 1.00 49.71 ? 3   GLN A NE2 1 
ATOM   24   N N   . ALA A 1 4   ? -0.785  -6.170  -13.892 1.00 35.34 ? 4   ALA A N   1 
ATOM   25   C CA  . ALA A 1 4   ? -0.689  -7.630  -13.907 1.00 32.28 ? 4   ALA A CA  1 
ATOM   26   C C   . ALA A 1 4   ? -0.542  -8.141  -12.460 1.00 29.08 ? 4   ALA A C   1 
ATOM   27   O O   . ALA A 1 4   ? -0.759  -9.311  -12.162 1.00 28.76 ? 4   ALA A O   1 
ATOM   28   C CB  . ALA A 1 4   ? 0.530   -8.047  -14.733 1.00 33.18 ? 4   ALA A CB  1 
ATOM   29   N N   . GLU A 1 5   ? -0.165  -7.240  -11.564 1.00 24.56 ? 5   GLU A N   1 
ATOM   30   C CA  . GLU A 1 5   ? 0.033   -7.589  -10.175 1.00 20.89 ? 5   GLU A CA  1 
ATOM   31   C C   . GLU A 1 5   ? -1.291  -7.826  -9.448  1.00 17.48 ? 5   GLU A C   1 
ATOM   32   O O   . GLU A 1 5   ? -2.195  -7.001  -9.500  1.00 14.73 ? 5   GLU A O   1 
ATOM   33   C CB  . GLU A 1 5   ? 0.815   -6.475  -9.496  1.00 22.00 ? 5   GLU A CB  1 
ATOM   34   C CG  . GLU A 1 5   ? 2.075   -6.113  -10.254 1.00 24.82 ? 5   GLU A CG  1 
ATOM   35   C CD  . GLU A 1 5   ? 3.083   -7.264  -10.255 1.00 27.52 ? 5   GLU A CD  1 
ATOM   36   O OE1 . GLU A 1 5   ? 3.808   -7.422  -11.258 1.00 30.38 ? 5   GLU A OE1 1 
ATOM   37   O OE2 . GLU A 1 5   ? 3.162   -8.015  -9.257  1.00 26.72 ? 5   GLU A OE2 1 
ATOM   38   N N   . GLU A 1 6   ? -1.375  -8.943  -8.732  1.00 14.80 ? 6   GLU A N   1 
ATOM   39   C CA  . GLU A 1 6   ? -2.572  -9.279  -7.974  1.00 12.75 ? 6   GLU A CA  1 
ATOM   40   C C   . GLU A 1 6   ? -2.880  -8.270  -6.859  1.00 13.08 ? 6   GLU A C   1 
ATOM   41   O O   . GLU A 1 6   ? -4.007  -8.196  -6.431  1.00 12.80 ? 6   GLU A O   1 
ATOM   42   C CB  . GLU A 1 6   ? -2.470  -10.678 -7.352  1.00 12.63 ? 6   GLU A CB  1 
ATOM   43   C CG  . GLU A 1 6   ? -1.471  -10.836 -6.217  1.00 10.65 ? 6   GLU A CG  1 
ATOM   44   C CD  . GLU A 1 6   ? -0.075  -11.231 -6.659  1.00 7.65  ? 6   GLU A CD  1 
ATOM   45   O OE1 . GLU A 1 6   ? 0.706   -11.591 -5.779  1.00 10.20 ? 6   GLU A OE1 1 
ATOM   46   O OE2 . GLU A 1 6   ? 0.260   -11.157 -7.850  1.00 7.43  ? 6   GLU A OE2 1 
ATOM   47   N N   . TRP A 1 7   ? -1.861  -7.577  -6.335  1.00 10.96 ? 7   TRP A N   1 
ATOM   48   C CA  . TRP A 1 7   ? -2.074  -6.568  -5.279  1.00 10.85 ? 7   TRP A CA  1 
ATOM   49   C C   . TRP A 1 7   ? -2.409  -5.176  -5.839  1.00 11.44 ? 7   TRP A C   1 
ATOM   50   O O   . TRP A 1 7   ? -2.625  -4.228  -5.069  1.00 11.13 ? 7   TRP A O   1 
ATOM   51   C CB  . TRP A 1 7   ? -0.881  -6.467  -4.319  1.00 9.58  ? 7   TRP A CB  1 
ATOM   52   C CG  . TRP A 1 7   ? 0.461   -6.550  -4.974  1.00 9.41  ? 7   TRP A CG  1 
ATOM   53   C CD1 . TRP A 1 7   ? 1.282   -7.633  -4.983  1.00 10.79 ? 7   TRP A CD1 1 
ATOM   54   C CD2 . TRP A 1 7   ? 1.149   -5.519  -5.707  1.00 10.52 ? 7   TRP A CD2 1 
ATOM   55   N NE1 . TRP A 1 7   ? 2.425   -7.355  -5.682  1.00 10.89 ? 7   TRP A NE1 1 
ATOM   56   C CE2 . TRP A 1 7   ? 2.370   -6.067  -6.142  1.00 11.33 ? 7   TRP A CE2 1 
ATOM   57   C CE3 . TRP A 1 7   ? 0.837   -4.197  -6.056  1.00 11.00 ? 7   TRP A CE3 1 
ATOM   58   C CZ2 . TRP A 1 7   ? 3.310   -5.327  -6.903  1.00 13.15 ? 7   TRP A CZ2 1 
ATOM   59   C CZ3 . TRP A 1 7   ? 1.760   -3.461  -6.815  1.00 12.24 ? 7   TRP A CZ3 1 
ATOM   60   C CH2 . TRP A 1 7   ? 2.977   -4.035  -7.238  1.00 12.43 ? 7   TRP A CH2 1 
ATOM   61   N N   . TYR A 1 8   ? -2.413  -5.030  -7.165  1.00 10.38 ? 8   TYR A N   1 
ATOM   62   C CA  . TYR A 1 8   ? -2.741  -3.746  -7.740  1.00 11.40 ? 8   TYR A CA  1 
ATOM   63   C C   . TYR A 1 8   ? -4.241  -3.700  -7.988  1.00 11.66 ? 8   TYR A C   1 
ATOM   64   O O   . TYR A 1 8   ? -4.758  -4.385  -8.888  1.00 13.38 ? 8   TYR A O   1 
ATOM   65   C CB  . TYR A 1 8   ? -1.999  -3.503  -9.042  1.00 12.05 ? 8   TYR A CB  1 
ATOM   66   C CG  . TYR A 1 8   ? -2.273  -2.112  -9.571  1.00 15.55 ? 8   TYR A CG  1 
ATOM   67   C CD1 . TYR A 1 8   ? -1.783  -0.981  -8.881  1.00 16.26 ? 8   TYR A CD1 1 
ATOM   68   C CD2 . TYR A 1 8   ? -3.069  -1.904  -10.705 1.00 14.84 ? 8   TYR A CD2 1 
ATOM   69   C CE1 . TYR A 1 8   ? -2.092  0.312   -9.295  1.00 17.70 ? 8   TYR A CE1 1 
ATOM   70   C CE2 . TYR A 1 8   ? -3.379  -0.593  -11.138 1.00 16.96 ? 8   TYR A CE2 1 
ATOM   71   C CZ  . TYR A 1 8   ? -2.884  0.500   -10.419 1.00 17.73 ? 8   TYR A CZ  1 
ATOM   72   O OH  . TYR A 1 8   ? -3.181  1.790   -10.801 1.00 20.75 ? 8   TYR A OH  1 
ATOM   73   N N   . PHE A 1 9   ? -4.950  -2.904  -7.206  1.00 10.46 ? 9   PHE A N   1 
ATOM   74   C CA  . PHE A 1 9   ? -6.405  -2.815  -7.342  1.00 11.48 ? 9   PHE A CA  1 
ATOM   75   C C   . PHE A 1 9   ? -6.862  -1.698  -8.263  1.00 12.48 ? 9   PHE A C   1 
ATOM   76   O O   . PHE A 1 9   ? -8.059  -1.526  -8.480  1.00 12.73 ? 9   PHE A O   1 
ATOM   77   C CB  . PHE A 1 9   ? -7.095  -2.703  -5.970  1.00 12.94 ? 9   PHE A CB  1 
ATOM   78   C CG  . PHE A 1 9   ? -7.098  -3.994  -5.167  1.00 12.50 ? 9   PHE A CG  1 
ATOM   79   C CD1 . PHE A 1 9   ? -6.034  -4.905  -5.243  1.00 12.36 ? 9   PHE A CD1 1 
ATOM   80   C CD2 . PHE A 1 9   ? -8.160  -4.289  -4.311  1.00 14.56 ? 9   PHE A CD2 1 
ATOM   81   C CE1 . PHE A 1 9   ? -6.034  -6.087  -4.464  1.00 11.85 ? 9   PHE A CE1 1 
ATOM   82   C CE2 . PHE A 1 9   ? -8.163  -5.471  -3.527  1.00 13.85 ? 9   PHE A CE2 1 
ATOM   83   C CZ  . PHE A 1 9   ? -7.093  -6.370  -3.607  1.00 11.60 ? 9   PHE A CZ  1 
ATOM   84   N N   . GLY A 1 10  ? -5.914  -0.936  -8.795  1.00 12.35 ? 10  GLY A N   1 
ATOM   85   C CA  . GLY A 1 10  ? -6.273  0.132   -9.710  1.00 14.17 ? 10  GLY A CA  1 
ATOM   86   C C   . GLY A 1 10  ? -7.161  1.253   -9.171  1.00 15.03 ? 10  GLY A C   1 
ATOM   87   O O   . GLY A 1 10  ? -6.975  1.789   -8.092  1.00 12.66 ? 10  GLY A O   1 
ATOM   88   N N   . LYS A 1 11  ? -8.182  1.576   -9.943  1.00 15.85 ? 11  LYS A N   1 
ATOM   89   C CA  . LYS A 1 11  ? -9.092  2.637   -9.582  1.00 17.78 ? 11  LYS A CA  1 
ATOM   90   C C   . LYS A 1 11  ? -10.198 2.275   -8.584  1.00 17.72 ? 11  LYS A C   1 
ATOM   91   O O   . LYS A 1 11  ? -11.327 2.019   -8.986  1.00 19.94 ? 11  LYS A O   1 
ATOM   92   C CB  . LYS A 1 11  ? -9.694  3.230   -10.856 1.00 19.75 ? 11  LYS A CB  1 
ATOM   93   C CG  . LYS A 1 11  ? -10.403 4.560   -10.659 1.00 25.74 ? 11  LYS A CG  1 
ATOM   94   C CD  . LYS A 1 11  ? -11.216 4.970   -11.912 1.00 28.01 ? 11  LYS A CD  1 
ATOM   95   C CE  . LYS A 1 11  ? -11.729 6.422   -11.799 1.00 30.00 ? 11  LYS A CE  1 
ATOM   96   N NZ  . LYS A 1 11  ? -12.668 6.769   -12.929 1.00 29.62 ? 11  LYS A NZ  1 
ATOM   97   N N   . ILE A 1 12  ? -9.854  2.117   -7.314  1.00 15.95 ? 12  ILE A N   1 
ATOM   98   C CA  . ILE A 1 12  ? -10.879 1.894   -6.295  1.00 14.64 ? 12  ILE A CA  1 
ATOM   99   C C   . ILE A 1 12  ? -10.720 3.074   -5.329  1.00 14.51 ? 12  ILE A C   1 
ATOM   100  O O   . ILE A 1 12  ? -9.642  3.692   -5.295  1.00 12.99 ? 12  ILE A O   1 
ATOM   101  C CB  . ILE A 1 12  ? -10.792 0.534   -5.551  1.00 16.29 ? 12  ILE A CB  1 
ATOM   102  C CG1 . ILE A 1 12  ? -9.496  0.401   -4.768  1.00 15.33 ? 12  ILE A CG1 1 
ATOM   103  C CG2 . ILE A 1 12  ? -11.007 -0.627  -6.531  1.00 16.21 ? 12  ILE A CG2 1 
ATOM   104  C CD1 . ILE A 1 12  ? -9.604  -0.658  -3.710  1.00 17.15 ? 12  ILE A CD1 1 
ATOM   105  N N   . THR A 1 13  ? -11.794 3.430   -4.615  1.00 13.45 ? 13  THR A N   1 
ATOM   106  C CA  . THR A 1 13  ? -11.764 4.564   -3.694  1.00 12.11 ? 13  THR A CA  1 
ATOM   107  C C   . THR A 1 13  ? -11.104 4.242   -2.372  1.00 12.62 ? 13  THR A C   1 
ATOM   108  O O   . THR A 1 13  ? -10.853 3.103   -2.030  1.00 11.25 ? 13  THR A O   1 
ATOM   109  C CB  . THR A 1 13  ? -13.169 5.101   -3.340  1.00 11.69 ? 13  THR A CB  1 
ATOM   110  O OG1 . THR A 1 13  ? -13.878 4.127   -2.571  1.00 11.77 ? 13  THR A OG1 1 
ATOM   111  C CG2 . THR A 1 13  ? -13.964 5.451   -4.598  1.00 13.37 ? 13  THR A CG2 1 
ATOM   112  N N   . ARG A 1 14  ? -10.878 5.298   -1.614  1.00 13.08 ? 14  ARG A N   1 
ATOM   113  C CA  . ARG A 1 14  ? -10.289 5.211   -0.300  1.00 13.11 ? 14  ARG A CA  1 
ATOM   114  C C   . ARG A 1 14  ? -11.235 4.436   0.621   1.00 12.34 ? 14  ARG A C   1 
ATOM   115  O O   . ARG A 1 14  ? -10.806 3.536   1.317   1.00 11.14 ? 14  ARG A O   1 
ATOM   116  C CB  . ARG A 1 14  ? -10.068 6.637   0.183   1.00 12.90 ? 14  ARG A CB  1 
ATOM   117  C CG  . ARG A 1 14  ? -9.538  6.772   1.540   1.00 16.15 ? 14  ARG A CG  1 
ATOM   118  C CD  . ARG A 1 14  ? -9.366  8.252   1.763   1.00 21.14 ? 14  ARG A CD  1 
ATOM   119  N NE  . ARG A 1 14  ? -8.896  8.401   3.098   1.00 24.63 ? 14  ARG A NE  1 
ATOM   120  C CZ  . ARG A 1 14  ? -7.620  8.506   3.398   1.00 25.59 ? 14  ARG A CZ  1 
ATOM   121  N NH1 . ARG A 1 14  ? -7.292  8.574   4.674   1.00 28.40 ? 14  ARG A NH1 1 
ATOM   122  N NH2 . ARG A 1 14  ? -6.707  8.670   2.440   1.00 25.95 ? 14  ARG A NH2 1 
ATOM   123  N N   . ARG A 1 15  ? -12.529 4.779   0.587   1.00 12.23 ? 15  ARG A N   1 
ATOM   124  C CA  . ARG A 1 15  ? -13.541 4.113   1.420   1.00 12.73 ? 15  ARG A CA  1 
ATOM   125  C C   . ARG A 1 15  ? -13.610 2.613   1.088   1.00 11.79 ? 15  ARG A C   1 
ATOM   126  O O   . ARG A 1 15  ? -13.734 1.768   1.970   1.00 12.23 ? 15  ARG A O   1 
ATOM   127  C CB  . ARG A 1 15  ? -14.937 4.736   1.201   1.00 12.65 ? 15  ARG A CB  1 
ATOM   128  C CG  . ARG A 1 15  ? -16.035 4.010   1.981   1.00 15.21 ? 15  ARG A CG  1 
ATOM   129  C CD  . ARG A 1 15  ? -17.379 4.746   1.958   1.00 18.49 ? 15  ARG A CD  1 
ATOM   130  N NE  . ARG A 1 15  ? -18.449 4.042   2.687   1.00 19.55 ? 15  ARG A NE  1 
ATOM   131  C CZ  . ARG A 1 15  ? -18.700 4.181   3.993   1.00 22.83 ? 15  ARG A CZ  1 
ATOM   132  N NH1 . ARG A 1 15  ? -17.958 5.005   4.733   1.00 22.96 ? 15  ARG A NH1 1 
ATOM   133  N NH2 . ARG A 1 15  ? -19.708 3.514   4.565   1.00 23.30 ? 15  ARG A NH2 1 
ATOM   134  N N   . GLU A 1 16  ? -13.546 2.304   -0.198  1.00 11.83 ? 16  GLU A N   1 
ATOM   135  C CA  . GLU A 1 16  ? -13.586 0.919   -0.660  1.00 12.36 ? 16  GLU A CA  1 
ATOM   136  C C   . GLU A 1 16  ? -12.353 0.153   -0.149  1.00 11.31 ? 16  GLU A C   1 
ATOM   137  O O   . GLU A 1 16  ? -12.488 -0.981  0.414   1.00 10.36 ? 16  GLU A O   1 
ATOM   138  C CB  . GLU A 1 16  ? -13.718 0.874   -2.198  1.00 14.46 ? 16  GLU A CB  1 
ATOM   139  C CG  . GLU A 1 16  ? -13.696 -0.522  -2.846  1.00 15.83 ? 16  GLU A CG  1 
ATOM   140  C CD  . GLU A 1 16  ? -14.784 -1.470  -2.341  1.00 19.17 ? 16  GLU A CD  1 
ATOM   141  O OE1 . GLU A 1 16  ? -14.750 -2.645  -2.769  1.00 21.68 ? 16  GLU A OE1 1 
ATOM   142  O OE2 . GLU A 1 16  ? -15.641 -1.095  -1.513  1.00 19.87 ? 16  GLU A OE2 1 
ATOM   143  N N   . SER A 1 17  ? -11.174 0.770   -0.254  1.00 9.93  ? 17  SER A N   1 
ATOM   144  C CA  . SER A 1 17  ? -9.979  0.108   0.257   1.00 9.99  ? 17  SER A CA  1 
ATOM   145  C C   . SER A 1 17  ? -10.142 -0.178  1.753   1.00 9.64  ? 17  SER A C   1 
ATOM   146  O O   . SER A 1 17  ? -9.720  -1.239  2.236   1.00 9.37  ? 17  SER A O   1 
ATOM   147  C CB  . SER A 1 17  ? -8.704  0.923   -0.045  1.00 10.56 ? 17  SER A CB  1 
ATOM   148  O OG  . SER A 1 17  ? -8.592  2.074   0.787   1.00 12.25 ? 17  SER A OG  1 
ATOM   149  N N   . GLU A 1 18  ? -10.791 0.728   2.492   1.00 8.77  ? 18  GLU A N   1 
ATOM   150  C CA  . GLU A 1 18  ? -10.984 0.520   3.916   1.00 10.57 ? 18  GLU A CA  1 
ATOM   151  C C   . GLU A 1 18  ? -11.992 -0.582  4.196   1.00 11.18 ? 18  GLU A C   1 
ATOM   152  O O   . GLU A 1 18  ? -11.843 -1.321  5.138   1.00 11.45 ? 18  GLU A O   1 
ATOM   153  C CB  . GLU A 1 18  ? -11.371 1.828   4.617   1.00 12.78 ? 18  GLU A CB  1 
ATOM   154  C CG  . GLU A 1 18  ? -10.253 2.860   4.492   1.00 14.49 ? 18  GLU A CG  1 
ATOM   155  C CD  . GLU A 1 18  ? -10.633 4.255   4.972   1.00 18.44 ? 18  GLU A CD  1 
ATOM   156  O OE1 . GLU A 1 18  ? -9.704  5.027   5.269   1.00 17.11 ? 18  GLU A OE1 1 
ATOM   157  O OE2 . GLU A 1 18  ? -11.826 4.602   5.057   1.00 18.57 ? 18  GLU A OE2 1 
ATOM   158  N N   . ARG A 1 19  ? -13.015 -0.683  3.358   1.00 11.74 ? 19  ARG A N   1 
ATOM   159  C CA  . ARG A 1 19  ? -14.028 -1.730  3.538   1.00 13.28 ? 19  ARG A CA  1 
ATOM   160  C C   . ARG A 1 19  ? -13.336 -3.121  3.396   1.00 11.96 ? 19  ARG A C   1 
ATOM   161  O O   . ARG A 1 19  ? -13.503 -4.005  4.240   1.00 12.40 ? 19  ARG A O   1 
ATOM   162  C CB  . ARG A 1 19  ? -15.159 -1.550  2.493   1.00 13.28 ? 19  ARG A CB  1 
ATOM   163  C CG  . ARG A 1 19  ? -16.385 -2.420  2.748   1.00 14.11 ? 19  ARG A CG  1 
ATOM   164  C CD  . ARG A 1 19  ? -17.382 -2.377  1.592   1.00 16.79 ? 19  ARG A CD  1 
ATOM   165  N NE  . ARG A 1 19  ? -16.822 -2.881  0.336   1.00 20.08 ? 19  ARG A NE  1 
ATOM   166  C CZ  . ARG A 1 19  ? -16.705 -4.169  0.025   1.00 20.74 ? 19  ARG A CZ  1 
ATOM   167  N NH1 . ARG A 1 19  ? -17.109 -5.106  0.880   1.00 21.73 ? 19  ARG A NH1 1 
ATOM   168  N NH2 . ARG A 1 19  ? -16.207 -4.525  -1.151  1.00 21.59 ? 19  ARG A NH2 1 
ATOM   169  N N   . LEU A 1 20  ? -12.511 -3.258  2.367   1.00 11.85 ? 20  LEU A N   1 
ATOM   170  C CA  . LEU A 1 20  ? -11.789 -4.490  2.107   1.00 12.70 ? 20  LEU A CA  1 
ATOM   171  C C   . LEU A 1 20  ? -10.786 -4.841  3.200   1.00 13.50 ? 20  LEU A C   1 
ATOM   172  O O   . LEU A 1 20  ? -10.688 -6.009  3.618   1.00 13.15 ? 20  LEU A O   1 
ATOM   173  C CB  . LEU A 1 20  ? -11.041 -4.414  0.772   1.00 13.84 ? 20  LEU A CB  1 
ATOM   174  C CG  . LEU A 1 20  ? -11.898 -4.235  -0.479  1.00 15.25 ? 20  LEU A CG  1 
ATOM   175  C CD1 . LEU A 1 20  ? -11.019 -4.322  -1.696  1.00 16.67 ? 20  LEU A CD1 1 
ATOM   176  C CD2 . LEU A 1 20  ? -12.998 -5.274  -0.519  1.00 16.52 ? 20  LEU A CD2 1 
ATOM   177  N N   . LEU A 1 21  ? -10.005 -3.861  3.648   1.00 12.73 ? 21  LEU A N   1 
ATOM   178  C CA  . LEU A 1 21  ? -8.991  -4.103  4.679   1.00 12.65 ? 21  LEU A CA  1 
ATOM   179  C C   . LEU A 1 21  ? -9.525  -4.305  6.096   1.00 13.15 ? 21  LEU A C   1 
ATOM   180  O O   . LEU A 1 21  ? -8.884  -4.969  6.894   1.00 14.23 ? 21  LEU A O   1 
ATOM   181  C CB  . LEU A 1 21  ? -7.923  -2.986  4.653   1.00 10.71 ? 21  LEU A CB  1 
ATOM   182  C CG  . LEU A 1 21  ? -7.052  -3.025  3.375   1.00 10.95 ? 21  LEU A CG  1 
ATOM   183  C CD1 . LEU A 1 21  ? -6.474  -1.646  3.052   1.00 9.62  ? 21  LEU A CD1 1 
ATOM   184  C CD2 . LEU A 1 21  ? -5.968  -4.121  3.482   1.00 8.83  ? 21  LEU A CD2 1 
ATOM   185  N N   . LEU A 1 22  ? -10.696 -3.747  6.403   1.00 13.88 ? 22  LEU A N   1 
ATOM   186  C CA  . LEU A 1 22  ? -11.261 -3.862  7.734   1.00 15.76 ? 22  LEU A CA  1 
ATOM   187  C C   . LEU A 1 22  ? -11.971 -5.187  7.895   1.00 17.57 ? 22  LEU A C   1 
ATOM   188  O O   . LEU A 1 22  ? -13.104 -5.247  8.300   1.00 19.94 ? 22  LEU A O   1 
ATOM   189  C CB  . LEU A 1 22  ? -12.203 -2.689  8.023   1.00 16.25 ? 22  LEU A CB  1 
ATOM   190  C CG  . LEU A 1 22  ? -11.527 -1.323  8.187   1.00 16.90 ? 22  LEU A CG  1 
ATOM   191  C CD1 . LEU A 1 22  ? -12.556 -0.227  8.189   1.00 16.02 ? 22  LEU A CD1 1 
ATOM   192  C CD2 . LEU A 1 22  ? -10.678 -1.316  9.462   1.00 17.59 ? 22  LEU A CD2 1 
ATOM   193  N N   . ASN A 1 23  ? -11.255 -6.257  7.600   1.00 19.21 ? 23  ASN A N   1 
ATOM   194  C CA  . ASN A 1 23  ? -11.806 -7.601  7.689   1.00 19.50 ? 23  ASN A CA  1 
ATOM   195  C C   . ASN A 1 23  ? -11.093 -8.298  8.829   1.00 18.65 ? 23  ASN A C   1 
ATOM   196  O O   . ASN A 1 23  ? -9.873  -8.393  8.828   1.00 17.70 ? 23  ASN A O   1 
ATOM   197  C CB  . ASN A 1 23  ? -11.568 -8.304  6.355   1.00 22.18 ? 23  ASN A CB  1 
ATOM   198  C CG  . ASN A 1 23  ? -12.040 -9.737  6.368   1.00 25.30 ? 23  ASN A CG  1 
ATOM   199  O OD1 . ASN A 1 23  ? -12.023 -10.401 7.397   1.00 23.90 ? 23  ASN A OD1 1 
ATOM   200  N ND2 . ASN A 1 23  ? -12.473 -10.218 5.212   1.00 27.93 ? 23  ASN A ND2 1 
ATOM   201  N N   . ALA A 1 24  ? -11.863 -8.780  9.799   1.00 19.02 ? 24  ALA A N   1 
ATOM   202  C CA  . ALA A 1 24  ? -11.344 -9.436  11.002  1.00 20.07 ? 24  ALA A CA  1 
ATOM   203  C C   . ALA A 1 24  ? -10.316 -10.538 10.788  1.00 20.04 ? 24  ALA A C   1 
ATOM   204  O O   . ALA A 1 24  ? -9.503  -10.805 11.660  1.00 20.62 ? 24  ALA A O   1 
ATOM   205  C CB  . ALA A 1 24  ? -12.497 -9.956  11.878  1.00 21.70 ? 24  ALA A CB  1 
ATOM   206  N N   . GLU A 1 25  ? -10.360 -11.169 9.620   1.00 19.69 ? 25  GLU A N   1 
ATOM   207  C CA  . GLU A 1 25  ? -9.419  -12.233 9.323   1.00 19.92 ? 25  GLU A CA  1 
ATOM   208  C C   . GLU A 1 25  ? -8.122  -11.704 8.763   1.00 17.84 ? 25  GLU A C   1 
ATOM   209  O O   . GLU A 1 25  ? -7.178  -12.489 8.551   1.00 17.50 ? 25  GLU A O   1 
ATOM   210  C CB  . GLU A 1 25  ? -10.041 -13.237 8.353   1.00 22.78 ? 25  GLU A CB  1 
ATOM   211  C CG  . GLU A 1 25  ? -11.032 -14.165 9.057   1.00 28.40 ? 25  GLU A CG  1 
ATOM   212  C CD  . GLU A 1 25  ? -11.834 -14.997 8.073   1.00 31.04 ? 25  GLU A CD  1 
ATOM   213  O OE1 . GLU A 1 25  ? -11.256 -15.426 7.058   1.00 33.50 ? 25  GLU A OE1 1 
ATOM   214  O OE2 . GLU A 1 25  ? -13.054 -15.200 8.312   1.00 32.13 ? 25  GLU A OE2 1 
ATOM   215  N N   . ASN A 1 26  ? -8.053  -10.394 8.503   1.00 14.64 ? 26  ASN A N   1 
ATOM   216  C CA  . ASN A 1 26  ? -6.817  -9.818  7.957   1.00 13.31 ? 26  ASN A CA  1 
ATOM   217  C C   . ASN A 1 26  ? -5.751  -9.604  9.032   1.00 12.23 ? 26  ASN A C   1 
ATOM   218  O O   . ASN A 1 26  ? -5.995  -8.895  10.005  1.00 11.14 ? 26  ASN A O   1 
ATOM   219  C CB  . ASN A 1 26  ? -7.065  -8.460  7.277   1.00 11.34 ? 26  ASN A CB  1 
ATOM   220  C CG  . ASN A 1 26  ? -7.809  -8.580  5.971   1.00 11.83 ? 26  ASN A CG  1 
ATOM   221  O OD1 . ASN A 1 26  ? -7.811  -9.632  5.338   1.00 12.35 ? 26  ASN A OD1 1 
ATOM   222  N ND2 . ASN A 1 26  ? -8.421  -7.487  5.537   1.00 10.73 ? 26  ASN A ND2 1 
ATOM   223  N N   . PRO A 1 27  ? -4.607  -10.304 8.927   1.00 11.39 ? 27  PRO A N   1 
ATOM   224  C CA  . PRO A 1 27  ? -3.579  -10.063 9.948   1.00 11.46 ? 27  PRO A CA  1 
ATOM   225  C C   . PRO A 1 27  ? -2.883  -8.714  9.573   1.00 10.37 ? 27  PRO A C   1 
ATOM   226  O O   . PRO A 1 27  ? -3.154  -8.131  8.467   1.00 10.19 ? 27  PRO A O   1 
ATOM   227  C CB  . PRO A 1 27  ? -2.623  -11.267 9.776   1.00 11.95 ? 27  PRO A CB  1 
ATOM   228  C CG  . PRO A 1 27  ? -2.717  -11.611 8.368   1.00 14.77 ? 27  PRO A CG  1 
ATOM   229  C CD  . PRO A 1 27  ? -4.207  -11.384 8.004   1.00 13.79 ? 27  PRO A CD  1 
ATOM   230  N N   . ARG A 1 28  ? -2.016  -8.210  10.450  1.00 8.94  ? 28  ARG A N   1 
ATOM   231  C CA  . ARG A 1 28  ? -1.306  -6.960  10.188  1.00 8.93  ? 28  ARG A CA  1 
ATOM   232  C C   . ARG A 1 28  ? -0.482  -7.047  8.919   1.00 8.11  ? 28  ARG A C   1 
ATOM   233  O O   . ARG A 1 28  ? 0.123   -8.065  8.655   1.00 9.17  ? 28  ARG A O   1 
ATOM   234  C CB  . ARG A 1 28  ? -0.391  -6.645  11.356  1.00 8.55  ? 28  ARG A CB  1 
ATOM   235  C CG  . ARG A 1 28  ? -1.159  -6.384  12.611  1.00 12.02 ? 28  ARG A CG  1 
ATOM   236  C CD  . ARG A 1 28  ? -0.217  -6.001  13.684  1.00 17.01 ? 28  ARG A CD  1 
ATOM   237  N NE  . ARG A 1 28  ? 0.283   -7.188  14.351  1.00 24.77 ? 28  ARG A NE  1 
ATOM   238  C CZ  . ARG A 1 28  ? 1.420   -7.233  15.045  1.00 29.59 ? 28  ARG A CZ  1 
ATOM   239  N NH1 . ARG A 1 28  ? 2.193   -6.136  15.144  1.00 30.06 ? 28  ARG A NH1 1 
ATOM   240  N NH2 . ARG A 1 28  ? 1.720   -8.338  15.744  1.00 30.22 ? 28  ARG A NH2 1 
ATOM   241  N N   . GLY A 1 29  ? -0.434  -5.968  8.148   1.00 6.92  ? 29  GLY A N   1 
ATOM   242  C CA  . GLY A 1 29  ? 0.328   -6.004  6.919   1.00 7.50  ? 29  GLY A CA  1 
ATOM   243  C C   . GLY A 1 29  ? -0.432  -6.391  5.667   1.00 5.59  ? 29  GLY A C   1 
ATOM   244  O O   . GLY A 1 29  ? 0.133   -6.343  4.576   1.00 7.24  ? 29  GLY A O   1 
ATOM   245  N N   . THR A 1 30  ? -1.707  -6.763  5.804   1.00 5.61  ? 30  THR A N   1 
ATOM   246  C CA  . THR A 1 30  ? -2.521  -7.085  4.632   1.00 6.12  ? 30  THR A CA  1 
ATOM   247  C C   . THR A 1 30  ? -2.562  -5.774  3.828   1.00 7.31  ? 30  THR A C   1 
ATOM   248  O O   . THR A 1 30  ? -2.721  -4.706  4.419   1.00 8.02  ? 30  THR A O   1 
ATOM   249  C CB  . THR A 1 30  ? -3.930  -7.581  5.044   1.00 6.28  ? 30  THR A CB  1 
ATOM   250  O OG1 . THR A 1 30  ? -3.801  -8.789  5.830   1.00 7.86  ? 30  THR A OG1 1 
ATOM   251  C CG2 . THR A 1 30  ? -4.778  -7.868  3.803   1.00 6.58  ? 30  THR A CG2 1 
ATOM   252  N N   . PHE A 1 31  ? -2.463  -5.842  2.501   1.00 5.94  ? 31  PHE A N   1 
ATOM   253  C CA  . PHE A 1 31  ? -2.375  -4.637  1.729   1.00 6.77  ? 31  PHE A CA  1 
ATOM   254  C C   . PHE A 1 31  ? -2.876  -4.702  0.308   1.00 8.73  ? 31  PHE A C   1 
ATOM   255  O O   . PHE A 1 31  ? -3.188  -5.773  -0.222  1.00 9.06  ? 31  PHE A O   1 
ATOM   256  C CB  . PHE A 1 31  ? -0.895  -4.212  1.677   1.00 6.98  ? 31  PHE A CB  1 
ATOM   257  C CG  . PHE A 1 31  ? -0.050  -5.066  0.743   1.00 7.68  ? 31  PHE A CG  1 
ATOM   258  C CD1 . PHE A 1 31  ? 0.231   -4.624  -0.559  1.00 6.96  ? 31  PHE A CD1 1 
ATOM   259  C CD2 . PHE A 1 31  ? 0.416   -6.333  1.150   1.00 7.63  ? 31  PHE A CD2 1 
ATOM   260  C CE1 . PHE A 1 31  ? 0.959   -5.426  -1.463  1.00 7.91  ? 31  PHE A CE1 1 
ATOM   261  C CE2 . PHE A 1 31  ? 1.149   -7.149  0.256   1.00 7.31  ? 31  PHE A CE2 1 
ATOM   262  C CZ  . PHE A 1 31  ? 1.420   -6.699  -1.046  1.00 6.50  ? 31  PHE A CZ  1 
ATOM   263  N N   . LEU A 1 32  ? -2.914  -3.524  -0.319  1.00 8.50  ? 32  LEU A N   1 
ATOM   264  C CA  . LEU A 1 32  ? -3.292  -3.349  -1.719  1.00 8.63  ? 32  LEU A CA  1 
ATOM   265  C C   . LEU A 1 32  ? -2.699  -1.999  -2.170  1.00 8.71  ? 32  LEU A C   1 
ATOM   266  O O   . LEU A 1 32  ? -2.382  -1.153  -1.317  1.00 8.05  ? 32  LEU A O   1 
ATOM   267  C CB  . LEU A 1 32  ? -4.826  -3.361  -1.879  1.00 7.88  ? 32  LEU A CB  1 
ATOM   268  C CG  . LEU A 1 32  ? -5.647  -2.279  -1.164  1.00 9.20  ? 32  LEU A CG  1 
ATOM   269  C CD1 . LEU A 1 32  ? -5.799  -1.049  -2.092  1.00 8.25  ? 32  LEU A CD1 1 
ATOM   270  C CD2 . LEU A 1 32  ? -7.046  -2.799  -0.765  1.00 11.67 ? 32  LEU A CD2 1 
ATOM   271  N N   . VAL A 1 33  ? -2.496  -1.829  -3.476  1.00 7.83  ? 33  VAL A N   1 
ATOM   272  C CA  . VAL A 1 33  ? -2.003  -0.580  -4.059  1.00 8.04  ? 33  VAL A CA  1 
ATOM   273  C C   . VAL A 1 33  ? -3.115  -0.137  -5.001  1.00 9.10  ? 33  VAL A C   1 
ATOM   274  O O   . VAL A 1 33  ? -3.693  -0.958  -5.727  1.00 10.15 ? 33  VAL A O   1 
ATOM   275  C CB  . VAL A 1 33  ? -0.686  -0.790  -4.822  1.00 6.85  ? 33  VAL A CB  1 
ATOM   276  C CG1 . VAL A 1 33  ? -0.309  0.441   -5.607  1.00 8.24  ? 33  VAL A CG1 1 
ATOM   277  C CG2 . VAL A 1 33  ? 0.416   -1.165  -3.837  1.00 6.81  ? 33  VAL A CG2 1 
ATOM   278  N N   . ARG A 1 34  ? -3.490  1.128   -4.921  1.00 8.58  ? 34  ARG A N   1 
ATOM   279  C CA  . ARG A 1 34  ? -4.546  1.689   -5.766  1.00 8.99  ? 34  ARG A CA  1 
ATOM   280  C C   . ARG A 1 34  ? -4.086  3.051   -6.297  1.00 10.15 ? 34  ARG A C   1 
ATOM   281  O O   . ARG A 1 34  ? -3.030  3.584   -5.890  1.00 9.22  ? 34  ARG A O   1 
ATOM   282  C CB  . ARG A 1 34  ? -5.821  1.888   -4.948  1.00 8.24  ? 34  ARG A CB  1 
ATOM   283  C CG  . ARG A 1 34  ? -5.623  2.776   -3.680  1.00 10.51 ? 34  ARG A CG  1 
ATOM   284  C CD  . ARG A 1 34  ? -6.902  3.054   -2.942  1.00 11.03 ? 34  ARG A CD  1 
ATOM   285  N NE  . ARG A 1 34  ? -6.690  3.762   -1.673  1.00 13.74 ? 34  ARG A NE  1 
ATOM   286  C CZ  . ARG A 1 34  ? -6.715  5.102   -1.527  1.00 13.01 ? 34  ARG A CZ  1 
ATOM   287  N NH1 . ARG A 1 34  ? -6.522  5.628   -0.323  1.00 10.25 ? 34  ARG A NH1 1 
ATOM   288  N NH2 . ARG A 1 34  ? -6.961  5.905   -2.562  1.00 11.25 ? 34  ARG A NH2 1 
ATOM   289  N N   . GLU A 1 35  ? -4.842  3.602   -7.232  1.00 11.65 ? 35  GLU A N   1 
ATOM   290  C CA  . GLU A 1 35  ? -4.556  4.935   -7.752  1.00 13.67 ? 35  GLU A CA  1 
ATOM   291  C C   . GLU A 1 35  ? -4.963  5.944   -6.681  1.00 14.03 ? 35  GLU A C   1 
ATOM   292  O O   . GLU A 1 35  ? -5.843  5.678   -5.866  1.00 13.69 ? 35  GLU A O   1 
ATOM   293  C CB  . GLU A 1 35  ? -5.435  5.236   -8.942  1.00 15.31 ? 35  GLU A CB  1 
ATOM   294  C CG  . GLU A 1 35  ? -5.058  4.536   -10.201 1.00 18.51 ? 35  GLU A CG  1 
ATOM   295  C CD  . GLU A 1 35  ? -5.884  5.016   -11.364 1.00 21.35 ? 35  GLU A CD  1 
ATOM   296  O OE1 . GLU A 1 35  ? -5.567  4.606   -12.496 1.00 22.32 ? 35  GLU A OE1 1 
ATOM   297  O OE2 . GLU A 1 35  ? -6.845  5.807   -11.153 1.00 22.93 ? 35  GLU A OE2 1 
ATOM   298  N N   . SER A 1 36  ? -4.316  7.100   -6.682  1.00 16.16 ? 36  SER A N   1 
ATOM   299  C CA  . SER A 1 36  ? -4.673  8.175   -5.763  1.00 17.72 ? 36  SER A CA  1 
ATOM   300  C C   . SER A 1 36  ? -6.024  8.746   -6.276  1.00 18.74 ? 36  SER A C   1 
ATOM   301  O O   . SER A 1 36  ? -6.266  8.781   -7.473  1.00 18.20 ? 36  SER A O   1 
ATOM   302  C CB  . SER A 1 36  ? -3.578  9.273   -5.798  1.00 18.92 ? 36  SER A CB  1 
ATOM   303  O OG  . SER A 1 36  ? -4.012  10.499  -5.220  1.00 20.16 ? 36  SER A OG  1 
ATOM   304  N N   . GLU A 1 37  ? -6.914  9.120   -5.373  1.00 19.49 ? 37  GLU A N   1 
ATOM   305  C CA  . GLU A 1 37  ? -8.196  9.708   -5.767  1.00 24.14 ? 37  GLU A CA  1 
ATOM   306  C C   . GLU A 1 37  ? -8.025  11.153  -6.271  1.00 27.30 ? 37  GLU A C   1 
ATOM   307  O O   . GLU A 1 37  ? -8.861  11.670  -7.002  1.00 28.21 ? 37  GLU A O   1 
ATOM   308  C CB  . GLU A 1 37  ? -9.148  9.777   -4.568  1.00 23.88 ? 37  GLU A CB  1 
ATOM   309  C CG  . GLU A 1 37  ? -9.821  8.483   -4.140  1.00 23.31 ? 37  GLU A CG  1 
ATOM   310  C CD  . GLU A 1 37  ? -10.843 8.723   -3.043  1.00 25.22 ? 37  GLU A CD  1 
ATOM   311  O OE1 . GLU A 1 37  ? -10.978 9.874   -2.584  1.00 25.60 ? 37  GLU A OE1 1 
ATOM   312  O OE2 . GLU A 1 37  ? -11.536 7.777   -2.621  1.00 24.79 ? 37  GLU A OE2 1 
ATOM   313  N N   . THR A 1 38  ? -6.942  11.806  -5.872  1.00 30.10 ? 38  THR A N   1 
ATOM   314  C CA  . THR A 1 38  ? -6.765  13.202  -6.227  1.00 33.51 ? 38  THR A CA  1 
ATOM   315  C C   . THR A 1 38  ? -5.443  13.627  -6.877  1.00 33.46 ? 38  THR A C   1 
ATOM   316  O O   . THR A 1 38  ? -5.376  14.668  -7.544  1.00 35.43 ? 38  THR A O   1 
ATOM   317  C CB  . THR A 1 38  ? -7.066  14.099  -4.960  1.00 35.39 ? 38  THR A CB  1 
ATOM   318  O OG1 . THR A 1 38  ? -6.383  13.561  -3.790  1.00 36.45 ? 38  THR A OG1 1 
ATOM   319  C CG2 . THR A 1 38  ? -8.620  14.197  -4.728  1.00 35.37 ? 38  THR A CG2 1 
ATOM   320  N N   . THR A 1 39  ? -4.386  12.850  -6.710  1.00 32.91 ? 39  THR A N   1 
ATOM   321  C CA  . THR A 1 39  ? -3.125  13.253  -7.316  1.00 31.28 ? 39  THR A CA  1 
ATOM   322  C C   . THR A 1 39  ? -2.825  12.434  -8.539  1.00 30.76 ? 39  THR A C   1 
ATOM   323  O O   . THR A 1 39  ? -2.501  11.266  -8.445  1.00 29.30 ? 39  THR A O   1 
ATOM   324  C CB  . THR A 1 39  ? -1.966  13.122  -6.340  1.00 31.66 ? 39  THR A CB  1 
ATOM   325  O OG1 . THR A 1 39  ? -2.326  13.749  -5.101  1.00 32.63 ? 39  THR A OG1 1 
ATOM   326  C CG2 . THR A 1 39  ? -0.710  13.752  -6.922  1.00 31.16 ? 39  THR A CG2 1 
ATOM   327  N N   . LYS A 1 40  ? -2.938  13.063  -9.699  1.00 30.26 ? 40  LYS A N   1 
ATOM   328  C CA  . LYS A 1 40  ? -2.657  12.362  -10.938 1.00 31.36 ? 40  LYS A CA  1 
ATOM   329  C C   . LYS A 1 40  ? -1.252  11.762  -10.862 1.00 29.64 ? 40  LYS A C   1 
ATOM   330  O O   . LYS A 1 40  ? -0.337  12.356  -10.292 1.00 29.78 ? 40  LYS A O   1 
ATOM   331  C CB  . LYS A 1 40  ? -2.780  13.307  -12.159 1.00 34.39 ? 40  LYS A CB  1 
ATOM   332  C CG  . LYS A 1 40  ? -1.590  14.280  -12.376 1.00 38.51 ? 40  LYS A CG  1 
ATOM   333  C CD  . LYS A 1 40  ? -1.501  15.344  -11.264 1.00 41.26 ? 40  LYS A CD  1 
ATOM   334  C CE  . LYS A 1 40  ? -0.153  15.313  -10.522 1.00 42.93 ? 40  LYS A CE  1 
ATOM   335  N NZ  . LYS A 1 40  ? -0.196  16.130  -9.255  1.00 44.14 ? 40  LYS A NZ  1 
ATOM   336  N N   . GLY A 1 41  ? -1.126  10.532  -11.338 1.00 28.18 ? 41  GLY A N   1 
ATOM   337  C CA  . GLY A 1 41  ? 0.163   9.874   -11.356 1.00 26.55 ? 41  GLY A CA  1 
ATOM   338  C C   . GLY A 1 41  ? 0.695   9.394   -10.026 1.00 25.41 ? 41  GLY A C   1 
ATOM   339  O O   . GLY A 1 41  ? 1.847   8.898   -9.986  1.00 27.69 ? 41  GLY A O   1 
ATOM   340  N N   . ALA A 1 42  ? -0.058  9.584   -8.942  1.00 21.63 ? 42  ALA A N   1 
ATOM   341  C CA  . ALA A 1 42  ? 0.381   9.110   -7.635  1.00 18.27 ? 42  ALA A CA  1 
ATOM   342  C C   . ALA A 1 42  ? -0.453  7.875   -7.277  1.00 16.09 ? 42  ALA A C   1 
ATOM   343  O O   . ALA A 1 42  ? -1.497  7.681   -7.814  1.00 17.92 ? 42  ALA A O   1 
ATOM   344  C CB  . ALA A 1 42  ? 0.223   10.205  -6.582  1.00 17.26 ? 42  ALA A CB  1 
ATOM   345  N N   . TYR A 1 43  ? 0.070   6.998   -6.437  1.00 14.11 ? 43  TYR A N   1 
ATOM   346  C CA  . TYR A 1 43  ? -0.661  5.801   -6.007  1.00 12.86 ? 43  TYR A CA  1 
ATOM   347  C C   . TYR A 1 43  ? -0.757  5.831   -4.499  1.00 11.69 ? 43  TYR A C   1 
ATOM   348  O O   . TYR A 1 43  ? -0.200  6.688   -3.850  1.00 10.26 ? 43  TYR A O   1 
ATOM   349  C CB  . TYR A 1 43  ? 0.096   4.531   -6.371  1.00 15.14 ? 43  TYR A CB  1 
ATOM   350  C CG  . TYR A 1 43  ? 0.418   4.413   -7.828  1.00 18.50 ? 43  TYR A CG  1 
ATOM   351  C CD1 . TYR A 1 43  ? 1.665   4.827   -8.316  1.00 20.62 ? 43  TYR A CD1 1 
ATOM   352  C CD2 . TYR A 1 43  ? -0.515  3.908   -8.721  1.00 18.95 ? 43  TYR A CD2 1 
ATOM   353  C CE1 . TYR A 1 43  ? 1.983   4.744   -9.671  1.00 23.98 ? 43  TYR A CE1 1 
ATOM   354  C CE2 . TYR A 1 43  ? -0.209  3.811   -10.083 1.00 23.71 ? 43  TYR A CE2 1 
ATOM   355  C CZ  . TYR A 1 43  ? 1.046   4.234   -10.549 1.00 24.26 ? 43  TYR A CZ  1 
ATOM   356  O OH  . TYR A 1 43  ? 1.364   4.135   -11.888 1.00 28.35 ? 43  TYR A OH  1 
ATOM   357  N N   . CYS A 1 44  ? -1.434  4.847   -3.934  1.00 10.76 ? 44  CYS A N   1 
ATOM   358  C CA  . CYS A 1 44  ? -1.564  4.780   -2.516  1.00 9.83  ? 44  CYS A CA  1 
ATOM   359  C C   . CYS A 1 44  ? -1.436  3.342   -2.105  1.00 10.32 ? 44  CYS A C   1 
ATOM   360  O O   . CYS A 1 44  ? -1.976  2.461   -2.777  1.00 9.60  ? 44  CYS A O   1 
ATOM   361  C CB  . CYS A 1 44  ? -2.931  5.287   -2.076  1.00 9.34  ? 44  CYS A CB  1 
ATOM   362  S SG  . CYS A 1 44  ? -3.226  5.034   -0.327  1.00 12.61 ? 44  CYS A SG  1 
ATOM   363  N N   . LEU A 1 45  ? -0.605  3.113   -1.094  1.00 9.31  ? 45  LEU A N   1 
ATOM   364  C CA  . LEU A 1 45  ? -0.412  1.792   -0.491  1.00 8.65  ? 45  LEU A CA  1 
ATOM   365  C C   . LEU A 1 45  ? -1.320  1.771   0.748   1.00 9.17  ? 45  LEU A C   1 
ATOM   366  O O   . LEU A 1 45  ? -1.042  2.510   1.710   1.00 8.12  ? 45  LEU A O   1 
ATOM   367  C CB  . LEU A 1 45  ? 1.055   1.592   -0.077  1.00 8.58  ? 45  LEU A CB  1 
ATOM   368  C CG  . LEU A 1 45  ? 1.410   0.379   0.808   1.00 6.95  ? 45  LEU A CG  1 
ATOM   369  C CD1 . LEU A 1 45  ? 1.115   -0.943  0.032   1.00 5.56  ? 45  LEU A CD1 1 
ATOM   370  C CD2 . LEU A 1 45  ? 2.905   0.425   1.206   1.00 8.45  ? 45  LEU A CD2 1 
ATOM   371  N N   . SER A 1 46  ? -2.427  1.013   0.720   1.00 5.86  ? 46  SER A N   1 
ATOM   372  C CA  . SER A 1 46  ? -3.305  0.942   1.882   1.00 7.18  ? 46  SER A CA  1 
ATOM   373  C C   . SER A 1 46  ? -2.968  -0.312  2.668   1.00 8.30  ? 46  SER A C   1 
ATOM   374  O O   . SER A 1 46  ? -2.899  -1.425  2.104   1.00 7.99  ? 46  SER A O   1 
ATOM   375  C CB  . SER A 1 46  ? -4.747  0.974   1.457   1.00 6.77  ? 46  SER A CB  1 
ATOM   376  O OG  . SER A 1 46  ? -4.941  2.141   0.707   1.00 9.33  ? 46  SER A OG  1 
ATOM   377  N N   . VAL A 1 47  ? -2.767  -0.153  3.973   1.00 6.81  ? 47  VAL A N   1 
ATOM   378  C CA  . VAL A 1 47  ? -2.287  -1.260  4.815   1.00 9.05  ? 47  VAL A CA  1 
ATOM   379  C C   . VAL A 1 47  ? -3.116  -1.491  6.085   1.00 8.58  ? 47  VAL A C   1 
ATOM   380  O O   . VAL A 1 47  ? -3.540  -0.527  6.755   1.00 8.80  ? 47  VAL A O   1 
ATOM   381  C CB  . VAL A 1 47  ? -0.783  -1.004  5.210   1.00 6.73  ? 47  VAL A CB  1 
ATOM   382  C CG1 . VAL A 1 47  ? -0.189  -2.209  5.936   1.00 7.99  ? 47  VAL A CG1 1 
ATOM   383  C CG2 . VAL A 1 47  ? 0.060   -0.657  3.995   1.00 7.20  ? 47  VAL A CG2 1 
ATOM   384  N N   . SER A 1 48  ? -3.399  -2.761  6.406   1.00 8.28  ? 48  SER A N   1 
ATOM   385  C CA  . SER A 1 48  ? -4.157  -3.031  7.621   1.00 9.41  ? 48  SER A CA  1 
ATOM   386  C C   . SER A 1 48  ? -3.171  -3.122  8.785   1.00 9.23  ? 48  SER A C   1 
ATOM   387  O O   . SER A 1 48  ? -1.993  -3.485  8.611   1.00 7.11  ? 48  SER A O   1 
ATOM   388  C CB  . SER A 1 48  ? -5.013  -4.328  7.521   1.00 10.11 ? 48  SER A CB  1 
ATOM   389  O OG  . SER A 1 48  ? -4.221  -5.509  7.612   1.00 10.34 ? 48  SER A OG  1 
ATOM   390  N N   . ASP A 1 49  ? -3.648  -2.718  9.958   1.00 10.90 ? 49  ASP A N   1 
ATOM   391  C CA  . ASP A 1 49  ? -2.852  -2.768  11.181  1.00 12.75 ? 49  ASP A CA  1 
ATOM   392  C C   . ASP A 1 49  ? -3.760  -3.204  12.322  1.00 12.53 ? 49  ASP A C   1 
ATOM   393  O O   . ASP A 1 49  ? -5.013  -3.255  12.175  1.00 12.32 ? 49  ASP A O   1 
ATOM   394  C CB  . ASP A 1 49  ? -2.257  -1.389  11.494  1.00 14.63 ? 49  ASP A CB  1 
ATOM   395  C CG  . ASP A 1 49  ? -1.163  -1.436  12.566  1.00 17.92 ? 49  ASP A CG  1 
ATOM   396  O OD1 . ASP A 1 49  ? -0.570  -2.522  12.863  1.00 16.60 ? 49  ASP A OD1 1 
ATOM   397  O OD2 . ASP A 1 49  ? -0.853  -0.335  13.081  1.00 17.99 ? 49  ASP A OD2 1 
ATOM   398  N N   . PHE A 1 50  ? -3.137  -3.555  13.441  1.00 12.00 ? 50  PHE A N   1 
ATOM   399  C CA  . PHE A 1 50  ? -3.878  -3.969  14.603  1.00 14.23 ? 50  PHE A CA  1 
ATOM   400  C C   . PHE A 1 50  ? -3.060  -3.752  15.871  1.00 14.83 ? 50  PHE A C   1 
ATOM   401  O O   . PHE A 1 50  ? -1.872  -4.134  15.928  1.00 15.98 ? 50  PHE A O   1 
ATOM   402  C CB  . PHE A 1 50  ? -4.261  -5.480  14.508  1.00 12.84 ? 50  PHE A CB  1 
ATOM   403  C CG  . PHE A 1 50  ? -5.046  -5.993  15.700  1.00 11.25 ? 50  PHE A CG  1 
ATOM   404  C CD1 . PHE A 1 50  ? -4.388  -6.365  16.890  1.00 11.52 ? 50  PHE A CD1 1 
ATOM   405  C CD2 . PHE A 1 50  ? -6.435  -5.986  15.676  1.00 11.24 ? 50  PHE A CD2 1 
ATOM   406  C CE1 . PHE A 1 50  ? -5.111  -6.717  18.032  1.00 11.77 ? 50  PHE A CE1 1 
ATOM   407  C CE2 . PHE A 1 50  ? -7.175  -6.335  16.812  1.00 12.02 ? 50  PHE A CE2 1 
ATOM   408  C CZ  . PHE A 1 50  ? -6.506  -6.691  17.997  1.00 12.32 ? 50  PHE A CZ  1 
ATOM   409  N N   . ASP A 1 51  ? -3.672  -3.114  16.865  1.00 15.53 ? 51  ASP A N   1 
ATOM   410  C CA  . ASP A 1 51  ? -3.038  -3.003  18.179  1.00 16.79 ? 51  ASP A CA  1 
ATOM   411  C C   . ASP A 1 51  ? -4.098  -2.900  19.244  1.00 17.11 ? 51  ASP A C   1 
ATOM   412  O O   . ASP A 1 51  ? -5.298  -2.761  18.938  1.00 17.39 ? 51  ASP A O   1 
ATOM   413  C CB  . ASP A 1 51  ? -1.917  -1.929  18.304  1.00 18.69 ? 51  ASP A CB  1 
ATOM   414  C CG  . ASP A 1 51  ? -2.392  -0.494  18.066  1.00 19.76 ? 51  ASP A CG  1 
ATOM   415  O OD1 . ASP A 1 51  ? -1.635  0.279   17.437  1.00 19.62 ? 51  ASP A OD1 1 
ATOM   416  O OD2 . ASP A 1 51  ? -3.467  -0.118  18.539  1.00 20.96 ? 51  ASP A OD2 1 
ATOM   417  N N   . ASN A 1 52  ? -3.678  -3.058  20.489  1.00 18.13 ? 52  ASN A N   1 
ATOM   418  C CA  . ASN A 1 52  ? -4.618  -2.996  21.597  1.00 20.76 ? 52  ASN A CA  1 
ATOM   419  C C   . ASN A 1 52  ? -5.243  -1.612  21.820  1.00 21.29 ? 52  ASN A C   1 
ATOM   420  O O   . ASN A 1 52  ? -6.343  -1.516  22.345  1.00 22.58 ? 52  ASN A O   1 
ATOM   421  C CB  . ASN A 1 52  ? -3.970  -3.547  22.883  1.00 22.02 ? 52  ASN A CB  1 
ATOM   422  C CG  . ASN A 1 52  ? -3.809  -5.084  22.843  1.00 24.14 ? 52  ASN A CG  1 
ATOM   423  O OD1 . ASN A 1 52  ? -4.338  -5.773  21.922  1.00 23.91 ? 52  ASN A OD1 1 
ATOM   424  N ND2 . ASN A 1 52  ? -3.086  -5.630  23.812  1.00 22.13 ? 52  ASN A ND2 1 
ATOM   425  N N   . ALA A 1 53  ? -4.565  -0.560  21.361  1.00 20.67 ? 53  ALA A N   1 
ATOM   426  C CA  . ALA A 1 53  ? -5.067  0.802   21.523  1.00 21.07 ? 53  ALA A CA  1 
ATOM   427  C C   . ALA A 1 53  ? -6.133  1.096   20.504  1.00 21.40 ? 53  ALA A C   1 
ATOM   428  O O   . ALA A 1 53  ? -7.247  1.483   20.852  1.00 21.89 ? 53  ALA A O   1 
ATOM   429  C CB  . ALA A 1 53  ? -3.934  1.824   21.393  1.00 18.82 ? 53  ALA A CB  1 
ATOM   430  N N   . LYS A 1 54  ? -5.819  0.802   19.249  1.00 21.47 ? 54  LYS A N   1 
ATOM   431  C CA  . LYS A 1 54  ? -6.732  1.090   18.141  1.00 23.40 ? 54  LYS A CA  1 
ATOM   432  C C   . LYS A 1 54  ? -7.519  -0.108  17.572  1.00 22.43 ? 54  LYS A C   1 
ATOM   433  O O   . LYS A 1 54  ? -8.483  0.096   16.791  1.00 23.12 ? 54  LYS A O   1 
ATOM   434  C CB  . LYS A 1 54  ? -5.949  1.728   16.972  1.00 25.07 ? 54  LYS A CB  1 
ATOM   435  C CG  . LYS A 1 54  ? -5.083  2.922   17.334  1.00 29.14 ? 54  LYS A CG  1 
ATOM   436  C CD  . LYS A 1 54  ? -4.528  3.573   16.069  1.00 30.73 ? 54  LYS A CD  1 
ATOM   437  C CE  . LYS A 1 54  ? -4.137  5.003   16.363  1.00 32.49 ? 54  LYS A CE  1 
ATOM   438  N NZ  . LYS A 1 54  ? -4.315  5.861   15.158  1.00 35.51 ? 54  LYS A NZ  1 
ATOM   439  N N   . GLY A 1 55  ? -7.083  -1.325  17.893  1.00 19.44 ? 55  GLY A N   1 
ATOM   440  C CA  . GLY A 1 55  ? -7.719  -2.491  17.328  1.00 17.15 ? 55  GLY A CA  1 
ATOM   441  C C   . GLY A 1 55  ? -7.396  -2.517  15.830  1.00 14.39 ? 55  GLY A C   1 
ATOM   442  O O   . GLY A 1 55  ? -6.347  -2.010  15.417  1.00 12.61 ? 55  GLY A O   1 
ATOM   443  N N   . LEU A 1 56  ? -8.312  -3.083  15.031  1.00 13.32 ? 56  LEU A N   1 
ATOM   444  C CA  . LEU A 1 56  ? -8.109  -3.174  13.575  1.00 13.77 ? 56  LEU A CA  1 
ATOM   445  C C   . LEU A 1 56  ? -8.275  -1.810  12.903  1.00 12.49 ? 56  LEU A C   1 
ATOM   446  O O   . LEU A 1 56  ? -9.298  -1.160  13.061  1.00 13.11 ? 56  LEU A O   1 
ATOM   447  C CB  . LEU A 1 56  ? -9.082  -4.198  12.940  1.00 15.73 ? 56  LEU A CB  1 
ATOM   448  C CG  . LEU A 1 56  ? -8.991  -4.465  11.422  1.00 16.53 ? 56  LEU A CG  1 
ATOM   449  C CD1 . LEU A 1 56  ? -7.669  -5.154  11.093  1.00 16.66 ? 56  LEU A CD1 1 
ATOM   450  C CD2 . LEU A 1 56  ? -10.145 -5.360  10.986  1.00 18.55 ? 56  LEU A CD2 1 
ATOM   451  N N   . ASN A 1 57  ? -7.307  -1.417  12.098  1.00 11.11 ? 57  ASN A N   1 
ATOM   452  C CA  . ASN A 1 57  ? -7.386  -0.126  11.452  1.00 11.30 ? 57  ASN A CA  1 
ATOM   453  C C   . ASN A 1 57  ? -6.541  -0.099  10.194  1.00 10.06 ? 57  ASN A C   1 
ATOM   454  O O   . ASN A 1 57  ? -5.696  -0.956  9.984   1.00 11.08 ? 57  ASN A O   1 
ATOM   455  C CB  . ASN A 1 57  ? -6.973  0.987   12.452  1.00 11.59 ? 57  ASN A CB  1 
ATOM   456  C CG  . ASN A 1 57  ? -5.514  0.892   12.880  1.00 11.83 ? 57  ASN A CG  1 
ATOM   457  O OD1 . ASN A 1 57  ? -4.676  1.656   12.395  1.00 14.03 ? 57  ASN A OD1 1 
ATOM   458  N ND2 . ASN A 1 57  ? -5.192  -0.075  13.756  1.00 11.93 ? 57  ASN A ND2 1 
ATOM   459  N N   . VAL A 1 58  ? -6.735  0.935   9.387   1.00 9.19  ? 58  VAL A N   1 
ATOM   460  C CA  . VAL A 1 58  ? -6.043  1.058   8.124   1.00 8.66  ? 58  VAL A CA  1 
ATOM   461  C C   . VAL A 1 58  ? -5.184  2.334   8.018   1.00 10.90 ? 58  VAL A C   1 
ATOM   462  O O   . VAL A 1 58  ? -5.593  3.410   8.488   1.00 11.12 ? 58  VAL A O   1 
ATOM   463  C CB  . VAL A 1 58  ? -7.095  1.077   6.991   1.00 8.26  ? 58  VAL A CB  1 
ATOM   464  C CG1 . VAL A 1 58  ? -6.443  1.268   5.646   1.00 6.59  ? 58  VAL A CG1 1 
ATOM   465  C CG2 . VAL A 1 58  ? -7.935  -0.208  7.049   1.00 8.20  ? 58  VAL A CG2 1 
ATOM   466  N N   . LYS A 1 59  ? -4.017  2.211   7.401   1.00 9.33  ? 59  LYS A N   1 
ATOM   467  C CA  . LYS A 1 59  ? -3.129  3.333   7.161   1.00 10.90 ? 59  LYS A CA  1 
ATOM   468  C C   . LYS A 1 59  ? -2.932  3.453   5.660   1.00 10.15 ? 59  LYS A C   1 
ATOM   469  O O   . LYS A 1 59  ? -2.885  2.443   4.962   1.00 10.13 ? 59  LYS A O   1 
ATOM   470  C CB  . LYS A 1 59  ? -1.783  3.116   7.839   1.00 12.42 ? 59  LYS A CB  1 
ATOM   471  C CG  . LYS A 1 59  ? -1.708  3.641   9.278   1.00 15.54 ? 59  LYS A CG  1 
ATOM   472  C CD  . LYS A 1 59  ? -1.867  2.543   10.320  1.00 19.54 ? 59  LYS A CD  1 
ATOM   473  C CE  . LYS A 1 59  ? -1.961  3.123   11.744  1.00 21.45 ? 59  LYS A CE  1 
ATOM   474  N NZ  . LYS A 1 59  ? -2.105  2.077   12.785  1.00 19.02 ? 59  LYS A NZ  1 
ATOM   475  N N   . HIS A 1 60  ? -2.869  4.685   5.162   1.00 8.81  ? 60  HIS A N   1 
ATOM   476  C CA  . HIS A 1 60  ? -2.680  4.986   3.739   1.00 8.63  ? 60  HIS A CA  1 
ATOM   477  C C   . HIS A 1 60  ? -1.383  5.768   3.506   1.00 9.10  ? 60  HIS A C   1 
ATOM   478  O O   . HIS A 1 60  ? -1.182  6.835   4.100   1.00 8.27  ? 60  HIS A O   1 
ATOM   479  C CB  . HIS A 1 60  ? -3.841  5.836   3.227   1.00 8.49  ? 60  HIS A CB  1 
ATOM   480  C CG  . HIS A 1 60  ? -5.184  5.212   3.453   1.00 10.50 ? 60  HIS A CG  1 
ATOM   481  N ND1 . HIS A 1 60  ? -5.713  4.260   2.600   1.00 8.78  ? 60  HIS A ND1 1 
ATOM   482  C CD2 . HIS A 1 60  ? -6.127  5.426   4.401   1.00 9.36  ? 60  HIS A CD2 1 
ATOM   483  C CE1 . HIS A 1 60  ? -6.919  3.931   3.014   1.00 8.62  ? 60  HIS A CE1 1 
ATOM   484  N NE2 . HIS A 1 60  ? -7.188  4.613   4.101   1.00 11.10 ? 60  HIS A NE2 1 
ATOM   485  N N   . TYR A 1 61  ? -0.526  5.231   2.640   1.00 7.63  ? 61  TYR A N   1 
ATOM   486  C CA  . TYR A 1 61  ? 0.771   5.818   2.318   1.00 8.69  ? 61  TYR A CA  1 
ATOM   487  C C   . TYR A 1 61  ? 0.826   6.243   0.844   1.00 9.34  ? 61  TYR A C   1 
ATOM   488  O O   . TYR A 1 61  ? 0.674   5.414   -0.080  1.00 7.93  ? 61  TYR A O   1 
ATOM   489  C CB  . TYR A 1 61  ? 1.910   4.829   2.637   1.00 5.93  ? 61  TYR A CB  1 
ATOM   490  C CG  . TYR A 1 61  ? 1.919   4.357   4.066   1.00 7.47  ? 61  TYR A CG  1 
ATOM   491  C CD1 . TYR A 1 61  ? 1.257   3.191   4.432   1.00 7.14  ? 61  TYR A CD1 1 
ATOM   492  C CD2 . TYR A 1 61  ? 2.567   5.082   5.078   1.00 6.80  ? 61  TYR A CD2 1 
ATOM   493  C CE1 . TYR A 1 61  ? 1.230   2.761   5.746   1.00 8.03  ? 61  TYR A CE1 1 
ATOM   494  C CE2 . TYR A 1 61  ? 2.544   4.652   6.415   1.00 6.85  ? 61  TYR A CE2 1 
ATOM   495  C CZ  . TYR A 1 61  ? 1.869   3.491   6.733   1.00 7.40  ? 61  TYR A CZ  1 
ATOM   496  O OH  . TYR A 1 61  ? 1.771   3.046   8.004   1.00 7.28  ? 61  TYR A OH  1 
ATOM   497  N N   . LYS A 1 62  ? 1.015   7.545   0.604   1.00 9.20  ? 62  LYS A N   1 
ATOM   498  C CA  . LYS A 1 62  ? 1.088   8.029   -0.764  1.00 8.76  ? 62  LYS A CA  1 
ATOM   499  C C   . LYS A 1 62  ? 2.405   7.611   -1.390  1.00 9.22  ? 62  LYS A C   1 
ATOM   500  O O   . LYS A 1 62  ? 3.451   7.669   -0.742  1.00 8.58  ? 62  LYS A O   1 
ATOM   501  C CB  . LYS A 1 62  ? 0.929   9.542   -0.824  1.00 11.10 ? 62  LYS A CB  1 
ATOM   502  C CG  . LYS A 1 62  ? 0.769   10.049  -2.211  1.00 15.36 ? 62  LYS A CG  1 
ATOM   503  C CD  . LYS A 1 62  ? 0.459   11.515  -2.139  1.00 20.64 ? 62  LYS A CD  1 
ATOM   504  C CE  . LYS A 1 62  ? 0.050   12.084  -3.476  1.00 24.90 ? 62  LYS A CE  1 
ATOM   505  N NZ  . LYS A 1 62  ? -0.556  13.428  -3.225  1.00 29.43 ? 62  LYS A NZ  1 
ATOM   506  N N   . ILE A 1 63  ? 2.330   7.089   -2.607  1.00 8.71  ? 63  ILE A N   1 
ATOM   507  C CA  . ILE A 1 63  ? 3.504   6.663   -3.337  1.00 9.88  ? 63  ILE A CA  1 
ATOM   508  C C   . ILE A 1 63  ? 3.678   7.627   -4.499  1.00 10.60 ? 63  ILE A C   1 
ATOM   509  O O   . ILE A 1 63  ? 2.732   7.863   -5.302  1.00 11.36 ? 63  ILE A O   1 
ATOM   510  C CB  . ILE A 1 63  ? 3.326   5.232   -3.903  1.00 10.31 ? 63  ILE A CB  1 
ATOM   511  C CG1 . ILE A 1 63  ? 3.328   4.190   -2.778  1.00 11.66 ? 63  ILE A CG1 1 
ATOM   512  C CG2 . ILE A 1 63  ? 4.427   4.920   -4.928  1.00 10.58 ? 63  ILE A CG2 1 
ATOM   513  C CD1 . ILE A 1 63  ? 3.118   2.706   -3.311  1.00 10.87 ? 63  ILE A CD1 1 
ATOM   514  N N   . ARG A 1 64  ? 4.859   8.210   -4.609  1.00 13.05 ? 64  ARG A N   1 
ATOM   515  C CA  . ARG A 1 64  ? 5.103   9.143   -5.698  1.00 15.59 ? 64  ARG A CA  1 
ATOM   516  C C   . ARG A 1 64  ? 5.858   8.447   -6.804  1.00 15.60 ? 64  ARG A C   1 
ATOM   517  O O   . ARG A 1 64  ? 6.636   7.520   -6.551  1.00 13.48 ? 64  ARG A O   1 
ATOM   518  C CB  . ARG A 1 64  ? 5.946   10.348  -5.234  1.00 18.25 ? 64  ARG A CB  1 
ATOM   519  C CG  . ARG A 1 64  ? 5.448   11.097  -4.004  1.00 24.37 ? 64  ARG A CG  1 
ATOM   520  C CD  . ARG A 1 64  ? 4.002   11.582  -4.141  1.00 30.64 ? 64  ARG A CD  1 
ATOM   521  N NE  . ARG A 1 64  ? 3.632   11.956  -5.509  1.00 38.99 ? 64  ARG A NE  1 
ATOM   522  C CZ  . ARG A 1 64  ? 3.510   13.208  -5.966  1.00 42.80 ? 64  ARG A CZ  1 
ATOM   523  N NH1 . ARG A 1 64  ? 3.150   13.419  -7.243  1.00 44.71 ? 64  ARG A NH1 1 
ATOM   524  N NH2 . ARG A 1 64  ? 3.731   14.249  -5.169  1.00 44.22 ? 64  ARG A NH2 1 
ATOM   525  N N   . LYS A 1 65  ? 5.652   8.934   -8.019  1.00 18.21 ? 65  LYS A N   1 
ATOM   526  C CA  . LYS A 1 65  ? 6.350   8.420   -9.183  1.00 21.79 ? 65  LYS A CA  1 
ATOM   527  C C   . LYS A 1 65  ? 6.909   9.609   -9.943  1.00 24.29 ? 65  LYS A C   1 
ATOM   528  O O   . LYS A 1 65  ? 6.158   10.460  -10.413 1.00 23.45 ? 65  LYS A O   1 
ATOM   529  C CB  . LYS A 1 65  ? 5.413   7.620   -10.086 1.00 24.12 ? 65  LYS A CB  1 
ATOM   530  C CG  . LYS A 1 65  ? 5.947   7.410   -11.499 1.00 27.46 ? 65  LYS A CG  1 
ATOM   531  C CD  . LYS A 1 65  ? 7.303   6.701   -11.537 1.00 30.09 ? 65  LYS A CD  1 
ATOM   532  C CE  . LYS A 1 65  ? 7.876   6.701   -12.958 1.00 32.91 ? 65  LYS A CE  1 
ATOM   533  N NZ  . LYS A 1 65  ? 6.800   6.475   -13.967 1.00 34.62 ? 65  LYS A NZ  1 
ATOM   534  N N   . LEU A 1 66  ? 8.227   9.649   -10.080 1.00 27.17 ? 66  LEU A N   1 
ATOM   535  C CA  . LEU A 1 66  ? 8.914   10.729  -10.794 1.00 31.58 ? 66  LEU A CA  1 
ATOM   536  C C   . LEU A 1 66  ? 8.951   10.447  -12.293 1.00 34.19 ? 66  LEU A C   1 
ATOM   537  O O   . LEU A 1 66  ? 9.046   9.304   -12.694 1.00 33.53 ? 66  LEU A O   1 
ATOM   538  C CB  . LEU A 1 66  ? 10.351  10.856  -10.275 1.00 31.86 ? 66  LEU A CB  1 
ATOM   539  C CG  . LEU A 1 66  ? 10.461  11.027  -8.763  1.00 32.52 ? 66  LEU A CG  1 
ATOM   540  C CD1 . LEU A 1 66  ? 11.899  11.085  -8.358  1.00 32.66 ? 66  LEU A CD1 1 
ATOM   541  C CD2 . LEU A 1 66  ? 9.720   12.276  -8.321  1.00 32.74 ? 66  LEU A CD2 1 
ATOM   542  N N   . ASP A 1 67  ? 8.893   11.488  -13.124 1.00 37.72 ? 67  ASP A N   1 
ATOM   543  C CA  . ASP A 1 67  ? 8.969   11.265  -14.572 1.00 40.78 ? 67  ASP A CA  1 
ATOM   544  C C   . ASP A 1 67  ? 10.398  10.860  -14.932 1.00 41.41 ? 67  ASP A C   1 
ATOM   545  O O   . ASP A 1 67  ? 10.691  10.429  -16.043 1.00 41.94 ? 67  ASP A O   1 
ATOM   546  C CB  . ASP A 1 67  ? 8.502   12.495  -15.341 1.00 44.07 ? 67  ASP A CB  1 
ATOM   547  C CG  . ASP A 1 67  ? 6.993   12.731  -15.184 1.00 48.00 ? 67  ASP A CG  1 
ATOM   548  O OD1 . ASP A 1 67  ? 6.203   12.374  -16.103 1.00 49.79 ? 67  ASP A OD1 1 
ATOM   549  O OD2 . ASP A 1 67  ? 6.589   13.240  -14.111 1.00 50.72 ? 67  ASP A OD2 1 
ATOM   550  N N   . SER A 1 68  ? 11.270  10.992  -13.937 1.00 42.02 ? 68  SER A N   1 
ATOM   551  C CA  . SER A 1 68  ? 12.671  10.617  -14.026 1.00 43.05 ? 68  SER A CA  1 
ATOM   552  C C   . SER A 1 68  ? 12.793  9.133   -13.606 1.00 42.40 ? 68  SER A C   1 
ATOM   553  O O   . SER A 1 68  ? 13.920  8.607   -13.392 1.00 43.01 ? 68  SER A O   1 
ATOM   554  C CB  . SER A 1 68  ? 13.485  11.510  -13.089 1.00 44.39 ? 68  SER A CB  1 
ATOM   555  O OG  . SER A 1 68  ? 12.977  12.840  -13.129 1.00 47.41 ? 68  SER A OG  1 
ATOM   556  N N   . GLY A 1 69  ? 11.635  8.505   -13.366 1.00 40.73 ? 69  GLY A N   1 
ATOM   557  C CA  . GLY A 1 69  ? 11.596  7.092   -13.047 1.00 37.58 ? 69  GLY A CA  1 
ATOM   558  C C   . GLY A 1 69  ? 11.368  6.502   -11.672 1.00 34.72 ? 69  GLY A C   1 
ATOM   559  O O   . GLY A 1 69  ? 10.803  5.420   -11.577 1.00 36.41 ? 69  GLY A O   1 
ATOM   560  N N   . GLY A 1 70  ? 11.783  7.176   -10.610 1.00 31.53 ? 70  GLY A N   1 
ATOM   561  C CA  . GLY A 1 70  ? 11.616  6.573   -9.302  1.00 26.85 ? 70  GLY A CA  1 
ATOM   562  C C   . GLY A 1 70  ? 10.226  6.503   -8.702  1.00 23.62 ? 70  GLY A C   1 
ATOM   563  O O   . GLY A 1 70  ? 9.380   7.315   -9.026  1.00 23.30 ? 70  GLY A O   1 
ATOM   564  N N   . PHE A 1 71  ? 10.006  5.474   -7.881  1.00 19.52 ? 71  PHE A N   1 
ATOM   565  C CA  . PHE A 1 71  ? 8.764   5.273   -7.114  1.00 16.29 ? 71  PHE A CA  1 
ATOM   566  C C   . PHE A 1 71  ? 9.252   5.369   -5.665  1.00 13.34 ? 71  PHE A C   1 
ATOM   567  O O   . PHE A 1 71  ? 10.337  4.867   -5.349  1.00 12.66 ? 71  PHE A O   1 
ATOM   568  C CB  . PHE A 1 71  ? 8.170   3.868   -7.312  1.00 15.62 ? 71  PHE A CB  1 
ATOM   569  C CG  . PHE A 1 71  ? 7.523   3.657   -8.640  1.00 16.28 ? 71  PHE A CG  1 
ATOM   570  C CD1 . PHE A 1 71  ? 8.275   3.283   -9.739  1.00 17.01 ? 71  PHE A CD1 1 
ATOM   571  C CD2 . PHE A 1 71  ? 6.154   3.807   -8.784  1.00 16.76 ? 71  PHE A CD2 1 
ATOM   572  C CE1 . PHE A 1 71  ? 7.666   3.050   -10.979 1.00 18.84 ? 71  PHE A CE1 1 
ATOM   573  C CE2 . PHE A 1 71  ? 5.533   3.578   -10.019 1.00 17.27 ? 71  PHE A CE2 1 
ATOM   574  C CZ  . PHE A 1 71  ? 6.292   3.201   -11.114 1.00 17.65 ? 71  PHE A CZ  1 
ATOM   575  N N   . TYR A 1 72  ? 8.486   6.012   -4.793  1.00 11.39 ? 72  TYR A N   1 
ATOM   576  C CA  . TYR A 1 72  ? 8.869   6.122   -3.374  1.00 9.90  ? 72  TYR A CA  1 
ATOM   577  C C   . TYR A 1 72  ? 7.762   6.631   -2.463  1.00 8.60  ? 72  TYR A C   1 
ATOM   578  O O   . TYR A 1 72  ? 6.778   7.226   -2.943  1.00 8.86  ? 72  TYR A O   1 
ATOM   579  C CB  . TYR A 1 72  ? 10.086  7.050   -3.213  1.00 10.71 ? 72  TYR A CB  1 
ATOM   580  C CG  . TYR A 1 72  ? 9.848   8.473   -3.669  1.00 10.25 ? 72  TYR A CG  1 
ATOM   581  C CD1 . TYR A 1 72  ? 9.175   9.405   -2.848  1.00 11.77 ? 72  TYR A CD1 1 
ATOM   582  C CD2 . TYR A 1 72  ? 10.297  8.894   -4.910  1.00 13.13 ? 72  TYR A CD2 1 
ATOM   583  C CE1 . TYR A 1 72  ? 8.955   10.738  -3.271  1.00 13.52 ? 72  TYR A CE1 1 
ATOM   584  C CE2 . TYR A 1 72  ? 10.095  10.223  -5.342  1.00 17.10 ? 72  TYR A CE2 1 
ATOM   585  C CZ  . TYR A 1 72  ? 9.426   11.122  -4.509  1.00 15.10 ? 72  TYR A CZ  1 
ATOM   586  O OH  . TYR A 1 72  ? 9.228   12.383  -4.960  1.00 18.70 ? 72  TYR A OH  1 
ATOM   587  N N   . ILE A 1 73  ? 7.858   6.273   -1.186  1.00 7.95  ? 73  ILE A N   1 
ATOM   588  C CA  . ILE A 1 73  ? 6.968   6.816   -0.176  1.00 9.36  ? 73  ILE A CA  1 
ATOM   589  C C   . ILE A 1 73  ? 7.794   8.020   0.405   1.00 10.44 ? 73  ILE A C   1 
ATOM   590  O O   . ILE A 1 73  ? 7.265   9.119   0.526   1.00 10.76 ? 73  ILE A O   1 
ATOM   591  C CB  . ILE A 1 73  ? 6.583   5.807   0.935   1.00 9.59  ? 73  ILE A CB  1 
ATOM   592  C CG1 . ILE A 1 73  ? 5.766   4.652   0.333   1.00 10.36 ? 73  ILE A CG1 1 
ATOM   593  C CG2 . ILE A 1 73  ? 5.740   6.514   2.045   1.00 9.14  ? 73  ILE A CG2 1 
ATOM   594  C CD1 . ILE A 1 73  ? 5.550   3.495   1.292   1.00 11.79 ? 73  ILE A CD1 1 
ATOM   595  N N   . THR A 1 74  ? 9.078   7.805   0.732   1.00 9.95  ? 74  THR A N   1 
ATOM   596  C CA  . THR A 1 74  ? 9.964   8.888   1.189   1.00 9.84  ? 74  THR A CA  1 
ATOM   597  C C   . THR A 1 74  ? 10.987  9.072   0.084   1.00 11.05 ? 74  THR A C   1 
ATOM   598  O O   . THR A 1 74  ? 11.492  8.090   -0.453  1.00 9.26  ? 74  THR A O   1 
ATOM   599  C CB  . THR A 1 74  ? 10.666  8.628   2.567   1.00 10.99 ? 74  THR A CB  1 
ATOM   600  O OG1 . THR A 1 74  ? 11.616  9.679   2.812   1.00 12.14 ? 74  THR A OG1 1 
ATOM   601  C CG2 . THR A 1 74  ? 11.386  7.270   2.627   1.00 8.92  ? 74  THR A CG2 1 
ATOM   602  N N   . SER A 1 75  ? 11.300  10.324  -0.261  1.00 10.82 ? 75  SER A N   1 
ATOM   603  C CA  . SER A 1 75  ? 12.246  10.619  -1.351  1.00 11.83 ? 75  SER A CA  1 
ATOM   604  C C   . SER A 1 75  ? 13.638  10.071  -1.102  1.00 10.29 ? 75  SER A C   1 
ATOM   605  O O   . SER A 1 75  ? 14.385  9.927   -1.996  1.00 9.52  ? 75  SER A O   1 
ATOM   606  C CB  . SER A 1 75  ? 12.332  12.133  -1.608  1.00 13.02 ? 75  SER A CB  1 
ATOM   607  O OG  . SER A 1 75  ? 12.893  12.779  -0.467  1.00 14.90 ? 75  SER A OG  1 
ATOM   608  N N   . ARG A 1 76  ? 13.931  9.750   0.147   1.00 12.26 ? 76  ARG A N   1 
ATOM   609  C CA  . ARG A 1 76  ? 15.223  9.213   0.527   1.00 15.61 ? 76  ARG A CA  1 
ATOM   610  C C   . ARG A 1 76  ? 15.388  7.728   0.154   1.00 15.42 ? 76  ARG A C   1 
ATOM   611  O O   . ARG A 1 76  ? 16.518  7.226   0.085   1.00 16.33 ? 76  ARG A O   1 
ATOM   612  C CB  . ARG A 1 76  ? 15.414  9.386   2.038   1.00 18.69 ? 76  ARG A CB  1 
ATOM   613  C CG  . ARG A 1 76  ? 15.433  10.849  2.520   1.00 24.64 ? 76  ARG A CG  1 
ATOM   614  C CD  . ARG A 1 76  ? 16.752  11.558  2.159   1.00 29.50 ? 76  ARG A CD  1 
ATOM   615  N NE  . ARG A 1 76  ? 17.911  10.762  2.574   1.00 34.53 ? 76  ARG A NE  1 
ATOM   616  C CZ  . ARG A 1 76  ? 18.451  10.756  3.800   1.00 37.47 ? 76  ARG A CZ  1 
ATOM   617  N NH1 . ARG A 1 76  ? 17.956  11.530  4.766   1.00 38.38 ? 76  ARG A NH1 1 
ATOM   618  N NH2 . ARG A 1 76  ? 19.444  9.904   4.089   1.00 38.79 ? 76  ARG A NH2 1 
ATOM   619  N N   . THR A 1 77  ? 14.277  7.045   -0.142  1.00 13.29 ? 77  THR A N   1 
ATOM   620  C CA  . THR A 1 77  ? 14.303  5.604   -0.459  1.00 12.10 ? 77  THR A CA  1 
ATOM   621  C C   . THR A 1 77  ? 13.435  5.316   -1.683  1.00 10.53 ? 77  THR A C   1 
ATOM   622  O O   . THR A 1 77  ? 12.250  5.106   -1.560  1.00 10.88 ? 77  THR A O   1 
ATOM   623  C CB  . THR A 1 77  ? 13.795  4.807   0.759   1.00 11.92 ? 77  THR A CB  1 
ATOM   624  O OG1 . THR A 1 77  ? 14.521  5.223   1.915   1.00 13.04 ? 77  THR A OG1 1 
ATOM   625  C CG2 . THR A 1 77  ? 13.994  3.301   0.582   1.00 10.52 ? 77  THR A CG2 1 
ATOM   626  N N   . GLN A 1 78  ? 14.078  5.286   -2.845  1.00 10.76 ? 78  GLN A N   1 
ATOM   627  C CA  . GLN A 1 78  ? 13.415  5.104   -4.131  1.00 11.63 ? 78  GLN A CA  1 
ATOM   628  C C   . GLN A 1 78  ? 13.682  3.760   -4.824  1.00 11.89 ? 78  GLN A C   1 
ATOM   629  O O   . GLN A 1 78  ? 14.729  3.103   -4.586  1.00 11.54 ? 78  GLN A O   1 
ATOM   630  C CB  . GLN A 1 78  ? 13.809  6.256   -5.054  1.00 13.06 ? 78  GLN A CB  1 
ATOM   631  C CG  . GLN A 1 78  ? 13.532  7.599   -4.403  1.00 14.48 ? 78  GLN A CG  1 
ATOM   632  C CD  . GLN A 1 78  ? 13.849  8.788   -5.293  1.00 17.59 ? 78  GLN A CD  1 
ATOM   633  O OE1 . GLN A 1 78  ? 13.970  9.906   -4.806  1.00 18.96 ? 78  GLN A OE1 1 
ATOM   634  N NE2 . GLN A 1 78  ? 13.937  8.569   -6.594  1.00 17.75 ? 78  GLN A NE2 1 
ATOM   635  N N   . PHE A 1 79  ? 12.769  3.404   -5.727  1.00 12.12 ? 79  PHE A N   1 
ATOM   636  C CA  . PHE A 1 79  ? 12.828  2.140   -6.435  1.00 12.92 ? 79  PHE A CA  1 
ATOM   637  C C   . PHE A 1 79  ? 12.576  2.312   -7.908  1.00 13.95 ? 79  PHE A C   1 
ATOM   638  O O   . PHE A 1 79  ? 11.889  3.258   -8.346  1.00 14.03 ? 79  PHE A O   1 
ATOM   639  C CB  . PHE A 1 79  ? 11.788  1.186   -5.828  1.00 11.50 ? 79  PHE A CB  1 
ATOM   640  C CG  . PHE A 1 79  ? 11.986  0.957   -4.360  1.00 12.07 ? 79  PHE A CG  1 
ATOM   641  C CD1 . PHE A 1 79  ? 11.312  1.731   -3.423  1.00 10.16 ? 79  PHE A CD1 1 
ATOM   642  C CD2 . PHE A 1 79  ? 12.928  0.035   -3.907  1.00 10.59 ? 79  PHE A CD2 1 
ATOM   643  C CE1 . PHE A 1 79  ? 11.576  1.589   -2.056  1.00 11.20 ? 79  PHE A CE1 1 
ATOM   644  C CE2 . PHE A 1 79  ? 13.185  -0.102  -2.552  1.00 10.25 ? 79  PHE A CE2 1 
ATOM   645  C CZ  . PHE A 1 79  ? 12.519  0.673   -1.635  1.00 10.36 ? 79  PHE A CZ  1 
ATOM   646  N N   . ASN A 1 80  ? 13.127  1.394   -8.690  1.00 15.38 ? 80  ASN A N   1 
ATOM   647  C CA  . ASN A 1 80  ? 12.952  1.435   -10.135 1.00 16.81 ? 80  ASN A CA  1 
ATOM   648  C C   . ASN A 1 80  ? 11.545  0.996   -10.588 1.00 16.70 ? 80  ASN A C   1 
ATOM   649  O O   . ASN A 1 80  ? 11.168  1.226   -11.724 1.00 17.50 ? 80  ASN A O   1 
ATOM   650  C CB  . ASN A 1 80  ? 14.024  0.583   -10.826 1.00 18.37 ? 80  ASN A CB  1 
ATOM   651  C CG  . ASN A 1 80  ? 15.432  1.116   -10.592 1.00 20.54 ? 80  ASN A CG  1 
ATOM   652  O OD1 . ASN A 1 80  ? 15.631  2.312   -10.465 1.00 20.47 ? 80  ASN A OD1 1 
ATOM   653  N ND2 . ASN A 1 80  ? 16.413  0.215   -10.513 1.00 19.56 ? 80  ASN A ND2 1 
ATOM   654  N N   . SER A 1 81  ? 10.788  0.350   -9.703  1.00 14.45 ? 81  SER A N   1 
ATOM   655  C CA  . SER A 1 81  ? 9.446   -0.103  -10.031 1.00 13.86 ? 81  SER A CA  1 
ATOM   656  C C   . SER A 1 81  ? 8.597   -0.223  -8.779  1.00 13.07 ? 81  SER A C   1 
ATOM   657  O O   . SER A 1 81  ? 9.105   -0.391  -7.676  1.00 12.67 ? 81  SER A O   1 
ATOM   658  C CB  . SER A 1 81  ? 9.481   -1.486  -10.727 1.00 12.51 ? 81  SER A CB  1 
ATOM   659  O OG  . SER A 1 81  ? 9.915   -2.488  -9.813  1.00 11.61 ? 81  SER A OG  1 
ATOM   660  N N   . LEU A 1 82  ? 7.287   -0.181  -8.987  1.00 13.19 ? 82  LEU A N   1 
ATOM   661  C CA  . LEU A 1 82  ? 6.304   -0.339  -7.926  1.00 14.01 ? 82  LEU A CA  1 
ATOM   662  C C   . LEU A 1 82  ? 6.476   -1.749  -7.284  1.00 13.27 ? 82  LEU A C   1 
ATOM   663  O O   . LEU A 1 82  ? 6.360   -1.945  -6.059  1.00 12.29 ? 82  LEU A O   1 
ATOM   664  C CB  . LEU A 1 82  ? 4.920   -0.151  -8.571  1.00 15.63 ? 82  LEU A CB  1 
ATOM   665  C CG  . LEU A 1 82  ? 3.721   0.208   -7.722  1.00 17.54 ? 82  LEU A CG  1 
ATOM   666  C CD1 . LEU A 1 82  ? 4.082   1.402   -6.846  1.00 17.91 ? 82  LEU A CD1 1 
ATOM   667  C CD2 . LEU A 1 82  ? 2.545   0.545   -8.630  1.00 18.69 ? 82  LEU A CD2 1 
ATOM   668  N N   . GLN A 1 83  ? 6.798   -2.726  -8.124  1.00 13.23 ? 83  GLN A N   1 
ATOM   669  C CA  . GLN A 1 83  ? 7.014   -4.095  -7.691  1.00 14.06 ? 83  GLN A CA  1 
ATOM   670  C C   . GLN A 1 83  ? 8.215   -4.189  -6.736  1.00 13.49 ? 83  GLN A C   1 
ATOM   671  O O   . GLN A 1 83  ? 8.148   -4.846  -5.693  1.00 12.15 ? 83  GLN A O   1 
ATOM   672  C CB  . GLN A 1 83  ? 7.190   -4.995  -8.936  1.00 17.89 ? 83  GLN A CB  1 
ATOM   673  C CG  . GLN A 1 83  ? 5.900   -5.028  -9.817  1.00 21.87 ? 83  GLN A CG  1 
ATOM   674  C CD  . GLN A 1 83  ? 5.917   -4.176  -11.109 1.00 22.49 ? 83  GLN A CD  1 
ATOM   675  O OE1 . GLN A 1 83  ? 5.349   -4.596  -12.168 1.00 27.26 ? 83  GLN A OE1 1 
ATOM   676  N NE2 . GLN A 1 83  ? 6.523   -3.003  -11.058 1.00 21.01 ? 83  GLN A NE2 1 
ATOM   677  N N   . GLN A 1 84  ? 9.292   -3.469  -7.050  1.00 12.84 ? 84  GLN A N   1 
ATOM   678  C CA  . GLN A 1 84  ? 10.478  -3.496  -6.180  1.00 12.42 ? 84  GLN A CA  1 
ATOM   679  C C   . GLN A 1 84  ? 10.208  -2.788  -4.859  1.00 9.78  ? 84  GLN A C   1 
ATOM   680  O O   . GLN A 1 84  ? 10.734  -3.185  -3.817  1.00 9.32  ? 84  GLN A O   1 
ATOM   681  C CB  . GLN A 1 84  ? 11.681  -2.896  -6.907  1.00 14.45 ? 84  GLN A CB  1 
ATOM   682  C CG  . GLN A 1 84  ? 12.249  -3.863  -7.937  1.00 16.09 ? 84  GLN A CG  1 
ATOM   683  C CD  . GLN A 1 84  ? 13.136  -3.188  -8.955  1.00 17.97 ? 84  GLN A CD  1 
ATOM   684  O OE1 . GLN A 1 84  ? 12.675  -2.311  -9.718  1.00 20.27 ? 84  GLN A OE1 1 
ATOM   685  N NE2 . GLN A 1 84  ? 14.407  -3.572  -8.988  1.00 17.99 ? 84  GLN A NE2 1 
ATOM   686  N N   . LEU A 1 85  ? 9.369   -1.746  -4.913  1.00 10.60 ? 85  LEU A N   1 
ATOM   687  C CA  . LEU A 1 85  ? 8.980   -0.995  -3.701  1.00 9.98  ? 85  LEU A CA  1 
ATOM   688  C C   . LEU A 1 85  ? 8.201   -1.940  -2.798  1.00 8.35  ? 85  LEU A C   1 
ATOM   689  O O   . LEU A 1 85  ? 8.502   -2.059  -1.635  1.00 7.50  ? 85  LEU A O   1 
ATOM   690  C CB  . LEU A 1 85  ? 8.128   0.234   -4.061  1.00 9.24  ? 85  LEU A CB  1 
ATOM   691  C CG  . LEU A 1 85  ? 7.717   1.147   -2.894  1.00 9.13  ? 85  LEU A CG  1 
ATOM   692  C CD1 . LEU A 1 85  ? 7.531   2.545   -3.436  1.00 9.04  ? 85  LEU A CD1 1 
ATOM   693  C CD2 . LEU A 1 85  ? 6.439   0.658   -2.210  1.00 9.14  ? 85  LEU A CD2 1 
ATOM   694  N N   . VAL A 1 86  ? 7.225   -2.652  -3.373  1.00 9.27  ? 86  VAL A N   1 
ATOM   695  C CA  . VAL A 1 86  ? 6.435   -3.600  -2.600  1.00 9.79  ? 86  VAL A CA  1 
ATOM   696  C C   . VAL A 1 86  ? 7.324   -4.689  -2.018  1.00 10.01 ? 86  VAL A C   1 
ATOM   697  O O   . VAL A 1 86  ? 7.245   -4.981  -0.812  1.00 10.39 ? 86  VAL A O   1 
ATOM   698  C CB  . VAL A 1 86  ? 5.244   -4.175  -3.437  1.00 11.19 ? 86  VAL A CB  1 
ATOM   699  C CG1 . VAL A 1 86  ? 4.627   -5.415  -2.744  1.00 12.27 ? 86  VAL A CG1 1 
ATOM   700  C CG2 . VAL A 1 86  ? 4.173   -3.083  -3.589  1.00 11.97 ? 86  VAL A CG2 1 
ATOM   701  N N   . ALA A 1 87  ? 8.273   -5.192  -2.804  1.00 9.83  ? 87  ALA A N   1 
ATOM   702  C CA  . ALA A 1 87  ? 9.151   -6.243  -2.263  1.00 10.87 ? 87  ALA A CA  1 
ATOM   703  C C   . ALA A 1 87  ? 10.010  -5.731  -1.091  1.00 11.59 ? 87  ALA A C   1 
ATOM   704  O O   . ALA A 1 87  ? 10.108  -6.384  -0.044  1.00 11.53 ? 87  ALA A O   1 
ATOM   705  C CB  . ALA A 1 87  ? 10.021  -6.869  -3.373  1.00 10.71 ? 87  ALA A CB  1 
ATOM   706  N N   . TYR A 1 88  ? 10.545  -4.519  -1.209  1.00 11.21 ? 88  TYR A N   1 
ATOM   707  C CA  . TYR A 1 88  ? 11.361  -3.961  -0.128  1.00 10.49 ? 88  TYR A CA  1 
ATOM   708  C C   . TYR A 1 88  ? 10.560  -3.829  1.172   1.00 8.80  ? 88  TYR A C   1 
ATOM   709  O O   . TYR A 1 88  ? 11.026  -4.233  2.235   1.00 9.37  ? 88  TYR A O   1 
ATOM   710  C CB  . TYR A 1 88  ? 11.950  -2.593  -0.568  1.00 10.61 ? 88  TYR A CB  1 
ATOM   711  C CG  . TYR A 1 88  ? 12.701  -1.839  0.525   1.00 12.13 ? 88  TYR A CG  1 
ATOM   712  C CD1 . TYR A 1 88  ? 14.082  -1.980  0.678   1.00 12.24 ? 88  TYR A CD1 1 
ATOM   713  C CD2 . TYR A 1 88  ? 12.019  -1.007  1.420   1.00 12.13 ? 88  TYR A CD2 1 
ATOM   714  C CE1 . TYR A 1 88  ? 14.772  -1.306  1.705   1.00 13.05 ? 88  TYR A CE1 1 
ATOM   715  C CE2 . TYR A 1 88  ? 12.691  -0.341  2.455   1.00 12.85 ? 88  TYR A CE2 1 
ATOM   716  C CZ  . TYR A 1 88  ? 14.057  -0.492  2.587   1.00 14.00 ? 88  TYR A CZ  1 
ATOM   717  O OH  . TYR A 1 88  ? 14.699  0.160   3.610   1.00 16.01 ? 88  TYR A OH  1 
ATOM   718  N N   . TYR A 1 89  ? 9.360   -3.250  1.089   1.00 8.61  ? 89  TYR A N   1 
ATOM   719  C CA  . TYR A 1 89  ? 8.528   -3.042  2.265   1.00 8.23  ? 89  TYR A CA  1 
ATOM   720  C C   . TYR A 1 89  ? 7.883   -4.314  2.847   1.00 8.76  ? 89  TYR A C   1 
ATOM   721  O O   . TYR A 1 89  ? 7.232   -4.272  3.863   1.00 8.04  ? 89  TYR A O   1 
ATOM   722  C CB  . TYR A 1 89  ? 7.507   -1.905  2.018   1.00 8.90  ? 89  TYR A CB  1 
ATOM   723  C CG  . TYR A 1 89  ? 8.165   -0.509  1.979   1.00 8.76  ? 89  TYR A CG  1 
ATOM   724  C CD1 . TYR A 1 89  ? 8.189   0.251   0.807   1.00 8.16  ? 89  TYR A CD1 1 
ATOM   725  C CD2 . TYR A 1 89  ? 8.834   -0.004  3.107   1.00 9.45  ? 89  TYR A CD2 1 
ATOM   726  C CE1 . TYR A 1 89  ? 8.869   1.472   0.755   1.00 9.02  ? 89  TYR A CE1 1 
ATOM   727  C CE2 . TYR A 1 89  ? 9.517   1.224   3.060   1.00 7.82  ? 89  TYR A CE2 1 
ATOM   728  C CZ  . TYR A 1 89  ? 9.533   1.943   1.888   1.00 8.02  ? 89  TYR A CZ  1 
ATOM   729  O OH  . TYR A 1 89  ? 10.281  3.108   1.824   1.00 10.59 ? 89  TYR A OH  1 
ATOM   730  N N   . SER A 1 90  ? 8.046   -5.435  2.154   1.00 10.22 ? 90  SER A N   1 
ATOM   731  C CA  . SER A 1 90  ? 7.560   -6.724  2.659   1.00 11.55 ? 90  SER A CA  1 
ATOM   732  C C   . SER A 1 90  ? 8.648   -7.296  3.581   1.00 13.91 ? 90  SER A C   1 
ATOM   733  O O   . SER A 1 90  ? 8.389   -8.233  4.357   1.00 15.29 ? 90  SER A O   1 
ATOM   734  C CB  . SER A 1 90  ? 7.317   -7.693  1.505   1.00 11.20 ? 90  SER A CB  1 
ATOM   735  O OG  . SER A 1 90  ? 6.276   -7.233  0.670   1.00 11.33 ? 90  SER A OG  1 
ATOM   736  N N   . LYS A 1 91  ? 9.862   -6.742  3.501   1.00 14.40 ? 91  LYS A N   1 
ATOM   737  C CA  . LYS A 1 91  ? 10.990  -7.150  4.353   1.00 16.36 ? 91  LYS A CA  1 
ATOM   738  C C   . LYS A 1 91  ? 11.395  -6.115  5.424   1.00 16.31 ? 91  LYS A C   1 
ATOM   739  O O   . LYS A 1 91  ? 11.975  -6.454  6.389   1.00 17.67 ? 91  LYS A O   1 
ATOM   740  C CB  . LYS A 1 91  ? 12.206  -7.457  3.497   1.00 18.90 ? 91  LYS A CB  1 
ATOM   741  C CG  . LYS A 1 91  ? 11.995  -8.578  2.496   1.00 23.91 ? 91  LYS A CG  1 
ATOM   742  C CD  . LYS A 1 91  ? 12.501  -9.916  3.043   1.00 27.61 ? 91  LYS A CD  1 
ATOM   743  C CE  . LYS A 1 91  ? 12.434  -11.036 1.982   1.00 28.64 ? 91  LYS A CE  1 
ATOM   744  N NZ  . LYS A 1 91  ? 12.892  -10.603 0.619   1.00 28.13 ? 91  LYS A NZ  1 
ATOM   745  N N   . HIS A 1 92  ? 11.159  -4.831  5.179   1.00 15.99 ? 92  HIS A N   1 
ATOM   746  C CA  . HIS A 1 92  ? 11.520  -3.783  6.152   1.00 15.79 ? 92  HIS A CA  1 
ATOM   747  C C   . HIS A 1 92  ? 10.278  -2.985  6.512   1.00 13.48 ? 92  HIS A C   1 
ATOM   748  O O   . HIS A 1 92  ? 9.565   -2.533  5.623   1.00 14.01 ? 92  HIS A O   1 
ATOM   749  C CB  . HIS A 1 92  ? 12.506  -2.783  5.543   1.00 17.40 ? 92  HIS A CB  1 
ATOM   750  C CG  . HIS A 1 92  ? 13.601  -3.417  4.754   1.00 20.62 ? 92  HIS A CG  1 
ATOM   751  N ND1 . HIS A 1 92  ? 14.888  -3.534  5.231   1.00 23.38 ? 92  HIS A ND1 1 
ATOM   752  C CD2 . HIS A 1 92  ? 13.594  -3.996  3.528   1.00 19.88 ? 92  HIS A CD2 1 
ATOM   753  C CE1 . HIS A 1 92  ? 15.631  -4.166  4.336   1.00 23.19 ? 92  HIS A CE1 1 
ATOM   754  N NE2 . HIS A 1 92  ? 14.867  -4.456  3.298   1.00 23.46 ? 92  HIS A NE2 1 
ATOM   755  N N   . ALA A 1 93  ? 10.033  -2.802  7.804   1.00 12.88 ? 93  ALA A N   1 
ATOM   756  C CA  . ALA A 1 93  ? 8.890   -1.999  8.227   1.00 11.92 ? 93  ALA A CA  1 
ATOM   757  C C   . ALA A 1 93  ? 9.242   -0.493  8.037   1.00 11.65 ? 93  ALA A C   1 
ATOM   758  O O   . ALA A 1 93  ? 8.450   0.250   7.532   1.00 11.40 ? 93  ALA A O   1 
ATOM   759  C CB  . ALA A 1 93  ? 8.555   -2.276  9.684   1.00 10.55 ? 93  ALA A CB  1 
ATOM   760  N N   . ASP A 1 94  ? 10.475  -0.103  8.383   1.00 11.41 ? 94  ASP A N   1 
ATOM   761  C CA  . ASP A 1 94  ? 10.910  1.299   8.303   1.00 8.86  ? 94  ASP A CA  1 
ATOM   762  C C   . ASP A 1 94  ? 9.894   2.230   8.950   1.00 8.72  ? 94  ASP A C   1 
ATOM   763  O O   . ASP A 1 94  ? 9.629   2.094   10.138  1.00 10.85 ? 94  ASP A O   1 
ATOM   764  C CB  . ASP A 1 94  ? 11.257  1.683   6.878   1.00 8.97  ? 94  ASP A CB  1 
ATOM   765  C CG  . ASP A 1 94  ? 12.565  1.041   6.418   1.00 9.26  ? 94  ASP A CG  1 
ATOM   766  O OD1 . ASP A 1 94  ? 13.196  0.288   7.213   1.00 12.26 ? 94  ASP A OD1 1 
ATOM   767  O OD2 . ASP A 1 94  ? 12.977  1.284   5.270   1.00 11.69 ? 94  ASP A OD2 1 
ATOM   768  N N   . GLY A 1 95  ? 9.298   3.141   8.205   1.00 9.35  ? 95  GLY A N   1 
ATOM   769  C CA  . GLY A 1 95  ? 8.302   4.023   8.809   1.00 9.12  ? 95  GLY A CA  1 
ATOM   770  C C   . GLY A 1 95  ? 6.842   3.586   8.676   1.00 9.23  ? 95  GLY A C   1 
ATOM   771  O O   . GLY A 1 95  ? 5.916   4.337   9.036   1.00 9.33  ? 95  GLY A O   1 
ATOM   772  N N   . LEU A 1 96  ? 6.622   2.387   8.132   1.00 9.51  ? 96  LEU A N   1 
ATOM   773  C CA  . LEU A 1 96  ? 5.282   1.824   7.949   1.00 9.79  ? 96  LEU A CA  1 
ATOM   774  C C   . LEU A 1 96  ? 4.743   1.236   9.244   1.00 8.93  ? 96  LEU A C   1 
ATOM   775  O O   . LEU A 1 96  ? 5.518   0.851   10.137  1.00 8.59  ? 96  LEU A O   1 
ATOM   776  C CB  . LEU A 1 96  ? 5.313   0.693   6.893   1.00 10.26 ? 96  LEU A CB  1 
ATOM   777  C CG  . LEU A 1 96  ? 5.758   1.004   5.456   1.00 11.58 ? 96  LEU A CG  1 
ATOM   778  C CD1 . LEU A 1 96  ? 5.591   -0.280  4.615   1.00 12.37 ? 96  LEU A CD1 1 
ATOM   779  C CD2 . LEU A 1 96  ? 4.949   2.154   4.821   1.00 11.04 ? 96  LEU A CD2 1 
ATOM   780  N N   . CYS A 1 97  ? 3.418   1.115   9.340   1.00 8.71  ? 97  CYS A N   1 
ATOM   781  C CA  . CYS A 1 97  ? 2.796   0.523   10.521  1.00 9.26  ? 97  CYS A CA  1 
ATOM   782  C C   . CYS A 1 97  ? 3.175   -0.968  10.757  1.00 8.71  ? 97  CYS A C   1 
ATOM   783  O O   . CYS A 1 97  ? 3.156   -1.449  11.914  1.00 9.27  ? 97  CYS A O   1 
ATOM   784  C CB  . CYS A 1 97  ? 1.275   0.712   10.464  1.00 10.39 ? 97  CYS A CB  1 
ATOM   785  S SG  . CYS A 1 97  ? 0.456   -0.040  9.020   1.00 10.83 ? 97  CYS A SG  1 
ATOM   786  N N   . HIS A 1 98  ? 3.560   -1.676  9.687   1.00 9.50  ? 98  HIS A N   1 
ATOM   787  C CA  . HIS A 1 98  ? 3.960   -3.092  9.752   1.00 8.25  ? 98  HIS A CA  1 
ATOM   788  C C   . HIS A 1 98  ? 4.533   -3.427  8.388   1.00 8.62  ? 98  HIS A C   1 
ATOM   789  O O   . HIS A 1 98  ? 4.205   -2.740  7.387   1.00 9.78  ? 98  HIS A O   1 
ATOM   790  C CB  . HIS A 1 98  ? 2.706   -3.965  9.999   1.00 8.52  ? 98  HIS A CB  1 
ATOM   791  C CG  . HIS A 1 98  ? 3.010   -5.388  10.373  1.00 7.47  ? 98  HIS A CG  1 
ATOM   792  N ND1 . HIS A 1 98  ? 3.360   -6.346  9.449   1.00 9.14  ? 98  HIS A ND1 1 
ATOM   793  C CD2 . HIS A 1 98  ? 3.022   -6.002  11.576  1.00 6.96  ? 98  HIS A CD2 1 
ATOM   794  C CE1 . HIS A 1 98  ? 3.583   -7.495  10.066  1.00 8.01  ? 98  HIS A CE1 1 
ATOM   795  N NE2 . HIS A 1 98  ? 3.381   -7.310  11.361  1.00 7.60  ? 98  HIS A NE2 1 
ATOM   796  N N   . ARG A 1 99  ? 5.416   -4.423  8.315   1.00 8.74  ? 99  ARG A N   1 
ATOM   797  C CA  . ARG A 1 99  ? 5.911   -4.823  6.995   1.00 9.69  ? 99  ARG A CA  1 
ATOM   798  C C   . ARG A 1 99  ? 4.694   -5.403  6.208   1.00 8.02  ? 99  ARG A C   1 
ATOM   799  O O   . ARG A 1 99  ? 3.724   -5.872  6.818   1.00 7.06  ? 99  ARG A O   1 
ATOM   800  C CB  . ARG A 1 99  ? 7.040   -5.878  7.106   1.00 12.25 ? 99  ARG A CB  1 
ATOM   801  C CG  . ARG A 1 99  ? 6.588   -7.260  7.497   1.00 14.78 ? 99  ARG A CG  1 
ATOM   802  C CD  . ARG A 1 99  ? 7.696   -8.328  7.313   1.00 18.40 ? 99  ARG A CD  1 
ATOM   803  N NE  . ARG A 1 99  ? 7.182   -9.676  7.629   1.00 19.90 ? 99  ARG A NE  1 
ATOM   804  C CZ  . ARG A 1 99  ? 6.654   -10.531 6.740   1.00 19.20 ? 99  ARG A CZ  1 
ATOM   805  N NH1 . ARG A 1 99  ? 6.575   -10.235 5.439   1.00 17.95 ? 99  ARG A NH1 1 
ATOM   806  N NH2 . ARG A 1 99  ? 6.097   -11.652 7.187   1.00 19.35 ? 99  ARG A NH2 1 
ATOM   807  N N   . LEU A 1 100 ? 4.723   -5.309  4.881   1.00 8.41  ? 100 LEU A N   1 
ATOM   808  C CA  . LEU A 1 100 ? 3.630   -5.836  4.037   1.00 8.62  ? 100 LEU A CA  1 
ATOM   809  C C   . LEU A 1 100 ? 3.670   -7.373  4.079   1.00 8.75  ? 100 LEU A C   1 
ATOM   810  O O   . LEU A 1 100 ? 4.767   -7.983  3.924   1.00 9.21  ? 100 LEU A O   1 
ATOM   811  C CB  . LEU A 1 100 ? 3.759   -5.331  2.603   1.00 7.59  ? 100 LEU A CB  1 
ATOM   812  C CG  . LEU A 1 100 ? 3.825   -3.792  2.447   1.00 5.13  ? 100 LEU A CG  1 
ATOM   813  C CD1 . LEU A 1 100 ? 4.062   -3.422  0.971   1.00 7.66  ? 100 LEU A CD1 1 
ATOM   814  C CD2 . LEU A 1 100 ? 2.540   -3.148  3.019   1.00 5.08  ? 100 LEU A CD2 1 
ATOM   815  N N   . THR A 1 101 ? 2.510   -7.990  4.303   1.00 8.57  ? 101 THR A N   1 
ATOM   816  C CA  . THR A 1 101 ? 2.407   -9.451  4.392   1.00 9.50  ? 101 THR A CA  1 
ATOM   817  C C   . THR A 1 101 ? 1.731   -10.094 3.155   1.00 10.75 ? 101 THR A C   1 
ATOM   818  O O   . THR A 1 101 ? 2.427   -10.513 2.240   1.00 12.30 ? 101 THR A O   1 
ATOM   819  C CB  . THR A 1 101 ? 1.784   -9.884  5.734   1.00 9.30  ? 101 THR A CB  1 
ATOM   820  O OG1 . THR A 1 101 ? 0.524   -9.240  5.944   1.00 9.89  ? 101 THR A OG1 1 
ATOM   821  C CG2 . THR A 1 101 ? 2.694   -9.508  6.900   1.00 9.05  ? 101 THR A CG2 1 
ATOM   822  N N   . THR A 1 102 ? 0.400   -10.108 3.076   1.00 10.56 ? 102 THR A N   1 
ATOM   823  C CA  . THR A 1 102 ? -0.256  -10.711 1.911   1.00 11.00 ? 102 THR A CA  1 
ATOM   824  C C   . THR A 1 102 ? -1.317  -9.789  1.339   1.00 10.39 ? 102 THR A C   1 
ATOM   825  O O   . THR A 1 102 ? -1.822  -8.889  2.051   1.00 9.28  ? 102 THR A O   1 
ATOM   826  C CB  . THR A 1 102 ? -0.914  -12.102 2.225   1.00 13.65 ? 102 THR A CB  1 
ATOM   827  O OG1 . THR A 1 102 ? -1.918  -11.940 3.229   1.00 16.48 ? 102 THR A OG1 1 
ATOM   828  C CG2 . THR A 1 102 ? 0.154   -13.125 2.725   1.00 15.50 ? 102 THR A CG2 1 
ATOM   829  N N   . VAL A 1 103 ? -1.669  -10.035 0.076   1.00 10.31 ? 103 VAL A N   1 
ATOM   830  C CA  . VAL A 1 103 ? -2.684  -9.262  -0.631  1.00 10.53 ? 103 VAL A CA  1 
ATOM   831  C C   . VAL A 1 103 ? -4.076  -9.367  0.002   1.00 9.74  ? 103 VAL A C   1 
ATOM   832  O O   . VAL A 1 103 ? -4.531  -10.432 0.461   1.00 8.89  ? 103 VAL A O   1 
ATOM   833  C CB  . VAL A 1 103 ? -2.800  -9.708  -2.092  1.00 12.18 ? 103 VAL A CB  1 
ATOM   834  C CG1 . VAL A 1 103 ? -3.628  -8.689  -2.878  1.00 12.82 ? 103 VAL A CG1 1 
ATOM   835  C CG2 . VAL A 1 103 ? -1.425  -9.879  -2.720  1.00 18.19 ? 103 VAL A CG2 1 
ATOM   836  N N   . CYS A 1 104 ? -4.771  -8.236  0.030   1.00 8.67  ? 104 CYS A N   1 
ATOM   837  C CA  . CYS A 1 104 ? -6.115  -8.176  0.573   1.00 10.56 ? 104 CYS A CA  1 
ATOM   838  C C   . CYS A 1 104 ? -7.142  -9.023  -0.218  1.00 10.52 ? 104 CYS A C   1 
ATOM   839  O O   . CYS A 1 104 ? -7.113  -9.063  -1.423  1.00 8.74  ? 104 CYS A O   1 
ATOM   840  C CB  . CYS A 1 104 ? -6.621  -6.718  0.561   1.00 8.41  ? 104 CYS A CB  1 
ATOM   841  S SG  . CYS A 1 104 ? -8.088  -6.378  1.578   1.00 11.53 ? 104 CYS A SG  1 
ATOM   842  N N   . PRO A 1 105 ? -8.054  -9.692  0.487   1.00 12.41 ? 105 PRO A N   1 
ATOM   843  C CA  . PRO A 1 105 ? -9.117  -10.511 -0.123  1.00 14.67 ? 105 PRO A CA  1 
ATOM   844  C C   . PRO A 1 105 ? -10.155 -9.513  -0.615  1.00 17.40 ? 105 PRO A C   1 
ATOM   845  O O   . PRO A 1 105 ? -10.252 -8.423  -0.035  1.00 17.95 ? 105 PRO A O   1 
ATOM   846  C CB  . PRO A 1 105 ? -9.739  -11.224 1.071   1.00 13.66 ? 105 PRO A CB  1 
ATOM   847  C CG  . PRO A 1 105 ? -8.702  -11.156 2.146   1.00 16.75 ? 105 PRO A CG  1 
ATOM   848  C CD  . PRO A 1 105 ? -8.048  -9.841  1.955   1.00 13.47 ? 105 PRO A CD  1 
ATOM   849  N N   . THR A 1 106 ? -10.998 -9.856  -1.608  1.00 18.87 ? 106 THR A N   1 
ATOM   850  C CA  . THR A 1 106 ? -12.060 -8.940  -2.028  1.00 21.55 ? 106 THR A CA  1 
ATOM   851  C C   . THR A 1 106 ? -13.443 -9.397  -1.532  1.00 23.72 ? 106 THR A C   1 
ATOM   852  O O   . THR A 1 106 ? -14.457 -8.710  -1.858  1.00 26.52 ? 106 THR A O   1 
ATOM   853  C CB  . THR A 1 106 ? -12.098 -8.749  -3.556  1.00 22.46 ? 106 THR A CB  1 
ATOM   854  O OG1 . THR A 1 106 ? -12.685 -9.893  -4.169  1.00 23.36 ? 106 THR A OG1 1 
ATOM   855  C CG2 . THR A 1 106 ? -10.675 -8.567  -4.157  1.00 24.47 ? 106 THR A CG2 1 
HETATM 856  C C1  . 822 B 2 .   ? -2.071  10.115  2.278   1.00 18.14 ? 300 822 A C1  1 
HETATM 857  C C2  . 822 B 2 .   ? -2.596  11.213  1.590   1.00 19.29 ? 300 822 A C2  1 
HETATM 858  C C3  . 822 B 2 .   ? -3.142  11.010  0.301   1.00 21.99 ? 300 822 A C3  1 
HETATM 859  C C4  . 822 B 2 .   ? -3.267  9.669   -0.217  1.00 22.12 ? 300 822 A C4  1 
HETATM 860  C C5  . 822 B 2 .   ? -2.742  8.600   0.513   1.00 19.00 ? 300 822 A C5  1 
HETATM 861  C C6  . 822 B 2 .   ? -2.101  8.801   1.734   1.00 17.72 ? 300 822 A C6  1 
HETATM 862  C C11 . 822 B 2 .   ? -3.995  9.448   -1.551  1.00 24.47 ? 300 822 A C11 1 
HETATM 863  F F12 . 822 B 2 .   ? -3.544  8.309   -2.134  1.00 24.06 ? 300 822 A F12 1 
HETATM 864  F F13 . 822 B 2 .   ? -3.774  10.470  -2.415  1.00 25.14 ? 300 822 A F13 1 
HETATM 865  P P14 . 822 B 2 .   ? -5.843  9.457   -1.411  1.00 25.41 ? 300 822 A P14 1 
HETATM 866  O O15 . 822 B 2 .   ? -6.402  8.885   -2.733  1.00 27.28 ? 300 822 A O15 1 
HETATM 867  O O16 . 822 B 2 .   ? -6.344  10.824  -1.298  1.00 26.88 ? 300 822 A O16 1 
HETATM 868  O O17 . 822 B 2 .   ? -6.420  8.551   -0.284  1.00 24.90 ? 300 822 A O17 1 
HETATM 869  C C18 . 822 B 2 .   ? -1.416  10.376  3.584   1.00 16.37 ? 300 822 A C18 1 
HETATM 870  C C19 . 822 B 2 .   ? -2.337  9.921   4.709   1.00 15.94 ? 300 822 A C19 1 
HETATM 871  C C22 . 822 B 2 .   ? -1.594  9.990   6.021   1.00 16.90 ? 300 822 A C22 1 
HETATM 872  N N23 . 822 B 2 .   ? -1.000  8.795   6.362   1.00 14.68 ? 300 822 A N23 1 
HETATM 873  O O24 . 822 B 2 .   ? -1.566  11.056  6.673   1.00 16.74 ? 300 822 A O24 1 
HETATM 874  N N25 . 822 B 2 .   ? -3.516  10.753  4.769   1.00 18.12 ? 300 822 A N25 1 
HETATM 875  C C26 . 822 B 2 .   ? -4.725  10.298  5.085   1.00 17.83 ? 300 822 A C26 1 
HETATM 876  O O27 . 822 B 2 .   ? -4.919  9.156   5.487   1.00 19.83 ? 300 822 A O27 1 
HETATM 877  C C28 . 822 B 2 .   ? -5.888  11.317  4.842   1.00 18.17 ? 300 822 A C28 1 
HETATM 878  C C32 . 822 B 2 .   ? -0.074  8.714   7.457   1.00 13.10 ? 300 822 A C32 1 
HETATM 879  C C33 . 822 B 2 .   ? 1.164   9.563   7.056   1.00 12.88 ? 300 822 A C33 1 
HETATM 880  N N34 . 822 B 2 .   ? 2.196   9.707   8.029   1.00 11.66 ? 300 822 A N34 1 
HETATM 881  O O37 . 822 B 2 .   ? 1.303   10.070  5.937   1.00 12.27 ? 300 822 A O37 1 
HETATM 882  C C38 . 822 B 2 .   ? 2.211   9.018   9.335   1.00 12.55 ? 300 822 A C38 1 
HETATM 883  C C39 . 822 B 2 .   ? 2.378   7.517   9.143   1.00 12.20 ? 300 822 A C39 1 
HETATM 884  C C42 . 822 B 2 .   ? 3.465   10.409  7.685   1.00 12.36 ? 300 822 A C42 1 
HETATM 885  C C43 . 822 B 2 .   ? 4.548   9.427   7.270   1.00 11.73 ? 300 822 A C43 1 
HETATM 886  C C46 . 822 B 2 .   ? 1.009   6.814   8.917   1.00 13.04 ? 300 822 A C46 1 
HETATM 887  C C49 . 822 B 2 .   ? 0.275   7.236   7.601   1.00 13.32 ? 300 822 A C49 1 
HETATM 888  C C58 . 822 B 2 .   ? 4.386   8.719   6.049   1.00 14.36 ? 300 822 A C58 1 
HETATM 889  C C59 . 822 B 2 .   ? 5.369   7.779   5.634   1.00 12.91 ? 300 822 A C59 1 
HETATM 890  C C60 . 822 B 2 .   ? 6.473   7.618   6.480   1.00 13.85 ? 300 822 A C60 1 
HETATM 891  C C61 . 822 B 2 .   ? 6.620   8.302   7.708   1.00 10.48 ? 300 822 A C61 1 
HETATM 892  C C62 . 822 B 2 .   ? 5.653   9.192   8.103   1.00 11.62 ? 300 822 A C62 1 
HETATM 893  C C67 . 822 B 2 .   ? 7.489   6.608   6.037   1.00 14.36 ? 300 822 A C67 1 
HETATM 894  C C68 . 822 B 2 .   ? 8.884   6.805   6.251   1.00 15.37 ? 300 822 A C68 1 
HETATM 895  C C69 . 822 B 2 .   ? 9.803   5.807   5.808   1.00 14.15 ? 300 822 A C69 1 
HETATM 896  C C70 . 822 B 2 .   ? 9.363   4.637   5.186   1.00 14.05 ? 300 822 A C70 1 
HETATM 897  C C71 . 822 B 2 .   ? 7.988   4.379   5.041   1.00 14.63 ? 300 822 A C71 1 
HETATM 898  C C72 . 822 B 2 .   ? 7.056   5.371   5.449   1.00 15.61 ? 300 822 A C72 1 
HETATM 899  O O   . HOH C 3 .   ? 0.986   -10.221 10.164  1.00 8.52  ? 301 HOH A O   1 
HETATM 900  O O   . HOH C 3 .   ? 2.727   0.048   14.047  1.00 16.91 ? 302 HOH A O   1 
HETATM 901  O O   . HOH C 3 .   ? 12.072  3.552   3.946   1.00 10.52 ? 303 HOH A O   1 
HETATM 902  O O   . HOH C 3 .   ? -14.207 1.888   -5.353  1.00 13.66 ? 304 HOH A O   1 
HETATM 903  O O   . HOH C 3 .   ? -4.415  -5.894  10.399  1.00 8.82  ? 305 HOH A O   1 
HETATM 904  O O   . HOH C 3 .   ? -5.546  -7.932  12.460  1.00 16.65 ? 306 HOH A O   1 
HETATM 905  O O   . HOH C 3 .   ? 3.201   -10.356 -6.609  1.00 22.03 ? 307 HOH A O   1 
HETATM 906  O O   . HOH C 3 .   ? -11.762 10.427  -0.129  1.00 23.51 ? 308 HOH A O   1 
HETATM 907  O O   . HOH C 3 .   ? 4.734   9.963   0.043   1.00 15.79 ? 309 HOH A O   1 
HETATM 908  O O   . HOH C 3 .   ? -11.604 12.793  -3.027  1.00 20.93 ? 310 HOH A O   1 
HETATM 909  O O   . HOH C 3 .   ? 17.330  4.177   1.850   1.00 26.15 ? 311 HOH A O   1 
HETATM 910  O O   . HOH C 3 .   ? 16.999  1.568   2.548   1.00 25.41 ? 312 HOH A O   1 
HETATM 911  O O   . HOH C 3 .   ? 10.127  -9.219  -0.494  1.00 15.76 ? 313 HOH A O   1 
HETATM 912  O O   . HOH C 3 .   ? 13.880  5.511   4.539   1.00 15.94 ? 314 HOH A O   1 
HETATM 913  O O   . HOH C 3 .   ? 4.663   4.058   12.047  1.00 23.44 ? 315 HOH A O   1 
HETATM 914  O O   . HOH C 3 .   ? -15.279 -3.782  6.227   1.00 42.27 ? 316 HOH A O   1 
HETATM 915  O O   . HOH C 3 .   ? 4.627   -9.555  -0.164  1.00 24.92 ? 317 HOH A O   1 
HETATM 916  O O   . HOH C 3 .   ? -9.307  2.793   9.810   1.00 24.18 ? 318 HOH A O   1 
HETATM 917  O O   . HOH C 3 .   ? -14.271 3.914   5.532   1.00 29.71 ? 319 HOH A O   1 
HETATM 918  O O   . HOH C 3 .   ? -15.564 1.360   4.543   1.00 41.61 ? 320 HOH A O   1 
HETATM 919  O O   . HOH C 3 .   ? -8.586  5.935   -6.078  1.00 39.92 ? 321 HOH A O   1 
HETATM 920  O O   . HOH C 3 .   ? 5.246   -10.444 2.513   1.00 24.03 ? 322 HOH A O   1 
HETATM 921  O O   . HOH C 3 .   ? 13.036  -6.564  -5.576  1.00 28.38 ? 323 HOH A O   1 
HETATM 922  O O   . HOH C 3 .   ? -9.644  6.504   -8.394  1.00 42.28 ? 324 HOH A O   1 
HETATM 923  O O   . HOH C 3 .   ? -7.791  7.944   -9.676  1.00 25.89 ? 325 HOH A O   1 
HETATM 924  O O   . HOH C 3 .   ? 0.528   -0.255  15.481  1.00 26.33 ? 326 HOH A O   1 
HETATM 925  O O   . HOH C 3 .   ? -9.838  7.653   5.584   1.00 25.08 ? 327 HOH A O   1 
HETATM 926  O O   . HOH C 3 .   ? -0.279  -13.053 -3.519  1.00 27.06 ? 328 HOH A O   1 
HETATM 927  O O   . HOH C 3 .   ? -17.071 1.481   -1.191  1.00 28.71 ? 329 HOH A O   1 
HETATM 928  O O   . HOH C 3 .   ? -11.967 -8.222  2.392   1.00 25.95 ? 330 HOH A O   1 
HETATM 929  O O   . HOH C 3 .   ? -14.633 -7.123  4.294   1.00 34.25 ? 331 HOH A O   1 
HETATM 930  O O   . HOH C 3 .   ? -11.179 1.201   12.176  1.00 60.34 ? 332 HOH A O   1 
HETATM 931  O O   . HOH C 3 .   ? 5.457   -8.326  -7.791  1.00 29.18 ? 333 HOH A O   1 
HETATM 932  O O   . HOH C 3 .   ? 16.095  -2.844  -11.379 1.00 27.76 ? 334 HOH A O   1 
HETATM 933  O O   . HOH C 3 .   ? -7.806  -10.538 -3.604  1.00 13.62 ? 335 HOH A O   1 
HETATM 934  O O   . HOH C 3 .   ? 6.904   -8.727  10.708  1.00 21.66 ? 336 HOH A O   1 
HETATM 935  O O   . HOH C 3 .   ? 4.024   12.564  -1.045  1.00 19.68 ? 337 HOH A O   1 
HETATM 936  O O   . HOH C 3 .   ? -6.178  6.213   8.185   1.00 28.72 ? 338 HOH A O   1 
HETATM 937  O O   . HOH C 3 .   ? 6.802   -7.483  -5.599  1.00 22.03 ? 339 HOH A O   1 
HETATM 938  O O   . HOH C 3 .   ? 5.203   13.796  -2.999  1.00 43.74 ? 340 HOH A O   1 
HETATM 939  O O   . HOH C 3 .   ? 0.110   -11.805 -1.177  1.00 36.85 ? 341 HOH A O   1 
HETATM 940  O O   . HOH C 3 .   ? -14.975 -9.027  9.763   1.00 49.07 ? 342 HOH A O   1 
HETATM 941  O O   . HOH C 3 .   ? -5.648  4.043   11.823  1.00 35.80 ? 343 HOH A O   1 
HETATM 942  O O   . HOH C 3 .   ? -2.600  -13.710 -4.964  1.00 23.22 ? 344 HOH A O   1 
HETATM 943  O O   . HOH C 3 .   ? -6.178  -10.653 -5.879  1.00 38.43 ? 345 HOH A O   1 
HETATM 944  O O   . HOH C 3 .   ? 0.117   -3.145  24.232  1.00 31.06 ? 346 HOH A O   1 
HETATM 945  O O   . HOH C 3 .   ? 17.446  13.170  7.175   1.00 30.10 ? 347 HOH A O   1 
HETATM 946  O O   . HOH C 3 .   ? 13.368  -2.392  -13.103 1.00 52.15 ? 348 HOH A O   1 
HETATM 947  O O   . HOH C 3 .   ? 15.896  13.183  -0.869  1.00 34.72 ? 349 HOH A O   1 
HETATM 948  O O   . HOH C 3 .   ? -6.615  -3.854  -11.514 1.00 52.44 ? 350 HOH A O   1 
HETATM 949  O O   . HOH C 3 .   ? 5.493   -6.030  13.733  1.00 28.71 ? 351 HOH A O   1 
HETATM 950  O O   . HOH C 3 .   ? -14.300 1.074   -9.310  1.00 42.92 ? 352 HOH A O   1 
HETATM 951  O O   . HOH C 3 .   ? -8.433  12.844  3.982   1.00 52.47 ? 353 HOH A O   1 
HETATM 952  O O   . HOH C 3 .   ? -15.044 -7.280  7.348   1.00 50.60 ? 354 HOH A O   1 
HETATM 953  O O   . HOH C 3 .   ? 17.515  10.117  -3.289  1.00 33.25 ? 355 HOH A O   1 
HETATM 954  O O   . HOH C 3 .   ? 19.949  7.659   -0.224  1.00 45.91 ? 356 HOH A O   1 
HETATM 955  O O   . HOH C 3 .   ? -5.007  -13.171 -6.019  1.00 22.29 ? 357 HOH A O   1 
HETATM 956  O O   . HOH C 3 .   ? -11.381 -4.830  -6.400  1.00 35.44 ? 358 HOH A O   1 
HETATM 957  O O   . HOH C 3 .   ? -8.391  7.423   -12.922 1.00 48.63 ? 359 HOH A O   1 
HETATM 958  O O   . HOH C 3 .   ? -13.531 -13.342 4.540   1.00 66.91 ? 360 HOH A O   1 
HETATM 959  O O   . HOH C 3 .   ? -18.400 1.161   1.141   1.00 32.45 ? 361 HOH A O   1 
HETATM 960  O O   . HOH C 3 .   ? -8.329  4.371   -14.562 1.00 35.52 ? 362 HOH A O   1 
HETATM 961  O O   . HOH C 3 .   ? -5.751  6.645   -15.101 1.00 94.86 ? 363 HOH A O   1 
HETATM 962  O O   . HOH C 3 .   ? 18.735  14.848  2.185   1.00 48.66 ? 364 HOH A O   1 
HETATM 963  O O   . HOH C 3 .   ? 16.876  5.950   -2.785  1.00 13.47 ? 365 HOH A O   1 
HETATM 964  O O   . HOH C 3 .   ? -9.868  11.823  6.366   1.00 65.99 ? 366 HOH A O   1 
HETATM 965  O O   . HOH C 3 .   ? 8.343   -10.630 14.197  1.00 45.63 ? 367 HOH A O   1 
HETATM 966  O O   . HOH C 3 .   ? 3.250   4.386   9.714   1.00 18.33 ? 368 HOH A O   1 
HETATM 967  O O   . HOH C 3 .   ? -8.452  -8.808  13.518  1.00 37.40 ? 369 HOH A O   1 
HETATM 968  O O   . HOH C 3 .   ? -5.911  -11.508 4.976   1.00 31.06 ? 370 HOH A O   1 
HETATM 969  O O   . HOH C 3 .   ? -18.656 -5.116  3.771   1.00 46.23 ? 371 HOH A O   1 
HETATM 970  O O   . HOH C 3 .   ? 1.854   8.980   3.039   1.00 7.85  ? 372 HOH A O   1 
HETATM 971  O O   . HOH C 3 .   ? -4.886  2.157   -12.603 1.00 31.19 ? 373 HOH A O   1 
HETATM 972  O O   . HOH C 3 .   ? -14.429 4.852   -11.341 1.00 30.52 ? 374 HOH A O   1 
HETATM 973  O O   . HOH C 3 .   ? -10.391 -4.584  16.204  1.00 23.38 ? 375 HOH A O   1 
HETATM 974  O O   . HOH C 3 .   ? 15.915  0.556   -5.444  1.00 14.85 ? 376 HOH A O   1 
HETATM 975  O O   . HOH C 3 .   ? -6.421  -15.218 8.786   1.00 13.39 ? 377 HOH A O   1 
HETATM 976  O O   . HOH C 3 .   ? -2.954  0.415   14.942  1.00 29.56 ? 378 HOH A O   1 
HETATM 977  O O   . HOH C 3 .   ? -0.856  -3.546  21.112  1.00 25.98 ? 379 HOH A O   1 
HETATM 978  O O   . HOH C 3 .   ? -3.754  6.967   6.938   1.00 9.06  ? 380 HOH A O   1 
HETATM 979  O O   . HOH C 3 .   ? 10.125  5.037   -0.025  1.00 7.25  ? 381 HOH A O   1 
HETATM 980  O O   . HOH C 3 .   ? 6.383   -0.535  -11.776 1.00 15.30 ? 382 HOH A O   1 
HETATM 981  O O   . HOH C 3 .   ? 15.227  -5.747  -7.414  1.00 31.14 ? 383 HOH A O   1 
HETATM 982  O O   . HOH C 3 .   ? 7.245   2.322   11.666  1.00 9.17  ? 384 HOH A O   1 
HETATM 983  O O   . HOH C 3 .   ? -0.798  6.188   -13.065 1.00 58.20 ? 385 HOH A O   1 
HETATM 984  O O   . HOH C 3 .   ? -17.829 0.586   3.704   1.00 42.00 ? 386 HOH A O   1 
HETATM 985  O O   . HOH C 3 .   ? 3.588   10.896  -8.449  1.00 34.69 ? 387 HOH A O   1 
HETATM 986  O O   . HOH C 3 .   ? 14.794  -0.482  -7.661  1.00 20.58 ? 388 HOH A O   1 
HETATM 987  O O   . HOH C 3 .   ? 4.391   -7.743  15.886  1.00 39.28 ? 389 HOH A O   1 
HETATM 988  O O   . HOH C 3 .   ? -16.766 -7.844  -1.730  1.00 40.35 ? 390 HOH A O   1 
HETATM 989  O O   . HOH C 3 .   ? 1.825   -3.621  14.219  1.00 24.34 ? 391 HOH A O   1 
HETATM 990  O O   . HOH C 3 .   ? -6.179  11.320  -10.316 1.00 51.54 ? 392 HOH A O   1 
HETATM 991  O O   . HOH C 3 .   ? 11.871  -10.409 -2.463  1.00 36.43 ? 393 HOH A O   1 
HETATM 992  O O   . HOH C 3 .   ? -7.960  4.858   12.422  1.00 52.05 ? 394 HOH A O   1 
HETATM 993  O O   . HOH C 3 .   ? -7.866  -3.991  20.636  1.00 30.36 ? 395 HOH A O   1 
HETATM 994  O O   . HOH C 3 .   ? -7.312  -7.276  -8.134  1.00 33.55 ? 396 HOH A O   1 
HETATM 995  O O   . HOH C 3 .   ? -19.624 -1.574  4.461   1.00 50.87 ? 397 HOH A O   1 
HETATM 996  O O   . HOH C 3 .   ? -14.657 2.808   8.610   1.00 52.24 ? 398 HOH A O   1 
HETATM 997  O O   . HOH C 3 .   ? -2.493  7.959   9.156   1.00 29.45 ? 399 HOH A O   1 
HETATM 998  O O   . HOH C 3 .   ? 8.053   0.218   -13.876 1.00 37.08 ? 400 HOH A O   1 
HETATM 999  O O   . HOH C 3 .   ? 5.777   -6.474  17.730  1.00 22.70 ? 401 HOH A O   1 
HETATM 1000 O O   . HOH C 3 .   ? -0.852  -6.673  17.350  1.00 25.03 ? 402 HOH A O   1 
HETATM 1001 O O   . HOH C 3 .   ? -8.842  -0.012  -12.393 1.00 32.90 ? 403 HOH A O   1 
HETATM 1002 O O   . HOH C 3 .   ? 4.077   -11.234 10.024  1.00 47.82 ? 404 HOH A O   1 
HETATM 1003 O O   . HOH C 3 .   ? -13.474 -3.609  -5.277  1.00 46.22 ? 405 HOH A O   1 
HETATM 1004 O O   . HOH C 3 .   ? -9.980  -3.337  -8.326  1.00 49.09 ? 406 HOH A O   1 
HETATM 1005 O O   . HOH C 3 .   ? -6.287  -0.921  -13.415 1.00 52.73 ? 407 HOH A O   1 
HETATM 1006 O O   . HOH C 3 .   ? -10.957 -7.163  15.029  1.00 45.85 ? 408 HOH A O   1 
HETATM 1007 O O   . HOH C 3 .   ? 5.611   -10.896 12.733  1.00 36.93 ? 409 HOH A O   1 
HETATM 1008 O O   . HOH C 3 .   ? 18.527  11.118  -0.992  1.00 54.93 ? 410 HOH A O   1 
HETATM 1009 O O   . HOH C 3 .   ? 3.735   -8.943  13.473  1.00 27.51 ? 411 HOH A O   1 
HETATM 1010 O O   . HOH C 3 .   ? 16.324  14.112  4.788   1.00 33.66 ? 412 HOH A O   1 
HETATM 1011 O O   . HOH C 3 .   ? -1.320  -11.798 5.683   1.00 27.04 ? 413 HOH A O   1 
HETATM 1012 O O   . HOH C 3 .   ? -4.918  14.111  2.361   1.00 39.31 ? 414 HOH A O   1 
HETATM 1013 O O   . HOH C 3 .   ? 13.992  13.424  4.149   1.00 37.40 ? 415 HOH A O   1 
HETATM 1014 O O   . HOH C 3 .   ? -4.268  6.260   11.516  1.00 42.14 ? 416 HOH A O   1 
HETATM 1015 O O   . HOH C 3 .   ? 4.693   17.583  -2.505  1.00 45.18 ? 417 HOH A O   1 
HETATM 1016 O O   . HOH C 3 .   ? -12.517 6.490   8.038   1.00 54.08 ? 418 HOH A O   1 
HETATM 1017 O O   . HOH C 3 .   ? 7.916   -12.036 10.943  1.00 45.06 ? 419 HOH A O   1 
HETATM 1018 O O   . HOH C 3 .   ? -8.000  7.916   7.475   1.00 40.72 ? 420 HOH A O   1 
# 
loop_
_pdbx_poly_seq_scheme.asym_id 
_pdbx_poly_seq_scheme.entity_id 
_pdbx_poly_seq_scheme.seq_id 
_pdbx_poly_seq_scheme.mon_id 
_pdbx_poly_seq_scheme.ndb_seq_num 
_pdbx_poly_seq_scheme.pdb_seq_num 
_pdbx_poly_seq_scheme.auth_seq_num 
_pdbx_poly_seq_scheme.pdb_mon_id 
_pdbx_poly_seq_scheme.auth_mon_id 
_pdbx_poly_seq_scheme.pdb_strand_id 
_pdbx_poly_seq_scheme.pdb_ins_code 
_pdbx_poly_seq_scheme.hetero 
A 1 1   SER 1   1   1   SER SER A . n 
A 1 2   ILE 2   2   2   ILE ILE A . n 
A 1 3   GLN 3   3   3   GLN GLN A . n 
A 1 4   ALA 4   4   4   ALA ALA A . n 
A 1 5   GLU 5   5   5   GLU GLU A . n 
A 1 6   GLU 6   6   6   GLU GLU A . n 
A 1 7   TRP 7   7   7   TRP TRP A . n 
A 1 8   TYR 8   8   8   TYR TYR A . n 
A 1 9   PHE 9   9   9   PHE PHE A . n 
A 1 10  GLY 10  10  10  GLY GLY A . n 
A 1 11  LYS 11  11  11  LYS LYS A . n 
A 1 12  ILE 12  12  12  ILE ILE A . n 
A 1 13  THR 13  13  13  THR THR A . n 
A 1 14  ARG 14  14  14  ARG ARG A . n 
A 1 15  ARG 15  15  15  ARG ARG A . n 
A 1 16  GLU 16  16  16  GLU GLU A . n 
A 1 17  SER 17  17  17  SER SER A . n 
A 1 18  GLU 18  18  18  GLU GLU A . n 
A 1 19  ARG 19  19  19  ARG ARG A . n 
A 1 20  LEU 20  20  20  LEU LEU A . n 
A 1 21  LEU 21  21  21  LEU LEU A . n 
A 1 22  LEU 22  22  22  LEU LEU A . n 
A 1 23  ASN 23  23  23  ASN ASN A . n 
A 1 24  ALA 24  24  24  ALA ALA A . n 
A 1 25  GLU 25  25  25  GLU GLU A . n 
A 1 26  ASN 26  26  26  ASN ASN A . n 
A 1 27  PRO 27  27  27  PRO PRO A . n 
A 1 28  ARG 28  28  28  ARG ARG A . n 
A 1 29  GLY 29  29  29  GLY GLY A . n 
A 1 30  THR 30  30  30  THR THR A . n 
A 1 31  PHE 31  31  31  PHE PHE A . n 
A 1 32  LEU 32  32  32  LEU LEU A . n 
A 1 33  VAL 33  33  33  VAL VAL A . n 
A 1 34  ARG 34  34  34  ARG ARG A . n 
A 1 35  GLU 35  35  35  GLU GLU A . n 
A 1 36  SER 36  36  36  SER SER A . n 
A 1 37  GLU 37  37  37  GLU GLU A . n 
A 1 38  THR 38  38  38  THR THR A . n 
A 1 39  THR 39  39  39  THR THR A . n 
A 1 40  LYS 40  40  40  LYS LYS A . n 
A 1 41  GLY 41  41  41  GLY GLY A . n 
A 1 42  ALA 42  42  42  ALA ALA A . n 
A 1 43  TYR 43  43  43  TYR TYR A . n 
A 1 44  CYS 44  44  44  CYS CYS A . n 
A 1 45  LEU 45  45  45  LEU LEU A . n 
A 1 46  SER 46  46  46  SER SER A . n 
A 1 47  VAL 47  47  47  VAL VAL A . n 
A 1 48  SER 48  48  48  SER SER A . n 
A 1 49  ASP 49  49  49  ASP ASP A . n 
A 1 50  PHE 50  50  50  PHE PHE A . n 
A 1 51  ASP 51  51  51  ASP ASP A . n 
A 1 52  ASN 52  52  52  ASN ASN A . n 
A 1 53  ALA 53  53  53  ALA ALA A . n 
A 1 54  LYS 54  54  54  LYS LYS A . n 
A 1 55  GLY 55  55  55  GLY GLY A . n 
A 1 56  LEU 56  56  56  LEU LEU A . n 
A 1 57  ASN 57  57  57  ASN ASN A . n 
A 1 58  VAL 58  58  58  VAL VAL A . n 
A 1 59  LYS 59  59  59  LYS LYS A . n 
A 1 60  HIS 60  60  60  HIS HIS A . n 
A 1 61  TYR 61  61  61  TYR TYR A . n 
A 1 62  LYS 62  62  62  LYS LYS A . n 
A 1 63  ILE 63  63  63  ILE ILE A . n 
A 1 64  ARG 64  64  64  ARG ARG A . n 
A 1 65  LYS 65  65  65  LYS LYS A . n 
A 1 66  LEU 66  66  66  LEU LEU A . n 
A 1 67  ASP 67  67  67  ASP ASP A . n 
A 1 68  SER 68  68  68  SER SER A . n 
A 1 69  GLY 69  69  69  GLY GLY A . n 
A 1 70  GLY 70  70  70  GLY GLY A . n 
A 1 71  PHE 71  71  71  PHE PHE A . n 
A 1 72  TYR 72  72  72  TYR TYR A . n 
A 1 73  ILE 73  73  73  ILE ILE A . n 
A 1 74  THR 74  74  74  THR THR A . n 
A 1 75  SER 75  75  75  SER SER A . n 
A 1 76  ARG 76  76  76  ARG ARG A . n 
A 1 77  THR 77  77  77  THR THR A . n 
A 1 78  GLN 78  78  78  GLN GLN A . n 
A 1 79  PHE 79  79  79  PHE PHE A . n 
A 1 80  ASN 80  80  80  ASN ASN A . n 
A 1 81  SER 81  81  81  SER SER A . n 
A 1 82  LEU 82  82  82  LEU LEU A . n 
A 1 83  GLN 83  83  83  GLN GLN A . n 
A 1 84  GLN 84  84  84  GLN GLN A . n 
A 1 85  LEU 85  85  85  LEU LEU A . n 
A 1 86  VAL 86  86  86  VAL VAL A . n 
A 1 87  ALA 87  87  87  ALA ALA A . n 
A 1 88  TYR 88  88  88  TYR TYR A . n 
A 1 89  TYR 89  89  89  TYR TYR A . n 
A 1 90  SER 90  90  90  SER SER A . n 
A 1 91  LYS 91  91  91  LYS LYS A . n 
A 1 92  HIS 92  92  92  HIS HIS A . n 
A 1 93  ALA 93  93  93  ALA ALA A . n 
A 1 94  ASP 94  94  94  ASP ASP A . n 
A 1 95  GLY 95  95  95  GLY GLY A . n 
A 1 96  LEU 96  96  96  LEU LEU A . n 
A 1 97  CYS 97  97  97  CYS CYS A . n 
A 1 98  HIS 98  98  98  HIS HIS A . n 
A 1 99  ARG 99  99  99  ARG ARG A . n 
A 1 100 LEU 100 100 100 LEU LEU A . n 
A 1 101 THR 101 101 101 THR THR A . n 
A 1 102 THR 102 102 102 THR THR A . n 
A 1 103 VAL 103 103 103 VAL VAL A . n 
A 1 104 CYS 104 104 104 CYS CYS A . n 
A 1 105 PRO 105 105 105 PRO PRO A . n 
A 1 106 THR 106 106 106 THR THR A . n 
A 1 107 SER 107 107 ?   ?   ?   A . n 
A 1 108 LYS 108 108 ?   ?   ?   A . n 
# 
loop_
_pdbx_nonpoly_scheme.asym_id 
_pdbx_nonpoly_scheme.entity_id 
_pdbx_nonpoly_scheme.mon_id 
_pdbx_nonpoly_scheme.ndb_seq_num 
_pdbx_nonpoly_scheme.pdb_seq_num 
_pdbx_nonpoly_scheme.auth_seq_num 
_pdbx_nonpoly_scheme.pdb_mon_id 
_pdbx_nonpoly_scheme.auth_mon_id 
_pdbx_nonpoly_scheme.pdb_strand_id 
_pdbx_nonpoly_scheme.pdb_ins_code 
B 2 822 1   300 1   822 INH A . 
C 3 HOH 1   301 1   HOH HOH A . 
C 3 HOH 2   302 2   HOH HOH A . 
C 3 HOH 3   303 3   HOH HOH A . 
C 3 HOH 4   304 4   HOH HOH A . 
C 3 HOH 5   305 5   HOH HOH A . 
C 3 HOH 6   306 6   HOH HOH A . 
C 3 HOH 7   307 7   HOH HOH A . 
C 3 HOH 8   308 8   HOH HOH A . 
C 3 HOH 9   309 9   HOH HOH A . 
C 3 HOH 10  310 10  HOH HOH A . 
C 3 HOH 11  311 11  HOH HOH A . 
C 3 HOH 12  312 12  HOH HOH A . 
C 3 HOH 13  313 13  HOH HOH A . 
C 3 HOH 14  314 14  HOH HOH A . 
C 3 HOH 15  315 15  HOH HOH A . 
C 3 HOH 16  316 16  HOH HOH A . 
C 3 HOH 17  317 17  HOH HOH A . 
C 3 HOH 18  318 18  HOH HOH A . 
C 3 HOH 19  319 19  HOH HOH A . 
C 3 HOH 20  320 20  HOH HOH A . 
C 3 HOH 21  321 21  HOH HOH A . 
C 3 HOH 22  322 22  HOH HOH A . 
C 3 HOH 23  323 23  HOH HOH A . 
C 3 HOH 24  324 24  HOH HOH A . 
C 3 HOH 25  325 25  HOH HOH A . 
C 3 HOH 26  326 26  HOH HOH A . 
C 3 HOH 27  327 27  HOH HOH A . 
C 3 HOH 28  328 28  HOH HOH A . 
C 3 HOH 29  329 30  HOH HOH A . 
C 3 HOH 30  330 31  HOH HOH A . 
C 3 HOH 31  331 32  HOH HOH A . 
C 3 HOH 32  332 33  HOH HOH A . 
C 3 HOH 33  333 34  HOH HOH A . 
C 3 HOH 34  334 36  HOH HOH A . 
C 3 HOH 35  335 38  HOH HOH A . 
C 3 HOH 36  336 39  HOH HOH A . 
C 3 HOH 37  337 40  HOH HOH A . 
C 3 HOH 38  338 41  HOH HOH A . 
C 3 HOH 39  339 43  HOH HOH A . 
C 3 HOH 40  340 44  HOH HOH A . 
C 3 HOH 41  341 45  HOH HOH A . 
C 3 HOH 42  342 46  HOH HOH A . 
C 3 HOH 43  343 47  HOH HOH A . 
C 3 HOH 44  344 48  HOH HOH A . 
C 3 HOH 45  345 49  HOH HOH A . 
C 3 HOH 46  346 50  HOH HOH A . 
C 3 HOH 47  347 55  HOH HOH A . 
C 3 HOH 48  348 57  HOH HOH A . 
C 3 HOH 49  349 58  HOH HOH A . 
C 3 HOH 50  350 59  HOH HOH A . 
C 3 HOH 51  351 60  HOH HOH A . 
C 3 HOH 52  352 62  HOH HOH A . 
C 3 HOH 53  353 63  HOH HOH A . 
C 3 HOH 54  354 64  HOH HOH A . 
C 3 HOH 55  355 66  HOH HOH A . 
C 3 HOH 56  356 68  HOH HOH A . 
C 3 HOH 57  357 71  HOH HOH A . 
C 3 HOH 58  358 72  HOH HOH A . 
C 3 HOH 59  359 74  HOH HOH A . 
C 3 HOH 60  360 75  HOH HOH A . 
C 3 HOH 61  361 78  HOH HOH A . 
C 3 HOH 62  362 82  HOH HOH A . 
C 3 HOH 63  363 83  HOH HOH A . 
C 3 HOH 64  364 86  HOH HOH A . 
C 3 HOH 65  365 89  HOH HOH A . 
C 3 HOH 66  366 90  HOH HOH A . 
C 3 HOH 67  367 91  HOH HOH A . 
C 3 HOH 68  368 92  HOH HOH A . 
C 3 HOH 69  369 94  HOH HOH A . 
C 3 HOH 70  370 96  HOH HOH A . 
C 3 HOH 71  371 98  HOH HOH A . 
C 3 HOH 72  372 99  HOH HOH A . 
C 3 HOH 73  373 102 HOH HOH A . 
C 3 HOH 74  374 103 HOH HOH A . 
C 3 HOH 75  375 104 HOH HOH A . 
C 3 HOH 76  376 105 HOH HOH A . 
C 3 HOH 77  377 107 HOH HOH A . 
C 3 HOH 78  378 108 HOH HOH A . 
C 3 HOH 79  379 109 HOH HOH A . 
C 3 HOH 80  380 110 HOH HOH A . 
C 3 HOH 81  381 111 HOH HOH A . 
C 3 HOH 82  382 112 HOH HOH A . 
C 3 HOH 83  383 113 HOH HOH A . 
C 3 HOH 84  384 114 HOH HOH A . 
C 3 HOH 85  385 115 HOH HOH A . 
C 3 HOH 86  386 118 HOH HOH A . 
C 3 HOH 87  387 123 HOH HOH A . 
C 3 HOH 88  388 128 HOH HOH A . 
C 3 HOH 89  389 132 HOH HOH A . 
C 3 HOH 90  390 133 HOH HOH A . 
C 3 HOH 91  391 134 HOH HOH A . 
C 3 HOH 92  392 141 HOH HOH A . 
C 3 HOH 93  393 150 HOH HOH A . 
C 3 HOH 94  394 152 HOH HOH A . 
C 3 HOH 95  395 154 HOH HOH A . 
C 3 HOH 96  396 160 HOH HOH A . 
C 3 HOH 97  397 170 HOH HOH A . 
C 3 HOH 98  398 171 HOH HOH A . 
C 3 HOH 99  399 179 HOH HOH A . 
C 3 HOH 100 400 181 HOH HOH A . 
C 3 HOH 101 401 186 HOH HOH A . 
C 3 HOH 102 402 187 HOH HOH A . 
C 3 HOH 103 403 188 HOH HOH A . 
C 3 HOH 104 404 189 HOH HOH A . 
C 3 HOH 105 405 190 HOH HOH A . 
C 3 HOH 106 406 191 HOH HOH A . 
C 3 HOH 107 407 192 HOH HOH A . 
C 3 HOH 108 408 193 HOH HOH A . 
C 3 HOH 109 409 194 HOH HOH A . 
C 3 HOH 110 410 195 HOH HOH A . 
C 3 HOH 111 411 197 HOH HOH A . 
C 3 HOH 112 412 198 HOH HOH A . 
C 3 HOH 113 413 199 HOH HOH A . 
C 3 HOH 114 414 200 HOH HOH A . 
C 3 HOH 115 415 201 HOH HOH A . 
C 3 HOH 116 416 202 HOH HOH A . 
C 3 HOH 117 417 203 HOH HOH A . 
C 3 HOH 118 418 204 HOH HOH A . 
C 3 HOH 119 419 205 HOH HOH A . 
C 3 HOH 120 420 206 HOH HOH A . 
# 
_pdbx_struct_assembly.id                   1 
_pdbx_struct_assembly.details              author_defined_assembly 
_pdbx_struct_assembly.method_details       ? 
_pdbx_struct_assembly.oligomeric_details   monomeric 
_pdbx_struct_assembly.oligomeric_count     1 
# 
_pdbx_struct_assembly_gen.assembly_id       1 
_pdbx_struct_assembly_gen.oper_expression   1 
_pdbx_struct_assembly_gen.asym_id_list      A,B,C 
# 
_pdbx_struct_oper_list.id                   1 
_pdbx_struct_oper_list.type                 'identity operation' 
_pdbx_struct_oper_list.name                 1_555 
_pdbx_struct_oper_list.symmetry_operation   x,y,z 
_pdbx_struct_oper_list.matrix[1][1]         1.0000000000 
_pdbx_struct_oper_list.matrix[1][2]         0.0000000000 
_pdbx_struct_oper_list.matrix[1][3]         0.0000000000 
_pdbx_struct_oper_list.vector[1]            0.0000000000 
_pdbx_struct_oper_list.matrix[2][1]         0.0000000000 
_pdbx_struct_oper_list.matrix[2][2]         1.0000000000 
_pdbx_struct_oper_list.matrix[2][3]         0.0000000000 
_pdbx_struct_oper_list.vector[2]            0.0000000000 
_pdbx_struct_oper_list.matrix[3][1]         0.0000000000 
_pdbx_struct_oper_list.matrix[3][2]         0.0000000000 
_pdbx_struct_oper_list.matrix[3][3]         1.0000000000 
_pdbx_struct_oper_list.vector[3]            0.0000000000 
# 
loop_
_pdbx_audit_revision_history.ordinal 
_pdbx_audit_revision_history.data_content_type 
_pdbx_audit_revision_history.major_revision 
_pdbx_audit_revision_history.minor_revision 
_pdbx_audit_revision_history.revision_date 
1 'Structure model' 1 0 2004-02-17 
2 'Structure model' 1 1 2008-04-26 
3 'Structure model' 1 2 2011-07-13 
4 'Structure model' 1 3 2023-08-16 
# 
_pdbx_audit_revision_details.ordinal             1 
_pdbx_audit_revision_details.revision_ordinal    1 
_pdbx_audit_revision_details.data_content_type   'Structure model' 
_pdbx_audit_revision_details.provider            repository 
_pdbx_audit_revision_details.type                'Initial release' 
_pdbx_audit_revision_details.description         ? 
_pdbx_audit_revision_details.details             ? 
# 
loop_
_pdbx_audit_revision_group.ordinal 
_pdbx_audit_revision_group.revision_ordinal 
_pdbx_audit_revision_group.data_content_type 
_pdbx_audit_revision_group.group 
1 2 'Structure model' 'Version format compliance' 
2 3 'Structure model' 'Version format compliance' 
3 4 'Structure model' 'Data collection'           
4 4 'Structure model' 'Database references'       
5 4 'Structure model' 'Derived calculations'      
6 4 'Structure model' 'Refinement description'    
# 
loop_
_pdbx_audit_revision_category.ordinal 
_pdbx_audit_revision_category.revision_ordinal 
_pdbx_audit_revision_category.data_content_type 
_pdbx_audit_revision_category.category 
1 4 'Structure model' chem_comp_atom                
2 4 'Structure model' chem_comp_bond                
3 4 'Structure model' database_2                    
4 4 'Structure model' pdbx_initial_refinement_model 
5 4 'Structure model' struct_site                   
# 
loop_
_pdbx_audit_revision_item.ordinal 
_pdbx_audit_revision_item.revision_ordinal 
_pdbx_audit_revision_item.data_content_type 
_pdbx_audit_revision_item.item 
1 4 'Structure model' '_database_2.pdbx_DOI'                
2 4 'Structure model' '_database_2.pdbx_database_accession' 
3 4 'Structure model' '_struct_site.pdbx_auth_asym_id'      
4 4 'Structure model' '_struct_site.pdbx_auth_comp_id'      
5 4 'Structure model' '_struct_site.pdbx_auth_seq_id'       
# 
loop_
_software.name 
_software.classification 
_software.version 
_software.citation_id 
_software.pdbx_ordinal 
XDS    'data scaling'   .     ? 1 
XDS    'data reduction' .     ? 2 
X-PLOR 'model building' 3.851 ? 3 
X-PLOR refinement       3.851 ? 4 
X-PLOR phasing          3.851 ? 5 
# 
loop_
_pdbx_validate_torsion.id 
_pdbx_validate_torsion.PDB_model_num 
_pdbx_validate_torsion.auth_comp_id 
_pdbx_validate_torsion.auth_asym_id 
_pdbx_validate_torsion.auth_seq_id 
_pdbx_validate_torsion.PDB_ins_code 
_pdbx_validate_torsion.label_alt_id 
_pdbx_validate_torsion.phi 
_pdbx_validate_torsion.psi 
1 1 ASP A 94  ? ? 48.52   -117.81 
2 1 THR A 101 ? ? -107.00 -81.68  
# 
loop_
_pdbx_unobs_or_zero_occ_residues.id 
_pdbx_unobs_or_zero_occ_residues.PDB_model_num 
_pdbx_unobs_or_zero_occ_residues.polymer_flag 
_pdbx_unobs_or_zero_occ_residues.occupancy_flag 
_pdbx_unobs_or_zero_occ_residues.auth_asym_id 
_pdbx_unobs_or_zero_occ_residues.auth_comp_id 
_pdbx_unobs_or_zero_occ_residues.auth_seq_id 
_pdbx_unobs_or_zero_occ_residues.PDB_ins_code 
_pdbx_unobs_or_zero_occ_residues.label_asym_id 
_pdbx_unobs_or_zero_occ_residues.label_comp_id 
_pdbx_unobs_or_zero_occ_residues.label_seq_id 
1 1 Y 1 A SER 107 ? A SER 107 
2 1 Y 1 A LYS 108 ? A LYS 108 
# 
loop_
_chem_comp_atom.comp_id 
_chem_comp_atom.atom_id 
_chem_comp_atom.type_symbol 
_chem_comp_atom.pdbx_aromatic_flag 
_chem_comp_atom.pdbx_stereo_config 
_chem_comp_atom.pdbx_ordinal 
822 C1   C Y N 1   
822 C2   C Y N 2   
822 C3   C Y N 3   
822 C4   C Y N 4   
822 C5   C Y N 5   
822 C6   C Y N 6   
822 C11  C N N 7   
822 F12  F N N 8   
822 F13  F N N 9   
822 P14  P N N 10  
822 O15  O N N 11  
822 O16  O N N 12  
822 O17  O N N 13  
822 C18  C N N 14  
822 C19  C N S 15  
822 C22  C N N 16  
822 N23  N N N 17  
822 O24  O N N 18  
822 N25  N N N 19  
822 C26  C N N 20  
822 O27  O N N 21  
822 C28  C N N 22  
822 C32  C N S 23  
822 C33  C N N 24  
822 N34  N N N 25  
822 O37  O N N 26  
822 C38  C N N 27  
822 C39  C N N 28  
822 C42  C N N 29  
822 C43  C Y N 30  
822 C46  C N N 31  
822 C49  C N N 32  
822 C58  C Y N 33  
822 C59  C Y N 34  
822 C60  C Y N 35  
822 C61  C Y N 36  
822 C62  C Y N 37  
822 C67  C Y N 38  
822 C68  C Y N 39  
822 C69  C Y N 40  
822 C70  C Y N 41  
822 C71  C Y N 42  
822 C72  C Y N 43  
822 H2   H N N 44  
822 H3   H N N 45  
822 H5   H N N 46  
822 H6   H N N 47  
822 H16  H N N 48  
822 H17  H N N 49  
822 H181 H N N 50  
822 H182 H N N 51  
822 H19  H N N 52  
822 H23  H N N 53  
822 H25  H N N 54  
822 H281 H N N 55  
822 H282 H N N 56  
822 H283 H N N 57  
822 H32  H N N 58  
822 H381 H N N 59  
822 H382 H N N 60  
822 H391 H N N 61  
822 H392 H N N 62  
822 H421 H N N 63  
822 H422 H N N 64  
822 H461 H N N 65  
822 H462 H N N 66  
822 H491 H N N 67  
822 H492 H N N 68  
822 H58  H N N 69  
822 H59  H N N 70  
822 H61  H N N 71  
822 H62  H N N 72  
822 H68  H N N 73  
822 H69  H N N 74  
822 H70  H N N 75  
822 H71  H N N 76  
822 H72  H N N 77  
ALA N    N N N 78  
ALA CA   C N S 79  
ALA C    C N N 80  
ALA O    O N N 81  
ALA CB   C N N 82  
ALA OXT  O N N 83  
ALA H    H N N 84  
ALA H2   H N N 85  
ALA HA   H N N 86  
ALA HB1  H N N 87  
ALA HB2  H N N 88  
ALA HB3  H N N 89  
ALA HXT  H N N 90  
ARG N    N N N 91  
ARG CA   C N S 92  
ARG C    C N N 93  
ARG O    O N N 94  
ARG CB   C N N 95  
ARG CG   C N N 96  
ARG CD   C N N 97  
ARG NE   N N N 98  
ARG CZ   C N N 99  
ARG NH1  N N N 100 
ARG NH2  N N N 101 
ARG OXT  O N N 102 
ARG H    H N N 103 
ARG H2   H N N 104 
ARG HA   H N N 105 
ARG HB2  H N N 106 
ARG HB3  H N N 107 
ARG HG2  H N N 108 
ARG HG3  H N N 109 
ARG HD2  H N N 110 
ARG HD3  H N N 111 
ARG HE   H N N 112 
ARG HH11 H N N 113 
ARG HH12 H N N 114 
ARG HH21 H N N 115 
ARG HH22 H N N 116 
ARG HXT  H N N 117 
ASN N    N N N 118 
ASN CA   C N S 119 
ASN C    C N N 120 
ASN O    O N N 121 
ASN CB   C N N 122 
ASN CG   C N N 123 
ASN OD1  O N N 124 
ASN ND2  N N N 125 
ASN OXT  O N N 126 
ASN H    H N N 127 
ASN H2   H N N 128 
ASN HA   H N N 129 
ASN HB2  H N N 130 
ASN HB3  H N N 131 
ASN HD21 H N N 132 
ASN HD22 H N N 133 
ASN HXT  H N N 134 
ASP N    N N N 135 
ASP CA   C N S 136 
ASP C    C N N 137 
ASP O    O N N 138 
ASP CB   C N N 139 
ASP CG   C N N 140 
ASP OD1  O N N 141 
ASP OD2  O N N 142 
ASP OXT  O N N 143 
ASP H    H N N 144 
ASP H2   H N N 145 
ASP HA   H N N 146 
ASP HB2  H N N 147 
ASP HB3  H N N 148 
ASP HD2  H N N 149 
ASP HXT  H N N 150 
CYS N    N N N 151 
CYS CA   C N R 152 
CYS C    C N N 153 
CYS O    O N N 154 
CYS CB   C N N 155 
CYS SG   S N N 156 
CYS OXT  O N N 157 
CYS H    H N N 158 
CYS H2   H N N 159 
CYS HA   H N N 160 
CYS HB2  H N N 161 
CYS HB3  H N N 162 
CYS HG   H N N 163 
CYS HXT  H N N 164 
GLN N    N N N 165 
GLN CA   C N S 166 
GLN C    C N N 167 
GLN O    O N N 168 
GLN CB   C N N 169 
GLN CG   C N N 170 
GLN CD   C N N 171 
GLN OE1  O N N 172 
GLN NE2  N N N 173 
GLN OXT  O N N 174 
GLN H    H N N 175 
GLN H2   H N N 176 
GLN HA   H N N 177 
GLN HB2  H N N 178 
GLN HB3  H N N 179 
GLN HG2  H N N 180 
GLN HG3  H N N 181 
GLN HE21 H N N 182 
GLN HE22 H N N 183 
GLN HXT  H N N 184 
GLU N    N N N 185 
GLU CA   C N S 186 
GLU C    C N N 187 
GLU O    O N N 188 
GLU CB   C N N 189 
GLU CG   C N N 190 
GLU CD   C N N 191 
GLU OE1  O N N 192 
GLU OE2  O N N 193 
GLU OXT  O N N 194 
GLU H    H N N 195 
GLU H2   H N N 196 
GLU HA   H N N 197 
GLU HB2  H N N 198 
GLU HB3  H N N 199 
GLU HG2  H N N 200 
GLU HG3  H N N 201 
GLU HE2  H N N 202 
GLU HXT  H N N 203 
GLY N    N N N 204 
GLY CA   C N N 205 
GLY C    C N N 206 
GLY O    O N N 207 
GLY OXT  O N N 208 
GLY H    H N N 209 
GLY H2   H N N 210 
GLY HA2  H N N 211 
GLY HA3  H N N 212 
GLY HXT  H N N 213 
HIS N    N N N 214 
HIS CA   C N S 215 
HIS C    C N N 216 
HIS O    O N N 217 
HIS CB   C N N 218 
HIS CG   C Y N 219 
HIS ND1  N Y N 220 
HIS CD2  C Y N 221 
HIS CE1  C Y N 222 
HIS NE2  N Y N 223 
HIS OXT  O N N 224 
HIS H    H N N 225 
HIS H2   H N N 226 
HIS HA   H N N 227 
HIS HB2  H N N 228 
HIS HB3  H N N 229 
HIS HD1  H N N 230 
HIS HD2  H N N 231 
HIS HE1  H N N 232 
HIS HE2  H N N 233 
HIS HXT  H N N 234 
HOH O    O N N 235 
HOH H1   H N N 236 
HOH H2   H N N 237 
ILE N    N N N 238 
ILE CA   C N S 239 
ILE C    C N N 240 
ILE O    O N N 241 
ILE CB   C N S 242 
ILE CG1  C N N 243 
ILE CG2  C N N 244 
ILE CD1  C N N 245 
ILE OXT  O N N 246 
ILE H    H N N 247 
ILE H2   H N N 248 
ILE HA   H N N 249 
ILE HB   H N N 250 
ILE HG12 H N N 251 
ILE HG13 H N N 252 
ILE HG21 H N N 253 
ILE HG22 H N N 254 
ILE HG23 H N N 255 
ILE HD11 H N N 256 
ILE HD12 H N N 257 
ILE HD13 H N N 258 
ILE HXT  H N N 259 
LEU N    N N N 260 
LEU CA   C N S 261 
LEU C    C N N 262 
LEU O    O N N 263 
LEU CB   C N N 264 
LEU CG   C N N 265 
LEU CD1  C N N 266 
LEU CD2  C N N 267 
LEU OXT  O N N 268 
LEU H    H N N 269 
LEU H2   H N N 270 
LEU HA   H N N 271 
LEU HB2  H N N 272 
LEU HB3  H N N 273 
LEU HG   H N N 274 
LEU HD11 H N N 275 
LEU HD12 H N N 276 
LEU HD13 H N N 277 
LEU HD21 H N N 278 
LEU HD22 H N N 279 
LEU HD23 H N N 280 
LEU HXT  H N N 281 
LYS N    N N N 282 
LYS CA   C N S 283 
LYS C    C N N 284 
LYS O    O N N 285 
LYS CB   C N N 286 
LYS CG   C N N 287 
LYS CD   C N N 288 
LYS CE   C N N 289 
LYS NZ   N N N 290 
LYS OXT  O N N 291 
LYS H    H N N 292 
LYS H2   H N N 293 
LYS HA   H N N 294 
LYS HB2  H N N 295 
LYS HB3  H N N 296 
LYS HG2  H N N 297 
LYS HG3  H N N 298 
LYS HD2  H N N 299 
LYS HD3  H N N 300 
LYS HE2  H N N 301 
LYS HE3  H N N 302 
LYS HZ1  H N N 303 
LYS HZ2  H N N 304 
LYS HZ3  H N N 305 
LYS HXT  H N N 306 
PHE N    N N N 307 
PHE CA   C N S 308 
PHE C    C N N 309 
PHE O    O N N 310 
PHE CB   C N N 311 
PHE CG   C Y N 312 
PHE CD1  C Y N 313 
PHE CD2  C Y N 314 
PHE CE1  C Y N 315 
PHE CE2  C Y N 316 
PHE CZ   C Y N 317 
PHE OXT  O N N 318 
PHE H    H N N 319 
PHE H2   H N N 320 
PHE HA   H N N 321 
PHE HB2  H N N 322 
PHE HB3  H N N 323 
PHE HD1  H N N 324 
PHE HD2  H N N 325 
PHE HE1  H N N 326 
PHE HE2  H N N 327 
PHE HZ   H N N 328 
PHE HXT  H N N 329 
PRO N    N N N 330 
PRO CA   C N S 331 
PRO C    C N N 332 
PRO O    O N N 333 
PRO CB   C N N 334 
PRO CG   C N N 335 
PRO CD   C N N 336 
PRO OXT  O N N 337 
PRO H    H N N 338 
PRO HA   H N N 339 
PRO HB2  H N N 340 
PRO HB3  H N N 341 
PRO HG2  H N N 342 
PRO HG3  H N N 343 
PRO HD2  H N N 344 
PRO HD3  H N N 345 
PRO HXT  H N N 346 
SER N    N N N 347 
SER CA   C N S 348 
SER C    C N N 349 
SER O    O N N 350 
SER CB   C N N 351 
SER OG   O N N 352 
SER OXT  O N N 353 
SER H    H N N 354 
SER H2   H N N 355 
SER HA   H N N 356 
SER HB2  H N N 357 
SER HB3  H N N 358 
SER HG   H N N 359 
SER HXT  H N N 360 
THR N    N N N 361 
THR CA   C N S 362 
THR C    C N N 363 
THR O    O N N 364 
THR CB   C N R 365 
THR OG1  O N N 366 
THR CG2  C N N 367 
THR OXT  O N N 368 
THR H    H N N 369 
THR H2   H N N 370 
THR HA   H N N 371 
THR HB   H N N 372 
THR HG1  H N N 373 
THR HG21 H N N 374 
THR HG22 H N N 375 
THR HG23 H N N 376 
THR HXT  H N N 377 
TRP N    N N N 378 
TRP CA   C N S 379 
TRP C    C N N 380 
TRP O    O N N 381 
TRP CB   C N N 382 
TRP CG   C Y N 383 
TRP CD1  C Y N 384 
TRP CD2  C Y N 385 
TRP NE1  N Y N 386 
TRP CE2  C Y N 387 
TRP CE3  C Y N 388 
TRP CZ2  C Y N 389 
TRP CZ3  C Y N 390 
TRP CH2  C Y N 391 
TRP OXT  O N N 392 
TRP H    H N N 393 
TRP H2   H N N 394 
TRP HA   H N N 395 
TRP HB2  H N N 396 
TRP HB3  H N N 397 
TRP HD1  H N N 398 
TRP HE1  H N N 399 
TRP HE3  H N N 400 
TRP HZ2  H N N 401 
TRP HZ3  H N N 402 
TRP HH2  H N N 403 
TRP HXT  H N N 404 
TYR N    N N N 405 
TYR CA   C N S 406 
TYR C    C N N 407 
TYR O    O N N 408 
TYR CB   C N N 409 
TYR CG   C Y N 410 
TYR CD1  C Y N 411 
TYR CD2  C Y N 412 
TYR CE1  C Y N 413 
TYR CE2  C Y N 414 
TYR CZ   C Y N 415 
TYR OH   O N N 416 
TYR OXT  O N N 417 
TYR H    H N N 418 
TYR H2   H N N 419 
TYR HA   H N N 420 
TYR HB2  H N N 421 
TYR HB3  H N N 422 
TYR HD1  H N N 423 
TYR HD2  H N N 424 
TYR HE1  H N N 425 
TYR HE2  H N N 426 
TYR HH   H N N 427 
TYR HXT  H N N 428 
VAL N    N N N 429 
VAL CA   C N S 430 
VAL C    C N N 431 
VAL O    O N N 432 
VAL CB   C N N 433 
VAL CG1  C N N 434 
VAL CG2  C N N 435 
VAL OXT  O N N 436 
VAL H    H N N 437 
VAL H2   H N N 438 
VAL HA   H N N 439 
VAL HB   H N N 440 
VAL HG11 H N N 441 
VAL HG12 H N N 442 
VAL HG13 H N N 443 
VAL HG21 H N N 444 
VAL HG22 H N N 445 
VAL HG23 H N N 446 
VAL HXT  H N N 447 
# 
loop_
_chem_comp_bond.comp_id 
_chem_comp_bond.atom_id_1 
_chem_comp_bond.atom_id_2 
_chem_comp_bond.value_order 
_chem_comp_bond.pdbx_aromatic_flag 
_chem_comp_bond.pdbx_stereo_config 
_chem_comp_bond.pdbx_ordinal 
822 C1  C2   sing Y N 1   
822 C1  C6   doub Y N 2   
822 C1  C18  sing N N 3   
822 C2  C3   doub Y N 4   
822 C2  H2   sing N N 5   
822 C3  C4   sing Y N 6   
822 C3  H3   sing N N 7   
822 C4  C5   doub Y N 8   
822 C4  C11  sing N N 9   
822 C5  C6   sing Y N 10  
822 C5  H5   sing N N 11  
822 C6  H6   sing N N 12  
822 C11 F12  sing N N 13  
822 C11 F13  sing N N 14  
822 C11 P14  sing N N 15  
822 P14 O15  doub N N 16  
822 P14 O16  sing N N 17  
822 P14 O17  sing N N 18  
822 O16 H16  sing N N 19  
822 O17 H17  sing N N 20  
822 C18 C19  sing N N 21  
822 C18 H181 sing N N 22  
822 C18 H182 sing N N 23  
822 C19 C22  sing N N 24  
822 C19 N25  sing N N 25  
822 C19 H19  sing N N 26  
822 C22 N23  sing N N 27  
822 C22 O24  doub N N 28  
822 N23 C32  sing N N 29  
822 N23 H23  sing N N 30  
822 N25 C26  sing N N 31  
822 N25 H25  sing N N 32  
822 C26 O27  doub N N 33  
822 C26 C28  sing N N 34  
822 C28 H281 sing N N 35  
822 C28 H282 sing N N 36  
822 C28 H283 sing N N 37  
822 C32 C33  sing N N 38  
822 C32 C49  sing N N 39  
822 C32 H32  sing N N 40  
822 C33 N34  sing N N 41  
822 C33 O37  doub N N 42  
822 N34 C38  sing N N 43  
822 N34 C42  sing N N 44  
822 C38 C39  sing N N 45  
822 C38 H381 sing N N 46  
822 C38 H382 sing N N 47  
822 C39 C46  sing N N 48  
822 C39 H391 sing N N 49  
822 C39 H392 sing N N 50  
822 C42 C43  sing N N 51  
822 C42 H421 sing N N 52  
822 C42 H422 sing N N 53  
822 C43 C58  sing Y N 54  
822 C43 C62  doub Y N 55  
822 C46 C49  sing N N 56  
822 C46 H461 sing N N 57  
822 C46 H462 sing N N 58  
822 C49 H491 sing N N 59  
822 C49 H492 sing N N 60  
822 C58 C59  doub Y N 61  
822 C58 H58  sing N N 62  
822 C59 C60  sing Y N 63  
822 C59 H59  sing N N 64  
822 C60 C61  doub Y N 65  
822 C60 C67  sing Y N 66  
822 C61 C62  sing Y N 67  
822 C61 H61  sing N N 68  
822 C62 H62  sing N N 69  
822 C67 C68  sing Y N 70  
822 C67 C72  doub Y N 71  
822 C68 C69  doub Y N 72  
822 C68 H68  sing N N 73  
822 C69 C70  sing Y N 74  
822 C69 H69  sing N N 75  
822 C70 C71  doub Y N 76  
822 C70 H70  sing N N 77  
822 C71 C72  sing Y N 78  
822 C71 H71  sing N N 79  
822 C72 H72  sing N N 80  
ALA N   CA   sing N N 81  
ALA N   H    sing N N 82  
ALA N   H2   sing N N 83  
ALA CA  C    sing N N 84  
ALA CA  CB   sing N N 85  
ALA CA  HA   sing N N 86  
ALA C   O    doub N N 87  
ALA C   OXT  sing N N 88  
ALA CB  HB1  sing N N 89  
ALA CB  HB2  sing N N 90  
ALA CB  HB3  sing N N 91  
ALA OXT HXT  sing N N 92  
ARG N   CA   sing N N 93  
ARG N   H    sing N N 94  
ARG N   H2   sing N N 95  
ARG CA  C    sing N N 96  
ARG CA  CB   sing N N 97  
ARG CA  HA   sing N N 98  
ARG C   O    doub N N 99  
ARG C   OXT  sing N N 100 
ARG CB  CG   sing N N 101 
ARG CB  HB2  sing N N 102 
ARG CB  HB3  sing N N 103 
ARG CG  CD   sing N N 104 
ARG CG  HG2  sing N N 105 
ARG CG  HG3  sing N N 106 
ARG CD  NE   sing N N 107 
ARG CD  HD2  sing N N 108 
ARG CD  HD3  sing N N 109 
ARG NE  CZ   sing N N 110 
ARG NE  HE   sing N N 111 
ARG CZ  NH1  sing N N 112 
ARG CZ  NH2  doub N N 113 
ARG NH1 HH11 sing N N 114 
ARG NH1 HH12 sing N N 115 
ARG NH2 HH21 sing N N 116 
ARG NH2 HH22 sing N N 117 
ARG OXT HXT  sing N N 118 
ASN N   CA   sing N N 119 
ASN N   H    sing N N 120 
ASN N   H2   sing N N 121 
ASN CA  C    sing N N 122 
ASN CA  CB   sing N N 123 
ASN CA  HA   sing N N 124 
ASN C   O    doub N N 125 
ASN C   OXT  sing N N 126 
ASN CB  CG   sing N N 127 
ASN CB  HB2  sing N N 128 
ASN CB  HB3  sing N N 129 
ASN CG  OD1  doub N N 130 
ASN CG  ND2  sing N N 131 
ASN ND2 HD21 sing N N 132 
ASN ND2 HD22 sing N N 133 
ASN OXT HXT  sing N N 134 
ASP N   CA   sing N N 135 
ASP N   H    sing N N 136 
ASP N   H2   sing N N 137 
ASP CA  C    sing N N 138 
ASP CA  CB   sing N N 139 
ASP CA  HA   sing N N 140 
ASP C   O    doub N N 141 
ASP C   OXT  sing N N 142 
ASP CB  CG   sing N N 143 
ASP CB  HB2  sing N N 144 
ASP CB  HB3  sing N N 145 
ASP CG  OD1  doub N N 146 
ASP CG  OD2  sing N N 147 
ASP OD2 HD2  sing N N 148 
ASP OXT HXT  sing N N 149 
CYS N   CA   sing N N 150 
CYS N   H    sing N N 151 
CYS N   H2   sing N N 152 
CYS CA  C    sing N N 153 
CYS CA  CB   sing N N 154 
CYS CA  HA   sing N N 155 
CYS C   O    doub N N 156 
CYS C   OXT  sing N N 157 
CYS CB  SG   sing N N 158 
CYS CB  HB2  sing N N 159 
CYS CB  HB3  sing N N 160 
CYS SG  HG   sing N N 161 
CYS OXT HXT  sing N N 162 
GLN N   CA   sing N N 163 
GLN N   H    sing N N 164 
GLN N   H2   sing N N 165 
GLN CA  C    sing N N 166 
GLN CA  CB   sing N N 167 
GLN CA  HA   sing N N 168 
GLN C   O    doub N N 169 
GLN C   OXT  sing N N 170 
GLN CB  CG   sing N N 171 
GLN CB  HB2  sing N N 172 
GLN CB  HB3  sing N N 173 
GLN CG  CD   sing N N 174 
GLN CG  HG2  sing N N 175 
GLN CG  HG3  sing N N 176 
GLN CD  OE1  doub N N 177 
GLN CD  NE2  sing N N 178 
GLN NE2 HE21 sing N N 179 
GLN NE2 HE22 sing N N 180 
GLN OXT HXT  sing N N 181 
GLU N   CA   sing N N 182 
GLU N   H    sing N N 183 
GLU N   H2   sing N N 184 
GLU CA  C    sing N N 185 
GLU CA  CB   sing N N 186 
GLU CA  HA   sing N N 187 
GLU C   O    doub N N 188 
GLU C   OXT  sing N N 189 
GLU CB  CG   sing N N 190 
GLU CB  HB2  sing N N 191 
GLU CB  HB3  sing N N 192 
GLU CG  CD   sing N N 193 
GLU CG  HG2  sing N N 194 
GLU CG  HG3  sing N N 195 
GLU CD  OE1  doub N N 196 
GLU CD  OE2  sing N N 197 
GLU OE2 HE2  sing N N 198 
GLU OXT HXT  sing N N 199 
GLY N   CA   sing N N 200 
GLY N   H    sing N N 201 
GLY N   H2   sing N N 202 
GLY CA  C    sing N N 203 
GLY CA  HA2  sing N N 204 
GLY CA  HA3  sing N N 205 
GLY C   O    doub N N 206 
GLY C   OXT  sing N N 207 
GLY OXT HXT  sing N N 208 
HIS N   CA   sing N N 209 
HIS N   H    sing N N 210 
HIS N   H2   sing N N 211 
HIS CA  C    sing N N 212 
HIS CA  CB   sing N N 213 
HIS CA  HA   sing N N 214 
HIS C   O    doub N N 215 
HIS C   OXT  sing N N 216 
HIS CB  CG   sing N N 217 
HIS CB  HB2  sing N N 218 
HIS CB  HB3  sing N N 219 
HIS CG  ND1  sing Y N 220 
HIS CG  CD2  doub Y N 221 
HIS ND1 CE1  doub Y N 222 
HIS ND1 HD1  sing N N 223 
HIS CD2 NE2  sing Y N 224 
HIS CD2 HD2  sing N N 225 
HIS CE1 NE2  sing Y N 226 
HIS CE1 HE1  sing N N 227 
HIS NE2 HE2  sing N N 228 
HIS OXT HXT  sing N N 229 
HOH O   H1   sing N N 230 
HOH O   H2   sing N N 231 
ILE N   CA   sing N N 232 
ILE N   H    sing N N 233 
ILE N   H2   sing N N 234 
ILE CA  C    sing N N 235 
ILE CA  CB   sing N N 236 
ILE CA  HA   sing N N 237 
ILE C   O    doub N N 238 
ILE C   OXT  sing N N 239 
ILE CB  CG1  sing N N 240 
ILE CB  CG2  sing N N 241 
ILE CB  HB   sing N N 242 
ILE CG1 CD1  sing N N 243 
ILE CG1 HG12 sing N N 244 
ILE CG1 HG13 sing N N 245 
ILE CG2 HG21 sing N N 246 
ILE CG2 HG22 sing N N 247 
ILE CG2 HG23 sing N N 248 
ILE CD1 HD11 sing N N 249 
ILE CD1 HD12 sing N N 250 
ILE CD1 HD13 sing N N 251 
ILE OXT HXT  sing N N 252 
LEU N   CA   sing N N 253 
LEU N   H    sing N N 254 
LEU N   H2   sing N N 255 
LEU CA  C    sing N N 256 
LEU CA  CB   sing N N 257 
LEU CA  HA   sing N N 258 
LEU C   O    doub N N 259 
LEU C   OXT  sing N N 260 
LEU CB  CG   sing N N 261 
LEU CB  HB2  sing N N 262 
LEU CB  HB3  sing N N 263 
LEU CG  CD1  sing N N 264 
LEU CG  CD2  sing N N 265 
LEU CG  HG   sing N N 266 
LEU CD1 HD11 sing N N 267 
LEU CD1 HD12 sing N N 268 
LEU CD1 HD13 sing N N 269 
LEU CD2 HD21 sing N N 270 
LEU CD2 HD22 sing N N 271 
LEU CD2 HD23 sing N N 272 
LEU OXT HXT  sing N N 273 
LYS N   CA   sing N N 274 
LYS N   H    sing N N 275 
LYS N   H2   sing N N 276 
LYS CA  C    sing N N 277 
LYS CA  CB   sing N N 278 
LYS CA  HA   sing N N 279 
LYS C   O    doub N N 280 
LYS C   OXT  sing N N 281 
LYS CB  CG   sing N N 282 
LYS CB  HB2  sing N N 283 
LYS CB  HB3  sing N N 284 
LYS CG  CD   sing N N 285 
LYS CG  HG2  sing N N 286 
LYS CG  HG3  sing N N 287 
LYS CD  CE   sing N N 288 
LYS CD  HD2  sing N N 289 
LYS CD  HD3  sing N N 290 
LYS CE  NZ   sing N N 291 
LYS CE  HE2  sing N N 292 
LYS CE  HE3  sing N N 293 
LYS NZ  HZ1  sing N N 294 
LYS NZ  HZ2  sing N N 295 
LYS NZ  HZ3  sing N N 296 
LYS OXT HXT  sing N N 297 
PHE N   CA   sing N N 298 
PHE N   H    sing N N 299 
PHE N   H2   sing N N 300 
PHE CA  C    sing N N 301 
PHE CA  CB   sing N N 302 
PHE CA  HA   sing N N 303 
PHE C   O    doub N N 304 
PHE C   OXT  sing N N 305 
PHE CB  CG   sing N N 306 
PHE CB  HB2  sing N N 307 
PHE CB  HB3  sing N N 308 
PHE CG  CD1  doub Y N 309 
PHE CG  CD2  sing Y N 310 
PHE CD1 CE1  sing Y N 311 
PHE CD1 HD1  sing N N 312 
PHE CD2 CE2  doub Y N 313 
PHE CD2 HD2  sing N N 314 
PHE CE1 CZ   doub Y N 315 
PHE CE1 HE1  sing N N 316 
PHE CE2 CZ   sing Y N 317 
PHE CE2 HE2  sing N N 318 
PHE CZ  HZ   sing N N 319 
PHE OXT HXT  sing N N 320 
PRO N   CA   sing N N 321 
PRO N   CD   sing N N 322 
PRO N   H    sing N N 323 
PRO CA  C    sing N N 324 
PRO CA  CB   sing N N 325 
PRO CA  HA   sing N N 326 
PRO C   O    doub N N 327 
PRO C   OXT  sing N N 328 
PRO CB  CG   sing N N 329 
PRO CB  HB2  sing N N 330 
PRO CB  HB3  sing N N 331 
PRO CG  CD   sing N N 332 
PRO CG  HG2  sing N N 333 
PRO CG  HG3  sing N N 334 
PRO CD  HD2  sing N N 335 
PRO CD  HD3  sing N N 336 
PRO OXT HXT  sing N N 337 
SER N   CA   sing N N 338 
SER N   H    sing N N 339 
SER N   H2   sing N N 340 
SER CA  C    sing N N 341 
SER CA  CB   sing N N 342 
SER CA  HA   sing N N 343 
SER C   O    doub N N 344 
SER C   OXT  sing N N 345 
SER CB  OG   sing N N 346 
SER CB  HB2  sing N N 347 
SER CB  HB3  sing N N 348 
SER OG  HG   sing N N 349 
SER OXT HXT  sing N N 350 
THR N   CA   sing N N 351 
THR N   H    sing N N 352 
THR N   H2   sing N N 353 
THR CA  C    sing N N 354 
THR CA  CB   sing N N 355 
THR CA  HA   sing N N 356 
THR C   O    doub N N 357 
THR C   OXT  sing N N 358 
THR CB  OG1  sing N N 359 
THR CB  CG2  sing N N 360 
THR CB  HB   sing N N 361 
THR OG1 HG1  sing N N 362 
THR CG2 HG21 sing N N 363 
THR CG2 HG22 sing N N 364 
THR CG2 HG23 sing N N 365 
THR OXT HXT  sing N N 366 
TRP N   CA   sing N N 367 
TRP N   H    sing N N 368 
TRP N   H2   sing N N 369 
TRP CA  C    sing N N 370 
TRP CA  CB   sing N N 371 
TRP CA  HA   sing N N 372 
TRP C   O    doub N N 373 
TRP C   OXT  sing N N 374 
TRP CB  CG   sing N N 375 
TRP CB  HB2  sing N N 376 
TRP CB  HB3  sing N N 377 
TRP CG  CD1  doub Y N 378 
TRP CG  CD2  sing Y N 379 
TRP CD1 NE1  sing Y N 380 
TRP CD1 HD1  sing N N 381 
TRP CD2 CE2  doub Y N 382 
TRP CD2 CE3  sing Y N 383 
TRP NE1 CE2  sing Y N 384 
TRP NE1 HE1  sing N N 385 
TRP CE2 CZ2  sing Y N 386 
TRP CE3 CZ3  doub Y N 387 
TRP CE3 HE3  sing N N 388 
TRP CZ2 CH2  doub Y N 389 
TRP CZ2 HZ2  sing N N 390 
TRP CZ3 CH2  sing Y N 391 
TRP CZ3 HZ3  sing N N 392 
TRP CH2 HH2  sing N N 393 
TRP OXT HXT  sing N N 394 
TYR N   CA   sing N N 395 
TYR N   H    sing N N 396 
TYR N   H2   sing N N 397 
TYR CA  C    sing N N 398 
TYR CA  CB   sing N N 399 
TYR CA  HA   sing N N 400 
TYR C   O    doub N N 401 
TYR C   OXT  sing N N 402 
TYR CB  CG   sing N N 403 
TYR CB  HB2  sing N N 404 
TYR CB  HB3  sing N N 405 
TYR CG  CD1  doub Y N 406 
TYR CG  CD2  sing Y N 407 
TYR CD1 CE1  sing Y N 408 
TYR CD1 HD1  sing N N 409 
TYR CD2 CE2  doub Y N 410 
TYR CD2 HD2  sing N N 411 
TYR CE1 CZ   doub Y N 412 
TYR CE1 HE1  sing N N 413 
TYR CE2 CZ   sing Y N 414 
TYR CE2 HE2  sing N N 415 
TYR CZ  OH   sing N N 416 
TYR OH  HH   sing N N 417 
TYR OXT HXT  sing N N 418 
VAL N   CA   sing N N 419 
VAL N   H    sing N N 420 
VAL N   H2   sing N N 421 
VAL CA  C    sing N N 422 
VAL CA  CB   sing N N 423 
VAL CA  HA   sing N N 424 
VAL C   O    doub N N 425 
VAL C   OXT  sing N N 426 
VAL CB  CG1  sing N N 427 
VAL CB  CG2  sing N N 428 
VAL CB  HB   sing N N 429 
VAL CG1 HG11 sing N N 430 
VAL CG1 HG12 sing N N 431 
VAL CG1 HG13 sing N N 432 
VAL CG2 HG21 sing N N 433 
VAL CG2 HG22 sing N N 434 
VAL CG2 HG23 sing N N 435 
VAL OXT HXT  sing N N 436 
# 
loop_
_pdbx_entity_nonpoly.entity_id 
_pdbx_entity_nonpoly.name 
_pdbx_entity_nonpoly.comp_id 
2 "N-ACETYL-N-[1-(1,1'-BIPHENYL-4-YLMETHYL)-2-OXOAZEPAN-3-YL]-4-[DIFLUORO(PHOSPHONO)METHYL]PHENYLALANINAMIDE" 822 
3 water                                                                                                       HOH 
# 
_pdbx_initial_refinement_model.id               1 
_pdbx_initial_refinement_model.entity_id_list   ? 
_pdbx_initial_refinement_model.type             'experimental model' 
_pdbx_initial_refinement_model.source_name      PDB 
_pdbx_initial_refinement_model.accession_code   1SHD 
_pdbx_initial_refinement_model.details          ? 
# 
